data_4FAZ
# 
_entry.id   4FAZ 
# 
_audit_conform.dict_name       mmcif_pdbx.dic 
_audit_conform.dict_version    5.379 
_audit_conform.dict_location   http://mmcif.pdb.org/dictionaries/ascii/mmcif_pdbx.dic 
# 
loop_
_database_2.database_id 
_database_2.database_code 
_database_2.pdbx_database_accession 
_database_2.pdbx_DOI 
PDB   4FAZ         pdb_00004faz 10.2210/pdb4faz/pdb 
RCSB  RCSB072675   ?            ?                   
WWPDB D_1000072675 ?            ?                   
# 
_pdbx_database_related.db_name        PDB 
_pdbx_database_related.db_id          4FDX 
_pdbx_database_related.details        . 
_pdbx_database_related.content_type   unspecified 
# 
_pdbx_database_status.status_code                     REL 
_pdbx_database_status.entry_id                        4FAZ 
_pdbx_database_status.recvd_initial_deposition_date   2012-05-22 
_pdbx_database_status.deposit_site                    RCSB 
_pdbx_database_status.process_site                    RCSB 
_pdbx_database_status.status_code_sf                  REL 
_pdbx_database_status.status_code_mr                  ? 
_pdbx_database_status.SG_entry                        ? 
_pdbx_database_status.status_code_cs                  ? 
_pdbx_database_status.methods_development_category    ? 
_pdbx_database_status.pdb_format_compatible           Y 
_pdbx_database_status.status_code_nmr_data            ? 
# 
loop_
_audit_author.name 
_audit_author.pdbx_ordinal 
'Terrell, C.R.' 1 
'Hoffman, D.W.' 2 
'Whitman, C.P.' 3 
# 
_citation.id                        primary 
_citation.title                     
'Structural and kinetic characterization of two 4-oxalocrotonate tautomerases in Methylibium petroleiphilum strain PM1.' 
_citation.journal_abbrev            Arch.Biochem.Biophys. 
_citation.journal_volume            537 
_citation.page_first                113 
_citation.page_last                 124 
_citation.year                      2013 
_citation.journal_id_ASTM           ABBIA4 
_citation.country                   US 
_citation.journal_id_ISSN           0003-9861 
_citation.journal_id_CSD            0158 
_citation.book_publisher            ? 
_citation.pdbx_database_id_PubMed   23831510 
_citation.pdbx_database_id_DOI      10.1016/j.abb.2013.06.016 
# 
loop_
_citation_author.citation_id 
_citation_author.name 
_citation_author.ordinal 
_citation_author.identifier_ORCID 
primary 'Terrell, C.R.' 1 ? 
primary 'Burks, E.A.'   2 ? 
primary 'Whitman, C.P.' 3 ? 
primary 'Hoffman, D.W.' 4 ? 
# 
_cell.entry_id           4FAZ 
_cell.length_a           60.170 
_cell.length_b           76.169 
_cell.length_c           69.876 
_cell.angle_alpha        90.00 
_cell.angle_beta         90.00 
_cell.angle_gamma        90.00 
_cell.Z_PDB              24 
_cell.pdbx_unique_axis   ? 
_cell.length_a_esd       ? 
_cell.length_b_esd       ? 
_cell.length_c_esd       ? 
_cell.angle_alpha_esd    ? 
_cell.angle_beta_esd     ? 
_cell.angle_gamma_esd    ? 
# 
_symmetry.entry_id                         4FAZ 
_symmetry.space_group_name_H-M             'C 2 2 21' 
_symmetry.pdbx_full_space_group_name_H-M   ? 
_symmetry.cell_setting                     ? 
_symmetry.Int_Tables_number                20 
_symmetry.space_group_name_Hall            ? 
# 
loop_
_entity.id 
_entity.type 
_entity.src_method 
_entity.pdbx_description 
_entity.formula_weight 
_entity.pdbx_number_of_molecules 
_entity.pdbx_ec 
_entity.pdbx_mutation 
_entity.pdbx_fragment 
_entity.details 
1 polymer     man '4-oxalocrotonate isomerase protein' 6913.975 3  5.3.2.- ? ? ? 
2 non-polymer syn 'SULFATE ION'                        96.063   1  ?       ? ? ? 
3 water       nat water                                18.015   61 ?       ? ? ? 
# 
_entity_poly.entity_id                      1 
_entity_poly.type                           'polypeptide(L)' 
_entity_poly.nstd_linkage                   no 
_entity_poly.nstd_monomer                   no 
_entity_poly.pdbx_seq_one_letter_code       PFAQIYLIEGRTEEQKRAVIEKVTQAMMEAVGAPKENVRVWIHDVPKENWGIGGVSAKALGR 
_entity_poly.pdbx_seq_one_letter_code_can   PFAQIYLIEGRTEEQKRAVIEKVTQAMMEAVGAPKENVRVWIHDVPKENWGIGGVSAKALGR 
_entity_poly.pdbx_strand_id                 A,B,C 
_entity_poly.pdbx_target_identifier         ? 
# 
loop_
_entity_poly_seq.entity_id 
_entity_poly_seq.num 
_entity_poly_seq.mon_id 
_entity_poly_seq.hetero 
1 1  PRO n 
1 2  PHE n 
1 3  ALA n 
1 4  GLN n 
1 5  ILE n 
1 6  TYR n 
1 7  LEU n 
1 8  ILE n 
1 9  GLU n 
1 10 GLY n 
1 11 ARG n 
1 12 THR n 
1 13 GLU n 
1 14 GLU n 
1 15 GLN n 
1 16 LYS n 
1 17 ARG n 
1 18 ALA n 
1 19 VAL n 
1 20 ILE n 
1 21 GLU n 
1 22 LYS n 
1 23 VAL n 
1 24 THR n 
1 25 GLN n 
1 26 ALA n 
1 27 MET n 
1 28 MET n 
1 29 GLU n 
1 30 ALA n 
1 31 VAL n 
1 32 GLY n 
1 33 ALA n 
1 34 PRO n 
1 35 LYS n 
1 36 GLU n 
1 37 ASN n 
1 38 VAL n 
1 39 ARG n 
1 40 VAL n 
1 41 TRP n 
1 42 ILE n 
1 43 HIS n 
1 44 ASP n 
1 45 VAL n 
1 46 PRO n 
1 47 LYS n 
1 48 GLU n 
1 49 ASN n 
1 50 TRP n 
1 51 GLY n 
1 52 ILE n 
1 53 GLY n 
1 54 GLY n 
1 55 VAL n 
1 56 SER n 
1 57 ALA n 
1 58 LYS n 
1 59 ALA n 
1 60 LEU n 
1 61 GLY n 
1 62 ARG n 
# 
_entity_src_gen.entity_id                          1 
_entity_src_gen.pdbx_src_id                        1 
_entity_src_gen.pdbx_alt_source_flag               sample 
_entity_src_gen.pdbx_seq_type                      ? 
_entity_src_gen.pdbx_beg_seq_num                   ? 
_entity_src_gen.pdbx_end_seq_num                   ? 
_entity_src_gen.gene_src_common_name               ? 
_entity_src_gen.gene_src_genus                     ? 
_entity_src_gen.pdbx_gene_src_gene                 Mpe_A2265 
_entity_src_gen.gene_src_species                   ? 
_entity_src_gen.gene_src_strain                    PM1 
_entity_src_gen.gene_src_tissue                    ? 
_entity_src_gen.gene_src_tissue_fraction           ? 
_entity_src_gen.gene_src_details                   ? 
_entity_src_gen.pdbx_gene_src_fragment             ? 
_entity_src_gen.pdbx_gene_src_scientific_name      'Methylibium petroleiphilum' 
_entity_src_gen.pdbx_gene_src_ncbi_taxonomy_id     420662 
_entity_src_gen.pdbx_gene_src_variant              ? 
_entity_src_gen.pdbx_gene_src_cell_line            ? 
_entity_src_gen.pdbx_gene_src_atcc                 ? 
_entity_src_gen.pdbx_gene_src_organ                ? 
_entity_src_gen.pdbx_gene_src_organelle            ? 
_entity_src_gen.pdbx_gene_src_cell                 ? 
_entity_src_gen.pdbx_gene_src_cellular_location    ? 
_entity_src_gen.host_org_common_name               ? 
_entity_src_gen.pdbx_host_org_scientific_name      'Escherichia coli' 
_entity_src_gen.pdbx_host_org_ncbi_taxonomy_id     469008 
_entity_src_gen.host_org_genus                     ? 
_entity_src_gen.pdbx_host_org_gene                 ? 
_entity_src_gen.pdbx_host_org_organ                ? 
_entity_src_gen.host_org_species                   ? 
_entity_src_gen.pdbx_host_org_tissue               ? 
_entity_src_gen.pdbx_host_org_tissue_fraction      ? 
_entity_src_gen.pdbx_host_org_strain               'BL21(DE3)' 
_entity_src_gen.pdbx_host_org_variant              ? 
_entity_src_gen.pdbx_host_org_cell_line            ? 
_entity_src_gen.pdbx_host_org_atcc                 ? 
_entity_src_gen.pdbx_host_org_culture_collection   ? 
_entity_src_gen.pdbx_host_org_cell                 ? 
_entity_src_gen.pdbx_host_org_organelle            ? 
_entity_src_gen.pdbx_host_org_cellular_location    ? 
_entity_src_gen.pdbx_host_org_vector_type          Plasmid 
_entity_src_gen.pdbx_host_org_vector               ? 
_entity_src_gen.host_org_details                   ? 
_entity_src_gen.expression_system_id               ? 
_entity_src_gen.plasmid_name                       pET24 
_entity_src_gen.plasmid_details                    ? 
_entity_src_gen.pdbx_description                   ? 
# 
_struct_ref.id                         1 
_struct_ref.db_name                    UNP 
_struct_ref.db_code                    A2SI32_METPP 
_struct_ref.pdbx_db_accession          A2SI32 
_struct_ref.entity_id                  1 
_struct_ref.pdbx_seq_one_letter_code   PFAQIYLIEGRTEEQKRAVIEKVTQAMMEAVGAPKENVRVWIHDVPKENWGIGGVSAKALGR 
_struct_ref.pdbx_align_begin           2 
_struct_ref.pdbx_db_isoform            ? 
# 
loop_
_struct_ref_seq.align_id 
_struct_ref_seq.ref_id 
_struct_ref_seq.pdbx_PDB_id_code 
_struct_ref_seq.pdbx_strand_id 
_struct_ref_seq.seq_align_beg 
_struct_ref_seq.pdbx_seq_align_beg_ins_code 
_struct_ref_seq.seq_align_end 
_struct_ref_seq.pdbx_seq_align_end_ins_code 
_struct_ref_seq.pdbx_db_accession 
_struct_ref_seq.db_align_beg 
_struct_ref_seq.pdbx_db_align_beg_ins_code 
_struct_ref_seq.db_align_end 
_struct_ref_seq.pdbx_db_align_end_ins_code 
_struct_ref_seq.pdbx_auth_seq_align_beg 
_struct_ref_seq.pdbx_auth_seq_align_end 
1 1 4FAZ A 1 ? 62 ? A2SI32 2 ? 63 ? 1 62 
2 1 4FAZ B 1 ? 62 ? A2SI32 2 ? 63 ? 1 62 
3 1 4FAZ C 1 ? 62 ? A2SI32 2 ? 63 ? 1 62 
# 
loop_
_chem_comp.id 
_chem_comp.type 
_chem_comp.mon_nstd_flag 
_chem_comp.name 
_chem_comp.pdbx_synonyms 
_chem_comp.formula 
_chem_comp.formula_weight 
ALA 'L-peptide linking' y ALANINE         ? 'C3 H7 N O2'     89.093  
ARG 'L-peptide linking' y ARGININE        ? 'C6 H15 N4 O2 1' 175.209 
ASN 'L-peptide linking' y ASPARAGINE      ? 'C4 H8 N2 O3'    132.118 
ASP 'L-peptide linking' y 'ASPARTIC ACID' ? 'C4 H7 N O4'     133.103 
GLN 'L-peptide linking' y GLUTAMINE       ? 'C5 H10 N2 O3'   146.144 
GLU 'L-peptide linking' y 'GLUTAMIC ACID' ? 'C5 H9 N O4'     147.129 
GLY 'peptide linking'   y GLYCINE         ? 'C2 H5 N O2'     75.067  
HIS 'L-peptide linking' y HISTIDINE       ? 'C6 H10 N3 O2 1' 156.162 
HOH non-polymer         . WATER           ? 'H2 O'           18.015  
ILE 'L-peptide linking' y ISOLEUCINE      ? 'C6 H13 N O2'    131.173 
LEU 'L-peptide linking' y LEUCINE         ? 'C6 H13 N O2'    131.173 
LYS 'L-peptide linking' y LYSINE          ? 'C6 H15 N2 O2 1' 147.195 
MET 'L-peptide linking' y METHIONINE      ? 'C5 H11 N O2 S'  149.211 
PHE 'L-peptide linking' y PHENYLALANINE   ? 'C9 H11 N O2'    165.189 
PRO 'L-peptide linking' y PROLINE         ? 'C5 H9 N O2'     115.130 
SER 'L-peptide linking' y SERINE          ? 'C3 H7 N O3'     105.093 
SO4 non-polymer         . 'SULFATE ION'   ? 'O4 S -2'        96.063  
THR 'L-peptide linking' y THREONINE       ? 'C4 H9 N O3'     119.119 
TRP 'L-peptide linking' y TRYPTOPHAN      ? 'C11 H12 N2 O2'  204.225 
TYR 'L-peptide linking' y TYROSINE        ? 'C9 H11 N O3'    181.189 
VAL 'L-peptide linking' y VALINE          ? 'C5 H11 N O2'    117.146 
# 
_exptl.entry_id          4FAZ 
_exptl.method            'X-RAY DIFFRACTION' 
_exptl.crystals_number   1 
# 
_exptl_crystal.id                    1 
_exptl_crystal.density_meas          ? 
_exptl_crystal.density_Matthews      1.93 
_exptl_crystal.density_percent_sol   36.27 
_exptl_crystal.description           ? 
_exptl_crystal.F_000                 ? 
_exptl_crystal.preparation           ? 
# 
_exptl_crystal_grow.crystal_id      1 
_exptl_crystal_grow.method          'VAPOR DIFFUSION, HANGING DROP' 
_exptl_crystal_grow.temp            298 
_exptl_crystal_grow.temp_details    ? 
_exptl_crystal_grow.pH              6.5 
_exptl_crystal_grow.pdbx_details    
'200 mM tri-Ammonium Citrate, 10% PEG 3350, pH 6.5, VAPOR DIFFUSION, HANGING DROP, temperature 298K' 
_exptl_crystal_grow.pdbx_pH_range   ? 
# 
_diffrn.id                     1 
_diffrn.ambient_temp           100 
_diffrn.ambient_temp_details   ? 
_diffrn.crystal_id             1 
# 
_diffrn_detector.diffrn_id              1 
_diffrn_detector.detector               'IMAGE PLATE' 
_diffrn_detector.type                   'RIGAKU RAXIS IV++' 
_diffrn_detector.pdbx_collection_date   2011-08-21 
_diffrn_detector.details                ? 
# 
_diffrn_radiation.diffrn_id                        1 
_diffrn_radiation.wavelength_id                    1 
_diffrn_radiation.pdbx_monochromatic_or_laue_m_l   M 
_diffrn_radiation.monochromator                    ? 
_diffrn_radiation.pdbx_diffrn_protocol             'SINGLE WAVELENGTH' 
_diffrn_radiation.pdbx_scattering_type             x-ray 
# 
_diffrn_radiation_wavelength.id           1 
_diffrn_radiation_wavelength.wavelength   1.5418 
_diffrn_radiation_wavelength.wt           1.0 
# 
_diffrn_source.diffrn_id                   1 
_diffrn_source.source                      'ROTATING ANODE' 
_diffrn_source.type                        'RIGAKU MICROMAX-007' 
_diffrn_source.pdbx_synchrotron_site       ? 
_diffrn_source.pdbx_synchrotron_beamline   ? 
_diffrn_source.pdbx_wavelength             ? 
_diffrn_source.pdbx_wavelength_list        1.5418 
# 
_reflns.entry_id                     4FAZ 
_reflns.observed_criterion_sigma_I   0 
_reflns.observed_criterion_sigma_F   0 
_reflns.d_resolution_low             47.22 
_reflns.d_resolution_high            1.57 
_reflns.number_obs                   20889 
_reflns.number_all                   24295 
_reflns.percent_possible_obs         98.5 
_reflns.pdbx_Rmerge_I_obs            ? 
_reflns.pdbx_Rsym_value              ? 
_reflns.pdbx_netI_over_sigmaI        ? 
_reflns.B_iso_Wilson_estimate        ? 
_reflns.pdbx_redundancy              ? 
_reflns.R_free_details               ? 
_reflns.limit_h_max                  ? 
_reflns.limit_h_min                  ? 
_reflns.limit_k_max                  ? 
_reflns.limit_k_min                  ? 
_reflns.limit_l_max                  ? 
_reflns.limit_l_min                  ? 
_reflns.observed_criterion_F_max     ? 
_reflns.observed_criterion_F_min     ? 
_reflns.pdbx_chi_squared             ? 
_reflns.pdbx_scaling_rejects         ? 
_reflns.pdbx_ordinal                 1 
_reflns.pdbx_diffrn_id               1 
# 
_reflns_shell.d_res_high             1.57 
_reflns_shell.d_res_low              1.610 
_reflns_shell.percent_possible_all   98.5 
_reflns_shell.Rmerge_I_obs           ? 
_reflns_shell.pdbx_Rsym_value        ? 
_reflns_shell.meanI_over_sigI_obs    ? 
_reflns_shell.pdbx_redundancy        ? 
_reflns_shell.percent_possible_obs   ? 
_reflns_shell.number_unique_all      ? 
_reflns_shell.number_measured_all    ? 
_reflns_shell.number_measured_obs    ? 
_reflns_shell.number_unique_obs      ? 
_reflns_shell.pdbx_chi_squared       ? 
_reflns_shell.pdbx_ordinal           1 
_reflns_shell.pdbx_diffrn_id         1 
# 
_refine.entry_id                                 4FAZ 
_refine.ls_number_reflns_obs                     20889 
_refine.ls_number_reflns_all                     24295 
_refine.pdbx_ls_sigma_I                          ? 
_refine.pdbx_ls_sigma_F                          ? 
_refine.pdbx_data_cutoff_high_absF               ? 
_refine.pdbx_data_cutoff_low_absF                ? 
_refine.pdbx_data_cutoff_high_rms_absF           ? 
_refine.ls_d_res_low                             47.22 
_refine.ls_d_res_high                            1.57 
_refine.ls_percent_reflns_obs                    96.47 
_refine.ls_R_factor_obs                          0.23103 
_refine.ls_R_factor_all                          0.23103 
_refine.ls_R_factor_R_work                       0.22881 
_refine.ls_R_factor_R_free                       0.27466 
_refine.ls_R_factor_R_free_error                 ? 
_refine.ls_R_factor_R_free_error_details         ? 
_refine.ls_percent_reflns_R_free                 5.2 
_refine.ls_number_reflns_R_free                  1140 
_refine.ls_number_parameters                     ? 
_refine.ls_number_restraints                     ? 
_refine.occupancy_min                            ? 
_refine.occupancy_max                            ? 
_refine.correlation_coeff_Fo_to_Fc               0.951 
_refine.correlation_coeff_Fo_to_Fc_free          0.934 
_refine.B_iso_mean                               26.871 
_refine.aniso_B[1][1]                            0.57 
_refine.aniso_B[2][2]                            -0.90 
_refine.aniso_B[3][3]                            0.33 
_refine.aniso_B[1][2]                            0.00 
_refine.aniso_B[1][3]                            0.00 
_refine.aniso_B[2][3]                            0.00 
_refine.solvent_model_details                    MASK 
_refine.solvent_model_param_ksol                 ? 
_refine.solvent_model_param_bsol                 ? 
_refine.pdbx_solvent_vdw_probe_radii             1.20 
_refine.pdbx_solvent_ion_probe_radii             0.80 
_refine.pdbx_solvent_shrinkage_radii             0.80 
_refine.pdbx_ls_cross_valid_method               THROUGHOUT 
_refine.details                                  'HYDROGENS HAVE BEEN USED IF PRESENT IN THE INPUT' 
_refine.pdbx_starting_model                      'PDB entry 1BJP' 
_refine.pdbx_method_to_determine_struct          'MOLECULAR REPLACEMENT' 
_refine.pdbx_isotropic_thermal_model             ? 
_refine.pdbx_stereochemistry_target_values       'MAXIMUM LIKELIHOOD' 
_refine.pdbx_stereochem_target_val_spec_case     ? 
_refine.pdbx_R_Free_selection_details            RANDOM 
_refine.pdbx_overall_ESU_R                       0.119 
_refine.pdbx_overall_ESU_R_Free                  0.120 
_refine.overall_SU_ML                            0.072 
_refine.pdbx_overall_phase_error                 ? 
_refine.overall_SU_B                             1.955 
_refine.overall_SU_R_Cruickshank_DPI             ? 
_refine.ls_redundancy_reflns_obs                 ? 
_refine.B_iso_min                                ? 
_refine.B_iso_max                                ? 
_refine.overall_SU_R_free                        ? 
_refine.ls_wR_factor_R_free                      ? 
_refine.ls_wR_factor_R_work                      ? 
_refine.overall_FOM_free_R_set                   ? 
_refine.overall_FOM_work_R_set                   ? 
_refine.pdbx_diffrn_id                           1 
_refine.pdbx_refine_id                           'X-RAY DIFFRACTION' 
_refine.pdbx_TLS_residual_ADP_flag               ? 
_refine.pdbx_overall_SU_R_free_Cruickshank_DPI   ? 
_refine.pdbx_overall_SU_R_Blow_DPI               ? 
_refine.pdbx_overall_SU_R_free_Blow_DPI          ? 
# 
_refine_hist.pdbx_refine_id                   'X-RAY DIFFRACTION' 
_refine_hist.cycle_id                         LAST 
_refine_hist.pdbx_number_atoms_protein        1457 
_refine_hist.pdbx_number_atoms_nucleic_acid   0 
_refine_hist.pdbx_number_atoms_ligand         5 
_refine_hist.number_atoms_solvent             61 
_refine_hist.number_atoms_total               1523 
_refine_hist.d_res_high                       1.57 
_refine_hist.d_res_low                        47.22 
# 
loop_
_refine_ls_restr.type 
_refine_ls_restr.dev_ideal 
_refine_ls_restr.dev_ideal_target 
_refine_ls_restr.weight 
_refine_ls_restr.number 
_refine_ls_restr.pdbx_restraint_function 
_refine_ls_restr.pdbx_refine_id 
r_bond_refined_d       0.021  0.019  ? 1488 ? 'X-RAY DIFFRACTION' 
r_angle_refined_deg    2.149  1.943  ? 2005 ? 'X-RAY DIFFRACTION' 
r_dihedral_angle_1_deg 6.226  5.000  ? 183  ? 'X-RAY DIFFRACTION' 
r_dihedral_angle_2_deg 28.203 24.091 ? 66   ? 'X-RAY DIFFRACTION' 
r_dihedral_angle_3_deg 14.275 15.000 ? 270  ? 'X-RAY DIFFRACTION' 
r_dihedral_angle_4_deg 22.266 15.000 ? 12   ? 'X-RAY DIFFRACTION' 
r_chiral_restr         0.163  0.200  ? 217  ? 'X-RAY DIFFRACTION' 
r_gen_planes_refined   0.012  0.021  ? 1103 ? 'X-RAY DIFFRACTION' 
# 
_refine_ls_shell.pdbx_total_number_of_bins_used   20 
_refine_ls_shell.d_res_high                       1.57 
_refine_ls_shell.d_res_low                        1.610 
_refine_ls_shell.number_reflns_R_work             1345 
_refine_ls_shell.R_factor_R_work                  0.429 
_refine_ls_shell.percent_reflns_obs               91.33 
_refine_ls_shell.R_factor_R_free                  0.495 
_refine_ls_shell.R_factor_R_free_error            ? 
_refine_ls_shell.percent_reflns_R_free            ? 
_refine_ls_shell.number_reflns_R_free             87 
_refine_ls_shell.number_reflns_all                ? 
_refine_ls_shell.R_factor_all                     ? 
_refine_ls_shell.number_reflns_obs                ? 
_refine_ls_shell.redundancy_reflns_obs            ? 
_refine_ls_shell.pdbx_refine_id                   'X-RAY DIFFRACTION' 
# 
_struct.entry_id                  4FAZ 
_struct.title                     
'Kinetic and structural characterization of the 4-oxalocrotonate tautomerase isozymes from Methylibium petroleiphilum' 
_struct.pdbx_model_details        ? 
_struct.pdbx_CASP_flag            ? 
_struct.pdbx_model_type_details   ? 
# 
_struct_keywords.entry_id        4FAZ 
_struct_keywords.pdbx_keywords   ISOMERASE 
_struct_keywords.text            'alpha/beta fold, Tautomerase, ISOMERASE' 
# 
loop_
_struct_asym.id 
_struct_asym.pdbx_blank_PDB_chainid_flag 
_struct_asym.pdbx_modified 
_struct_asym.entity_id 
_struct_asym.details 
A N N 1 ? 
B N N 1 ? 
C N N 1 ? 
D N N 2 ? 
E N N 3 ? 
F N N 3 ? 
G N N 3 ? 
# 
_struct_biol.id        1 
_struct_biol.details   ? 
# 
loop_
_struct_conf.conf_type_id 
_struct_conf.id 
_struct_conf.pdbx_PDB_helix_id 
_struct_conf.beg_label_comp_id 
_struct_conf.beg_label_asym_id 
_struct_conf.beg_label_seq_id 
_struct_conf.pdbx_beg_PDB_ins_code 
_struct_conf.end_label_comp_id 
_struct_conf.end_label_asym_id 
_struct_conf.end_label_seq_id 
_struct_conf.pdbx_end_PDB_ins_code 
_struct_conf.beg_auth_comp_id 
_struct_conf.beg_auth_asym_id 
_struct_conf.beg_auth_seq_id 
_struct_conf.end_auth_comp_id 
_struct_conf.end_auth_asym_id 
_struct_conf.end_auth_seq_id 
_struct_conf.pdbx_PDB_helix_class 
_struct_conf.details 
_struct_conf.pdbx_PDB_helix_length 
HELX_P HELX_P1  1  THR A 12 ? GLY A 32 ? THR A 12 GLY A 32 1 ? 21 
HELX_P HELX_P2  2  PRO A 34 ? ASN A 37 ? PRO A 34 ASN A 37 5 ? 4  
HELX_P HELX_P3  3  PRO A 46 ? ASN A 49 ? PRO A 46 ASN A 49 5 ? 4  
HELX_P HELX_P4  4  ALA A 57 ? ARG A 62 ? ALA A 57 ARG A 62 1 ? 6  
HELX_P HELX_P5  5  THR B 12 ? GLY B 32 ? THR B 12 GLY B 32 1 ? 21 
HELX_P HELX_P6  6  PRO B 34 ? VAL B 38 ? PRO B 34 VAL B 38 5 ? 5  
HELX_P HELX_P7  7  PRO B 46 ? GLU B 48 ? PRO B 46 GLU B 48 5 ? 3  
HELX_P HELX_P8  8  ALA B 57 ? GLY B 61 ? ALA B 57 GLY B 61 1 ? 5  
HELX_P HELX_P9  9  THR C 12 ? GLY C 32 ? THR C 12 GLY C 32 1 ? 21 
HELX_P HELX_P10 10 PRO C 34 ? VAL C 38 ? PRO C 34 VAL C 38 5 ? 5  
HELX_P HELX_P11 11 PRO C 46 ? ASN C 49 ? PRO C 46 ASN C 49 5 ? 4  
# 
_struct_conf_type.id          HELX_P 
_struct_conf_type.criteria    ? 
_struct_conf_type.reference   ? 
# 
loop_
_struct_sheet.id 
_struct_sheet.type 
_struct_sheet.number_strands 
_struct_sheet.details 
A ? 4 ? 
B ? 2 ? 
C ? 4 ? 
D ? 2 ? 
# 
loop_
_struct_sheet_order.sheet_id 
_struct_sheet_order.range_id_1 
_struct_sheet_order.range_id_2 
_struct_sheet_order.offset 
_struct_sheet_order.sense 
A 1 2 ? parallel      
A 2 3 ? anti-parallel 
A 3 4 ? anti-parallel 
B 1 2 ? anti-parallel 
C 1 2 ? parallel      
C 2 3 ? anti-parallel 
C 3 4 ? parallel      
D 1 2 ? anti-parallel 
# 
loop_
_struct_sheet_range.sheet_id 
_struct_sheet_range.id 
_struct_sheet_range.beg_label_comp_id 
_struct_sheet_range.beg_label_asym_id 
_struct_sheet_range.beg_label_seq_id 
_struct_sheet_range.pdbx_beg_PDB_ins_code 
_struct_sheet_range.end_label_comp_id 
_struct_sheet_range.end_label_asym_id 
_struct_sheet_range.end_label_seq_id 
_struct_sheet_range.pdbx_end_PDB_ins_code 
_struct_sheet_range.beg_auth_comp_id 
_struct_sheet_range.beg_auth_asym_id 
_struct_sheet_range.beg_auth_seq_id 
_struct_sheet_range.end_auth_comp_id 
_struct_sheet_range.end_auth_asym_id 
_struct_sheet_range.end_auth_seq_id 
A 1 PHE A 2  ? ILE A 8  ? PHE A 2  ILE A 8  
A 2 ARG A 39 ? VAL A 45 ? ARG A 39 VAL A 45 
A 3 TRP B 50 ? ILE B 52 ? TRP B 50 ILE B 52 
A 4 VAL B 55 ? SER B 56 ? VAL B 55 SER B 56 
B 1 GLY A 51 ? ILE A 52 ? GLY A 51 ILE A 52 
B 2 VAL A 55 ? SER A 56 ? VAL A 55 SER A 56 
C 1 ARG B 39 ? VAL B 45 ? ARG B 39 VAL B 45 
C 2 PHE B 2  ? ILE B 8  ? PHE B 2  ILE B 8  
C 3 PHE C 2  ? ILE C 8  ? PHE C 2  ILE C 8  
C 4 ARG C 39 ? VAL C 45 ? ARG C 39 VAL C 45 
D 1 GLY C 51 ? ILE C 52 ? GLY C 51 ILE C 52 
D 2 VAL C 55 ? SER C 56 ? VAL C 55 SER C 56 
# 
loop_
_pdbx_struct_sheet_hbond.sheet_id 
_pdbx_struct_sheet_hbond.range_id_1 
_pdbx_struct_sheet_hbond.range_id_2 
_pdbx_struct_sheet_hbond.range_1_label_atom_id 
_pdbx_struct_sheet_hbond.range_1_label_comp_id 
_pdbx_struct_sheet_hbond.range_1_label_asym_id 
_pdbx_struct_sheet_hbond.range_1_label_seq_id 
_pdbx_struct_sheet_hbond.range_1_PDB_ins_code 
_pdbx_struct_sheet_hbond.range_1_auth_atom_id 
_pdbx_struct_sheet_hbond.range_1_auth_comp_id 
_pdbx_struct_sheet_hbond.range_1_auth_asym_id 
_pdbx_struct_sheet_hbond.range_1_auth_seq_id 
_pdbx_struct_sheet_hbond.range_2_label_atom_id 
_pdbx_struct_sheet_hbond.range_2_label_comp_id 
_pdbx_struct_sheet_hbond.range_2_label_asym_id 
_pdbx_struct_sheet_hbond.range_2_label_seq_id 
_pdbx_struct_sheet_hbond.range_2_PDB_ins_code 
_pdbx_struct_sheet_hbond.range_2_auth_atom_id 
_pdbx_struct_sheet_hbond.range_2_auth_comp_id 
_pdbx_struct_sheet_hbond.range_2_auth_asym_id 
_pdbx_struct_sheet_hbond.range_2_auth_seq_id 
A 1 2 N ILE A 5  ? N ILE A 5  O HIS A 43 ? O HIS A 43 
A 2 3 N VAL A 40 ? N VAL A 40 O GLY B 51 ? O GLY B 51 
A 3 4 N ILE B 52 ? N ILE B 52 O VAL B 55 ? O VAL B 55 
B 1 2 N ILE A 52 ? N ILE A 52 O VAL A 55 ? O VAL A 55 
C 1 2 O VAL B 45 ? O VAL B 45 N LEU B 7  ? N LEU B 7  
C 2 3 N GLN B 4  ? N GLN B 4  O GLN C 4  ? O GLN C 4  
C 3 4 N LEU C 7  ? N LEU C 7  O VAL C 45 ? O VAL C 45 
D 1 2 N ILE C 52 ? N ILE C 52 O VAL C 55 ? O VAL C 55 
# 
_struct_site.id                   AC1 
_struct_site.pdbx_evidence_code   Software 
_struct_site.pdbx_auth_asym_id    A 
_struct_site.pdbx_auth_comp_id    SO4 
_struct_site.pdbx_auth_seq_id     101 
_struct_site.pdbx_auth_ins_code   ? 
_struct_site.pdbx_num_residues    6 
_struct_site.details              'BINDING SITE FOR RESIDUE SO4 A 101' 
# 
loop_
_struct_site_gen.id 
_struct_site_gen.site_id 
_struct_site_gen.pdbx_num_res 
_struct_site_gen.label_comp_id 
_struct_site_gen.label_asym_id 
_struct_site_gen.label_seq_id 
_struct_site_gen.pdbx_auth_ins_code 
_struct_site_gen.auth_comp_id 
_struct_site_gen.auth_asym_id 
_struct_site_gen.auth_seq_id 
_struct_site_gen.label_atom_id 
_struct_site_gen.label_alt_id 
_struct_site_gen.symmetry 
_struct_site_gen.details 
1 AC1 6 PHE A 2  ? PHE A 2   . ? 1_555 ? 
2 AC1 6 TYR A 6  ? TYR A 6   . ? 3_555 ? 
3 AC1 6 LEU A 7  ? LEU A 7   . ? 3_555 ? 
4 AC1 6 ILE A 8  ? ILE A 8   . ? 3_555 ? 
5 AC1 6 TRP A 50 ? TRP A 50  . ? 3_555 ? 
6 AC1 6 HOH E .  ? HOH A 201 . ? 3_555 ? 
# 
_atom_sites.entry_id                    4FAZ 
_atom_sites.fract_transf_matrix[1][1]   -0.01203651 
_atom_sites.fract_transf_matrix[1][2]   -0.00159468 
_atom_sites.fract_transf_matrix[1][3]   -0.01134918 
_atom_sites.fract_transf_matrix[2][1]   -0.00902070 
_atom_sites.fract_transf_matrix[2][2]   0.00242183 
_atom_sites.fract_transf_matrix[2][3]   0.00922672 
_atom_sites.fract_transf_matrix[3][1]   0.00083766 
_atom_sites.fract_transf_matrix[3][2]   0.01399823 
_atom_sites.fract_transf_matrix[3][3]   -0.00285530 
_atom_sites.fract_transf_vector[1]      -0.042058 
_atom_sites.fract_transf_vector[2]      0.250001 
_atom_sites.fract_transf_vector[3]      0.171411 
# 
loop_
_atom_type.symbol 
C 
N 
O 
S 
# 
loop_
_atom_site.group_PDB 
_atom_site.id 
_atom_site.type_symbol 
_atom_site.label_atom_id 
_atom_site.label_alt_id 
_atom_site.label_comp_id 
_atom_site.label_asym_id 
_atom_site.label_entity_id 
_atom_site.label_seq_id 
_atom_site.pdbx_PDB_ins_code 
_atom_site.Cartn_x 
_atom_site.Cartn_y 
_atom_site.Cartn_z 
_atom_site.occupancy 
_atom_site.B_iso_or_equiv 
_atom_site.pdbx_formal_charge 
_atom_site.auth_seq_id 
_atom_site.auth_comp_id 
_atom_site.auth_asym_id 
_atom_site.auth_atom_id 
_atom_site.pdbx_PDB_model_num 
ATOM   1    N N   . PRO A 1 1  ? 13.778  0.853   -3.362  1.00 26.34 ? 1   PRO A N   1 
ATOM   2    C CA  . PRO A 1 1  ? 12.607  1.679   -3.783  1.00 19.94 ? 1   PRO A CA  1 
ATOM   3    C C   . PRO A 1 1  ? 11.428  0.777   -4.246  1.00 20.07 ? 1   PRO A C   1 
ATOM   4    O O   . PRO A 1 1  ? 11.595  -0.409  -4.606  1.00 18.14 ? 1   PRO A O   1 
ATOM   5    C CB  . PRO A 1 1  ? 13.089  2.463   -5.001  1.00 22.63 ? 1   PRO A CB  1 
ATOM   6    C CG  . PRO A 1 1  ? 14.329  1.699   -5.465  1.00 25.56 ? 1   PRO A CG  1 
ATOM   7    C CD  . PRO A 1 1  ? 14.864  0.841   -4.348  1.00 25.41 ? 1   PRO A CD  1 
ATOM   8    N N   . PHE A 1 2  ? 10.276  1.409   -4.283  1.00 15.40 ? 2   PHE A N   1 
ATOM   9    C CA  . PHE A 1 2  ? 9.013   0.702   -4.627  1.00 16.41 ? 2   PHE A CA  1 
ATOM   10   C C   . PHE A 1 2  ? 8.425   1.469   -5.743  1.00 14.47 ? 2   PHE A C   1 
ATOM   11   O O   . PHE A 1 2  ? 8.480   2.691   -5.779  1.00 15.04 ? 2   PHE A O   1 
ATOM   12   C CB  . PHE A 1 2  ? 7.972   0.814   -3.440  1.00 21.26 ? 2   PHE A CB  1 
ATOM   13   C CG  . PHE A 1 2  ? 8.409   0.166   -2.191  1.00 26.47 ? 2   PHE A CG  1 
ATOM   14   C CD1 . PHE A 1 2  ? 9.286   -0.919  -2.264  1.00 30.60 ? 2   PHE A CD1 1 
ATOM   15   C CD2 . PHE A 1 2  ? 8.091   0.717   -0.955  1.00 35.55 ? 2   PHE A CD2 1 
ATOM   16   C CE1 . PHE A 1 2  ? 9.764   -1.525  -1.111  1.00 38.57 ? 2   PHE A CE1 1 
ATOM   17   C CE2 . PHE A 1 2  ? 8.558   0.116   0.206   1.00 37.13 ? 2   PHE A CE2 1 
ATOM   18   C CZ  . PHE A 1 2  ? 9.385   -1.010  0.118   1.00 33.65 ? 2   PHE A CZ  1 
ATOM   19   N N   . ALA A 1 3  ? 7.723   0.746   -6.651  1.00 12.59 ? 3   ALA A N   1 
ATOM   20   C CA  . ALA A 1 3  ? 6.928   1.415   -7.712  1.00 13.35 ? 3   ALA A CA  1 
ATOM   21   C C   . ALA A 1 3  ? 5.519   0.842   -7.736  1.00 12.02 ? 3   ALA A C   1 
ATOM   22   O O   . ALA A 1 3  ? 5.398   -0.366  -7.808  1.00 13.87 ? 3   ALA A O   1 
ATOM   23   C CB  . ALA A 1 3  ? 7.548   1.174   -9.051  1.00 13.97 ? 3   ALA A CB  1 
ATOM   24   N N   . GLN A 1 4  ? 4.515   1.672   -7.707  1.00 9.91  ? 4   GLN A N   1 
ATOM   25   C CA  . GLN A 1 4  ? 3.157   1.254   -7.775  1.00 11.29 ? 4   GLN A CA  1 
ATOM   26   C C   . GLN A 1 4  ? 2.629   1.752   -9.118  1.00 10.96 ? 4   GLN A C   1 
ATOM   27   O O   . GLN A 1 4  ? 2.636   2.956   -9.446  1.00 10.47 ? 4   GLN A O   1 
ATOM   28   C CB  . GLN A 1 4  ? 2.422   1.894   -6.589  1.00 13.80 ? 4   GLN A CB  1 
ATOM   29   C CG  . GLN A 1 4  ? 1.008   1.591   -6.514  1.00 14.63 ? 4   GLN A CG  1 
ATOM   30   C CD  . GLN A 1 4  ? 0.440   2.111   -5.143  1.00 19.05 ? 4   GLN A CD  1 
ATOM   31   O OE1 . GLN A 1 4  ? 0.928   3.102   -4.582  1.00 25.30 ? 4   GLN A OE1 1 
ATOM   32   N NE2 . GLN A 1 4  ? -0.575  1.423   -4.621  1.00 18.74 ? 4   GLN A NE2 1 
ATOM   33   N N   . ILE A 1 5  ? 2.150   0.805   -9.938  1.00 10.29 ? 5   ILE A N   1 
ATOM   34   C CA  . ILE A 1 5  ? 1.848   1.149   -11.331 1.00 11.80 ? 5   ILE A CA  1 
ATOM   35   C C   . ILE A 1 5  ? 0.346   1.037   -11.524 1.00 11.95 ? 5   ILE A C   1 
ATOM   36   O O   . ILE A 1 5  ? -0.271  0.088   -10.997 1.00 13.14 ? 5   ILE A O   1 
ATOM   37   C CB  . ILE A 1 5  ? 2.482   0.111   -12.269 1.00 12.05 ? 5   ILE A CB  1 
ATOM   38   C CG1 . ILE A 1 5  ? 3.988   0.025   -12.035 1.00 14.04 ? 5   ILE A CG1 1 
ATOM   39   C CG2 . ILE A 1 5  ? 2.216   0.434   -13.749 1.00 15.23 ? 5   ILE A CG2 1 
ATOM   40   C CD1 . ILE A 1 5  ? 4.760   1.288   -12.236 1.00 15.31 ? 5   ILE A CD1 1 
ATOM   41   N N   . TYR A 1 6  ? -0.287  2.013   -12.168 1.00 13.39 ? 6   TYR A N   1 
ATOM   42   C CA  . TYR A 1 6  ? -1.758  1.935   -12.439 1.00 14.05 ? 6   TYR A CA  1 
ATOM   43   C C   . TYR A 1 6  ? -1.928  1.769   -13.937 1.00 16.60 ? 6   TYR A C   1 
ATOM   44   O O   . TYR A 1 6  ? -1.427  2.607   -14.729 1.00 17.82 ? 6   TYR A O   1 
ATOM   45   C CB  . TYR A 1 6  ? -2.402  3.239   -11.933 1.00 14.81 ? 6   TYR A CB  1 
ATOM   46   C CG  . TYR A 1 6  ? -2.182  3.469   -10.487 1.00 15.66 ? 6   TYR A CG  1 
ATOM   47   C CD1 . TYR A 1 6  ? -2.973  2.893   -9.532  1.00 13.89 ? 6   TYR A CD1 1 
ATOM   48   C CD2 . TYR A 1 6  ? -1.066  4.172   -10.064 1.00 16.41 ? 6   TYR A CD2 1 
ATOM   49   C CE1 . TYR A 1 6  ? -2.730  3.118   -8.212  1.00 14.82 ? 6   TYR A CE1 1 
ATOM   50   C CE2 . TYR A 1 6  ? -0.821  4.392   -8.715  1.00 16.19 ? 6   TYR A CE2 1 
ATOM   51   C CZ  . TYR A 1 6  ? -1.670  3.874   -7.798  1.00 15.26 ? 6   TYR A CZ  1 
ATOM   52   O OH  . TYR A 1 6  ? -1.394  4.120   -6.430  1.00 18.26 ? 6   TYR A OH  1 
ATOM   53   N N   . LEU A 1 7  ? -2.651  0.718   -14.337 1.00 16.06 ? 7   LEU A N   1 
ATOM   54   C CA  . LEU A 1 7  ? -2.887  0.404   -15.790 1.00 20.44 ? 7   LEU A CA  1 
ATOM   55   C C   . LEU A 1 7  ? -4.430  0.219   -15.881 1.00 18.94 ? 7   LEU A C   1 
ATOM   56   O O   . LEU A 1 7  ? -5.052  -0.263  -14.998 1.00 19.33 ? 7   LEU A O   1 
ATOM   57   C CB  . LEU A 1 7  ? -2.204  -0.985  -16.160 1.00 21.10 ? 7   LEU A CB  1 
ATOM   58   C CG  . LEU A 1 7  ? -0.723  -1.247  -15.963 1.00 22.31 ? 7   LEU A CG  1 
ATOM   59   C CD1 . LEU A 1 7  ? -0.438  -2.642  -16.463 1.00 22.96 ? 7   LEU A CD1 1 
ATOM   60   C CD2 . LEU A 1 7  ? 0.098   -0.188  -16.673 1.00 28.00 ? 7   LEU A CD2 1 
ATOM   61   N N   . ILE A 1 8  ? -5.060  0.646   -16.996 1.00 18.76 ? 8   ILE A N   1 
ATOM   62   C CA  . ILE A 1 8  ? -6.403  0.151   -17.327 1.00 19.36 ? 8   ILE A CA  1 
ATOM   63   C C   . ILE A 1 8  ? -6.339  -1.399  -17.478 1.00 19.23 ? 8   ILE A C   1 
ATOM   64   O O   . ILE A 1 8  ? -5.338  -1.975  -17.957 1.00 17.32 ? 8   ILE A O   1 
ATOM   65   C CB  . ILE A 1 8  ? -6.975  0.821   -18.588 1.00 23.80 ? 8   ILE A CB  1 
ATOM   66   C CG1 . ILE A 1 8  ? -7.337  2.316   -18.358 1.00 22.81 ? 8   ILE A CG1 1 
ATOM   67   C CG2 . ILE A 1 8  ? -8.262  0.113   -18.934 1.00 21.39 ? 8   ILE A CG2 1 
ATOM   68   C CD1 . ILE A 1 8  ? -7.479  3.096   -19.685 1.00 26.84 ? 8   ILE A CD1 1 
ATOM   69   N N   . GLU A 1 9  ? -7.362  -2.044  -16.892 1.00 17.84 ? 9   GLU A N   1 
ATOM   70   C CA  . GLU A 1 9  ? -7.529  -3.536  -16.855 1.00 19.03 ? 9   GLU A CA  1 
ATOM   71   C C   . GLU A 1 9  ? -7.403  -4.107  -18.252 1.00 19.95 ? 9   GLU A C   1 
ATOM   72   O O   . GLU A 1 9  ? -7.696  -3.404  -19.255 1.00 21.02 ? 9   GLU A O   1 
ATOM   73   C CB  . GLU A 1 9  ? -8.875  -3.949  -16.246 1.00 26.22 ? 9   GLU A CB  1 
ATOM   74   C CG  . GLU A 1 9  ? -10.044 -3.408  -17.081 1.00 31.37 ? 9   GLU A CG  1 
ATOM   75   C CD  . GLU A 1 9  ? -11.424 -3.786  -16.577 1.00 33.01 ? 9   GLU A CD  1 
ATOM   76   O OE1 . GLU A 1 9  ? -11.513 -4.566  -15.518 1.00 34.42 ? 9   GLU A OE1 1 
ATOM   77   O OE2 . GLU A 1 9  ? -12.388 -3.250  -17.250 1.00 32.53 ? 9   GLU A OE2 1 
ATOM   78   N N   . GLY A 1 10 ? -6.851  -5.321  -18.275 1.00 17.99 ? 10  GLY A N   1 
ATOM   79   C CA  . GLY A 1 10 ? -6.866  -6.104  -19.548 1.00 19.17 ? 10  GLY A CA  1 
ATOM   80   C C   . GLY A 1 10 ? -5.541  -6.392  -20.152 1.00 19.66 ? 10  GLY A C   1 
ATOM   81   O O   . GLY A 1 10 ? -5.441  -7.204  -21.130 1.00 20.07 ? 10  GLY A O   1 
ATOM   82   N N   . ARG A 1 11 ? -4.448  -5.823  -19.611 1.00 16.63 ? 11  ARG A N   1 
ATOM   83   C CA  . ARG A 1 11 ? -3.114  -6.293  -19.980 1.00 14.78 ? 11  ARG A CA  1 
ATOM   84   C C   . ARG A 1 11 ? -2.887  -7.725  -19.656 1.00 16.21 ? 11  ARG A C   1 
ATOM   85   O O   . ARG A 1 11 ? -3.418  -8.295  -18.611 1.00 17.53 ? 11  ARG A O   1 
ATOM   86   C CB  . ARG A 1 11 ? -1.950  -5.433  -19.440 1.00 17.25 ? 11  ARG A CB  1 
ATOM   87   C CG  . ARG A 1 11 ? -1.677  -4.172  -20.248 1.00 21.54 ? 11  ARG A CG  1 
ATOM   88   C CD  . ARG A 1 11 ? -2.838  -3.235  -20.361 1.00 24.86 ? 11  ARG A CD  1 
ATOM   89   N NE  . ARG A 1 11 ? -2.418  -2.055  -21.126 1.00 24.72 ? 11  ARG A NE  1 
ATOM   90   C CZ  . ARG A 1 11 ? -2.863  -0.824  -20.869 1.00 29.57 ? 11  ARG A CZ  1 
ATOM   91   N NH1 . ARG A 1 11 ? -3.730  -0.591  -19.860 1.00 25.42 ? 11  ARG A NH1 1 
ATOM   92   N NH2 . ARG A 1 11 ? -2.417  0.195   -21.601 1.00 34.43 ? 11  ARG A NH2 1 
ATOM   93   N N   . THR A 1 12 ? -2.139  -8.378  -20.543 1.00 16.40 ? 12  THR A N   1 
ATOM   94   C CA  . THR A 1 12 ? -1.902  -9.769  -20.314 1.00 15.69 ? 12  THR A CA  1 
ATOM   95   C C   . THR A 1 12 ? -0.791  -10.070 -19.242 1.00 17.34 ? 12  THR A C   1 
ATOM   96   O O   . THR A 1 12 ? -0.037  -9.157  -18.807 1.00 16.23 ? 12  THR A O   1 
ATOM   97   C CB  . THR A 1 12 ? -1.458  -10.468 -21.597 1.00 16.98 ? 12  THR A CB  1 
ATOM   98   O OG1 . THR A 1 12 ? -0.094  -10.029 -21.938 1.00 16.72 ? 12  THR A OG1 1 
ATOM   99   C CG2 . THR A 1 12 ? -2.383  -10.120 -22.702 1.00 20.82 ? 12  THR A CG2 1 
ATOM   100  N N   . GLU A 1 13 ? -0.645  -11.337 -18.857 1.00 15.36 ? 13  GLU A N   1 
ATOM   101  C CA  . GLU A 1 13 ? 0.352   -11.686 -17.904 1.00 15.75 ? 13  GLU A CA  1 
ATOM   102  C C   . GLU A 1 13 ? 1.744   -11.258 -18.414 1.00 16.24 ? 13  GLU A C   1 
ATOM   103  O O   . GLU A 1 13 ? 2.587   -10.733 -17.653 1.00 14.43 ? 13  GLU A O   1 
ATOM   104  C CB  . GLU A 1 13 ? 0.317   -13.248 -17.621 1.00 16.35 ? 13  GLU A CB  1 
ATOM   105  C CG  . GLU A 1 13 ? 1.461   -13.688 -16.746 1.00 16.84 ? 13  GLU A CG  1 
ATOM   106  C CD  . GLU A 1 13 ? 1.481   -15.152 -16.366 1.00 20.43 ? 13  GLU A CD  1 
ATOM   107  O OE1 . GLU A 1 13 ? 0.429   -15.825 -16.479 1.00 21.37 ? 13  GLU A OE1 1 
ATOM   108  O OE2 . GLU A 1 13 ? 2.635   -15.559 -16.018 1.00 22.32 ? 13  GLU A OE2 1 
ATOM   109  N N   . GLU A 1 14 ? 2.024   -11.480 -19.737 1.00 14.71 ? 14  GLU A N   1 
ATOM   110  C CA  . GLU A 1 14 ? 3.298   -11.135 -20.231 1.00 13.33 ? 14  GLU A CA  1 
ATOM   111  C C   . GLU A 1 14 ? 3.503   -9.642  -20.290 1.00 13.68 ? 14  GLU A C   1 
ATOM   112  O O   . GLU A 1 14 ? 4.660   -9.222  -20.027 1.00 13.17 ? 14  GLU A O   1 
ATOM   113  C CB  . GLU A 1 14 ? 3.522   -11.781 -21.628 1.00 15.03 ? 14  GLU A CB  1 
ATOM   114  C CG  . GLU A 1 14 ? 4.736   -11.206 -22.359 1.00 16.22 ? 14  GLU A CG  1 
ATOM   115  C CD  . GLU A 1 14 ? 6.092   -11.479 -21.743 1.00 16.94 ? 14  GLU A CD  1 
ATOM   116  O OE1 . GLU A 1 14 ? 6.203   -12.306 -20.852 1.00 18.09 ? 14  GLU A OE1 1 
ATOM   117  O OE2 . GLU A 1 14 ? 7.048   -10.767 -22.095 1.00 21.35 ? 14  GLU A OE2 1 
ATOM   118  N N   . GLN A 1 15 ? 2.462   -8.869  -20.614 1.00 15.40 ? 15  GLN A N   1 
ATOM   119  C CA  . GLN A 1 15 ? 2.573   -7.390  -20.581 1.00 15.87 ? 15  GLN A CA  1 
ATOM   120  C C   . GLN A 1 15 ? 2.926   -6.891  -19.159 1.00 15.24 ? 15  GLN A C   1 
ATOM   121  O O   . GLN A 1 15 ? 3.823   -6.028  -18.982 1.00 15.59 ? 15  GLN A O   1 
ATOM   122  C CB  . GLN A 1 15 ? 1.332   -6.786  -21.104 1.00 16.30 ? 15  GLN A CB  1 
ATOM   123  C CG  . GLN A 1 15 ? 1.236   -6.972  -22.625 1.00 15.02 ? 15  GLN A CG  1 
ATOM   124  C CD  . GLN A 1 15 ? -0.100  -6.423  -23.122 1.00 16.62 ? 15  GLN A CD  1 
ATOM   125  O OE1 . GLN A 1 15 ? -1.196  -6.766  -22.651 1.00 17.88 ? 15  GLN A OE1 1 
ATOM   126  N NE2 . GLN A 1 15 ? -0.013  -5.662  -24.212 1.00 19.83 ? 15  GLN A NE2 1 
ATOM   127  N N   . LYS A 1 16 ? 2.233   -7.478  -18.196 1.00 14.22 ? 16  LYS A N   1 
ATOM   128  C CA  . LYS A 1 16 ? 2.508   -7.112  -16.800 1.00 13.62 ? 16  LYS A CA  1 
ATOM   129  C C   . LYS A 1 16 ? 3.889   -7.553  -16.364 1.00 12.05 ? 16  LYS A C   1 
ATOM   130  O O   . LYS A 1 16 ? 4.610   -6.873  -15.582 1.00 13.55 ? 16  LYS A O   1 
ATOM   131  C CB  . LYS A 1 16 ? 1.452   -7.774  -15.920 1.00 13.90 ? 16  LYS A CB  1 
ATOM   132  C CG  . LYS A 1 16 ? 0.117   -7.150  -16.060 1.00 14.98 ? 16  LYS A CG  1 
ATOM   133  C CD  . LYS A 1 16 ? -0.940  -7.849  -15.178 1.00 21.35 ? 16  LYS A CD  1 
ATOM   134  C CE  . LYS A 1 16 ? -2.307  -7.436  -15.543 1.00 24.81 ? 16  LYS A CE  1 
ATOM   135  N NZ  . LYS A 1 16 ? -3.174  -8.391  -14.721 1.00 21.35 ? 16  LYS A NZ  1 
ATOM   136  N N   . ARG A 1 17 ? 4.334   -8.767  -16.809 1.00 13.73 ? 17  ARG A N   1 
ATOM   137  C CA  . ARG A 1 17 ? 5.680   -9.199  -16.525 1.00 12.82 ? 17  ARG A CA  1 
ATOM   138  C C   . ARG A 1 17 ? 6.725   -8.235  -17.070 1.00 14.81 ? 17  ARG A C   1 
ATOM   139  O O   . ARG A 1 17 ? 7.715   -7.895  -16.372 1.00 14.97 ? 17  ARG A O   1 
ATOM   140  C CB  . ARG A 1 17 ? 5.923   -10.596 -17.089 1.00 13.16 ? 17  ARG A CB  1 
ATOM   141  C CG  . ARG A 1 17 ? 7.239   -11.149 -16.559 1.00 15.98 ? 17  ARG A CG  1 
ATOM   142  C CD  . ARG A 1 17 ? 7.771   -12.288 -17.482 1.00 15.52 ? 17  ARG A CD  1 
ATOM   143  N NE  . ARG A 1 17 ? 8.072   -11.728 -18.787 1.00 16.12 ? 17  ARG A NE  1 
ATOM   144  C CZ  . ARG A 1 17 ? 9.057   -10.875 -19.041 1.00 20.11 ? 17  ARG A CZ  1 
ATOM   145  N NH1 . ARG A 1 17 ? 9.946   -10.553 -18.056 1.00 17.13 ? 17  ARG A NH1 1 
ATOM   146  N NH2 . ARG A 1 17 ? 9.181   -10.342 -20.288 1.00 22.51 ? 17  ARG A NH2 1 
ATOM   147  N N   . ALA A 1 18 ? 6.460   -7.687  -18.251 1.00 13.75 ? 18  ALA A N   1 
ATOM   148  C CA  . ALA A 1 18 ? 7.405   -6.734  -18.861 1.00 12.75 ? 18  ALA A CA  1 
ATOM   149  C C   . ALA A 1 18 ? 7.409   -5.445  -18.071 1.00 14.47 ? 18  ALA A C   1 
ATOM   150  O O   . ALA A 1 18 ? 8.441   -4.819  -17.938 1.00 14.60 ? 18  ALA A O   1 
ATOM   151  C CB  . ALA A 1 18 ? 6.996   -6.513  -20.311 1.00 16.62 ? 18  ALA A CB  1 
ATOM   152  N N   . VAL A 1 19 ? 6.256   -5.019  -17.580 1.00 13.98 ? 19  VAL A N   1 
ATOM   153  C CA  . VAL A 1 19 ? 6.239   -3.829  -16.635 1.00 13.75 ? 19  VAL A CA  1 
ATOM   154  C C   . VAL A 1 19 ? 7.127   -4.100  -15.437 1.00 12.84 ? 19  VAL A C   1 
ATOM   155  O O   . VAL A 1 19 ? 8.007   -3.294  -15.073 1.00 12.70 ? 19  VAL A O   1 
ATOM   156  C CB  . VAL A 1 19 ? 4.806   -3.520  -16.191 1.00 12.07 ? 19  VAL A CB  1 
ATOM   157  C CG1 . VAL A 1 19 ? 4.806   -2.452  -15.032 1.00 12.56 ? 19  VAL A CG1 1 
ATOM   158  C CG2 . VAL A 1 19 ? 3.902   -3.063  -17.340 1.00 13.40 ? 19  VAL A CG2 1 
ATOM   159  N N   . ILE A 1 20 ? 6.950   -5.234  -14.780 1.00 13.56 ? 20  ILE A N   1 
ATOM   160  C CA  . ILE A 1 20 ? 7.822   -5.588  -13.612 1.00 13.19 ? 20  ILE A CA  1 
ATOM   161  C C   . ILE A 1 20 ? 9.330   -5.615  -13.929 1.00 14.24 ? 20  ILE A C   1 
ATOM   162  O O   . ILE A 1 20 ? 10.107  -4.984  -13.282 1.00 14.45 ? 20  ILE A O   1 
ATOM   163  C CB  . ILE A 1 20 ? 7.322   -6.890  -12.969 1.00 13.11 ? 20  ILE A CB  1 
ATOM   164  C CG1 . ILE A 1 20 ? 5.922   -6.740  -12.353 1.00 13.96 ? 20  ILE A CG1 1 
ATOM   165  C CG2 . ILE A 1 20 ? 8.406   -7.427  -12.010 1.00 14.46 ? 20  ILE A CG2 1 
ATOM   166  C CD1 . ILE A 1 20 ? 5.203   -8.029  -12.026 1.00 13.97 ? 20  ILE A CD1 1 
ATOM   167  N N   . GLU A 1 21 ? 9.659   -6.319  -14.992 1.00 13.65 ? 21  GLU A N   1 
ATOM   168  C CA  . GLU A 1 21 ? 11.059  -6.364  -15.447 1.00 14.64 ? 21  GLU A CA  1 
ATOM   169  C C   . GLU A 1 21 ? 11.627  -4.983  -15.805 1.00 15.01 ? 21  GLU A C   1 
ATOM   170  O O   . GLU A 1 21 ? 12.641  -4.622  -15.265 1.00 15.44 ? 21  GLU A O   1 
ATOM   171  C CB  . GLU A 1 21 ? 11.193  -7.321  -16.623 1.00 14.47 ? 21  GLU A CB  1 
ATOM   172  C CG  . GLU A 1 21 ? 12.703  -7.382  -17.063 1.00 18.96 ? 21  GLU A CG  1 
ATOM   173  C CD  . GLU A 1 21 ? 12.925  -8.197  -18.358 1.00 21.87 ? 21  GLU A CD  1 
ATOM   174  O OE1 . GLU A 1 21 ? 12.050  -8.896  -18.898 1.00 23.86 ? 21  GLU A OE1 1 
ATOM   175  O OE2 . GLU A 1 21 ? 14.099  -8.168  -18.838 1.00 25.28 ? 21  GLU A OE2 1 
ATOM   176  N N   . LYS A 1 22 ? 10.910  -4.208  -16.623 1.00 14.18 ? 22  LYS A N   1 
ATOM   177  C CA  . LYS A 1 22 ? 11.473  -2.984  -17.175 1.00 15.61 ? 22  LYS A CA  1 
ATOM   178  C C   . LYS A 1 22 ? 11.454  -1.855  -16.164 1.00 14.70 ? 22  LYS A C   1 
ATOM   179  O O   . LYS A 1 22 ? 12.408  -1.089  -16.087 1.00 16.04 ? 22  LYS A O   1 
ATOM   180  C CB  . LYS A 1 22 ? 10.859  -2.625  -18.491 1.00 16.96 ? 22  LYS A CB  1 
ATOM   181  C CG  . LYS A 1 22 ? 11.142  -3.705  -19.588 1.00 17.32 ? 22  LYS A CG  1 
ATOM   182  C CD  . LYS A 1 22 ? 10.260  -3.304  -20.722 1.00 24.85 ? 22  LYS A CD  1 
ATOM   183  C CE  . LYS A 1 22 ? 10.508  -4.171  -21.939 1.00 30.49 ? 22  LYS A CE  1 
ATOM   184  N NZ  . LYS A 1 22 ? 11.919  -4.140  -22.381 1.00 27.95 ? 22  LYS A NZ  1 
ATOM   185  N N   . VAL A 1 23 ? 10.399  -1.768  -15.332 1.00 13.44 ? 23  VAL A N   1 
ATOM   186  C CA  . VAL A 1 23 ? 10.452  -0.735  -14.312 1.00 12.37 ? 23  VAL A CA  1 
ATOM   187  C C   . VAL A 1 23 ? 11.515  -1.065  -13.248 1.00 13.37 ? 23  VAL A C   1 
ATOM   188  O O   . VAL A 1 23 ? 12.144  -0.171  -12.717 1.00 13.92 ? 23  VAL A O   1 
ATOM   189  C CB  . VAL A 1 23 ? 9.001   -0.581  -13.656 1.00 12.36 ? 23  VAL A CB  1 
ATOM   190  C CG1 . VAL A 1 23 ? 9.087   0.335   -12.447 1.00 13.59 ? 23  VAL A CG1 1 
ATOM   191  C CG2 . VAL A 1 23 ? 8.032   -0.050  -14.669 1.00 13.47 ? 23  VAL A CG2 1 
ATOM   192  N N   . THR A 1 24 ? 11.757  -2.347  -12.951 1.00 15.60 ? 24  THR A N   1 
ATOM   193  C CA  . THR A 1 24 ? 12.798  -2.694  -12.000 1.00 14.74 ? 24  THR A CA  1 
ATOM   194  C C   . THR A 1 24 ? 14.195  -2.281  -12.568 1.00 15.01 ? 24  THR A C   1 
ATOM   195  O O   . THR A 1 24 ? 14.940  -1.649  -11.848 1.00 17.12 ? 24  THR A O   1 
ATOM   196  C CB  . THR A 1 24 ? 12.779  -4.201  -11.741 1.00 16.84 ? 24  THR A CB  1 
ATOM   197  O OG1 . THR A 1 24 ? 11.534  -4.559  -11.119 1.00 14.30 ? 24  THR A OG1 1 
ATOM   198  C CG2 . THR A 1 24 ? 13.939  -4.651  -10.864 1.00 17.66 ? 24  THR A CG2 1 
ATOM   199  N N   . GLN A 1 25 ? 14.412  -2.563  -13.862 1.00 14.64 ? 25  GLN A N   1 
ATOM   200  C CA  . GLN A 1 25 ? 15.669  -2.125  -14.560 1.00 16.96 ? 25  GLN A CA  1 
ATOM   201  C C   . GLN A 1 25 ? 15.805  -0.660  -14.548 1.00 16.04 ? 25  GLN A C   1 
ATOM   202  O O   . GLN A 1 25 ? 16.871  -0.159  -14.229 1.00 17.34 ? 25  GLN A O   1 
ATOM   203  C CB  . GLN A 1 25 ? 15.681  -2.636  -16.009 1.00 22.69 ? 25  GLN A CB  1 
ATOM   204  C CG  . GLN A 1 25 ? 16.922  -2.318  -16.859 1.00 32.09 ? 25  GLN A CG  1 
ATOM   205  C CD  . GLN A 1 25 ? 16.754  -2.665  -18.387 1.00 37.66 ? 25  GLN A CD  1 
ATOM   206  O OE1 . GLN A 1 25 ? 15.704  -2.364  -19.058 1.00 41.59 ? 25  GLN A OE1 1 
ATOM   207  N NE2 . GLN A 1 25 ? 17.796  -3.263  -18.953 1.00 47.36 ? 25  GLN A NE2 1 
ATOM   208  N N   . ALA A 1 26 ? 14.667  0.063   -14.761 1.00 14.46 ? 26  ALA A N   1 
ATOM   209  C CA  . ALA A 1 26 ? 14.725  1.536   -14.741 1.00 14.83 ? 26  ALA A CA  1 
ATOM   210  C C   . ALA A 1 26 ? 15.173  2.081   -13.378 1.00 15.95 ? 26  ALA A C   1 
ATOM   211  O O   . ALA A 1 26 ? 15.960  3.038   -13.283 1.00 14.84 ? 26  ALA A O   1 
ATOM   212  C CB  . ALA A 1 26 ? 13.359  2.103   -15.120 1.00 14.24 ? 26  ALA A CB  1 
ATOM   213  N N   . MET A 1 27 ? 14.637  1.517   -12.311 1.00 14.40 ? 27  MET A N   1 
ATOM   214  C CA  . MET A 1 27 ? 14.979  1.914   -10.950 1.00 14.33 ? 27  MET A CA  1 
ATOM   215  C C   . MET A 1 27 ? 16.447  1.592   -10.583 1.00 17.02 ? 27  MET A C   1 
ATOM   216  O O   . MET A 1 27 ? 17.058  2.403   -9.992  1.00 17.89 ? 27  MET A O   1 
ATOM   217  C CB  . MET A 1 27 ? 14.115  1.208   -9.937  1.00 15.80 ? 27  MET A CB  1 
ATOM   218  C CG  . MET A 1 27 ? 12.721  1.699   -10.032 1.00 16.13 ? 27  MET A CG  1 
ATOM   219  S SD  . MET A 1 27 ? 12.398  3.425   -9.986  1.00 22.84 ? 27  MET A SD  1 
ATOM   220  C CE  . MET A 1 27 ? 13.093  3.910   -8.398  1.00 24.55 ? 27  MET A CE  1 
ATOM   221  N N   . MET A 1 28 ? 16.891  0.403   -10.868 1.00 19.27 ? 28  MET A N   1 
ATOM   222  C CA  . MET A 1 28 ? 18.312  0.065   -10.744 1.00 16.60 ? 28  MET A CA  1 
ATOM   223  C C   . MET A 1 28 ? 19.180  1.077   -11.512 1.00 18.31 ? 28  MET A C   1 
ATOM   224  O O   . MET A 1 28 ? 20.186  1.506   -10.936 1.00 22.54 ? 28  MET A O   1 
ATOM   225  C CB  . MET A 1 28 ? 18.632  -1.347  -11.263 1.00 20.58 ? 28  MET A CB  1 
ATOM   226  C CG  . MET A 1 28 ? 17.900  -2.508  -10.638 1.00 24.45 ? 28  MET A CG  1 
ATOM   227  S SD  . MET A 1 28 ? 18.036  -3.982  -11.685 1.00 30.73 ? 28  MET A SD  1 
ATOM   228  C CE  . MET A 1 28 ? 19.834  -3.714  -12.027 1.00 24.23 ? 28  MET A CE  1 
ATOM   229  N N   . GLU A 1 29 ? 18.858  1.405   -12.772 1.00 17.79 ? 29  GLU A N   1 
ATOM   230  C CA  . GLU A 1 29 ? 19.667  2.372   -13.555 1.00 18.13 ? 29  GLU A CA  1 
ATOM   231  C C   . GLU A 1 29 ? 19.578  3.774   -12.932 1.00 19.47 ? 29  GLU A C   1 
ATOM   232  O O   . GLU A 1 29 ? 20.574  4.467   -12.802 1.00 21.39 ? 29  GLU A O   1 
ATOM   233  C CB  . GLU A 1 29 ? 19.259  2.397   -15.013 1.00 17.72 ? 29  GLU A CB  1 
ATOM   234  C CG  . GLU A 1 29 ? 19.533  1.042   -15.666 1.00 20.55 ? 29  GLU A CG  1 
ATOM   235  C CD  . GLU A 1 29 ? 19.082  1.134   -17.068 1.00 24.00 ? 29  GLU A CD  1 
ATOM   236  O OE1 . GLU A 1 29 ? 18.587  2.246   -17.446 1.00 32.58 ? 29  GLU A OE1 1 
ATOM   237  O OE2 . GLU A 1 29 ? 19.183  0.145   -17.868 1.00 28.87 ? 29  GLU A OE2 1 
ATOM   238  N N   . ALA A 1 30 ? 18.378  4.220   -12.525 1.00 17.80 ? 30  ALA A N   1 
ATOM   239  C CA  . ALA A 1 30 ? 18.234  5.593   -12.084 1.00 15.81 ? 30  ALA A CA  1 
ATOM   240  C C   . ALA A 1 30 ? 18.783  5.897   -10.695 1.00 16.65 ? 30  ALA A C   1 
ATOM   241  O O   . ALA A 1 30 ? 19.385  6.987   -10.478 1.00 18.96 ? 30  ALA A O   1 
ATOM   242  C CB  . ALA A 1 30 ? 16.745  5.971   -12.132 1.00 15.87 ? 30  ALA A CB  1 
ATOM   243  N N   . VAL A 1 31 ? 18.583  5.006   -9.730  1.00 17.13 ? 31  VAL A N   1 
ATOM   244  C CA  . VAL A 1 31 ? 19.012  5.180   -8.318  1.00 18.93 ? 31  VAL A CA  1 
ATOM   245  C C   . VAL A 1 31 ? 20.071  4.202   -7.773  1.00 19.06 ? 31  VAL A C   1 
ATOM   246  O O   . VAL A 1 31 ? 20.414  4.308   -6.622  1.00 22.30 ? 31  VAL A O   1 
ATOM   247  C CB  . VAL A 1 31 ? 17.814  5.364   -7.320  1.00 19.38 ? 31  VAL A CB  1 
ATOM   248  C CG1 . VAL A 1 31 ? 17.021  6.595   -7.709  1.00 20.21 ? 31  VAL A CG1 1 
ATOM   249  C CG2 . VAL A 1 31 ? 16.983  4.108   -7.186  1.00 18.36 ? 31  VAL A CG2 1 
ATOM   250  N N   . GLY A 1 32 ? 20.442  3.241   -8.599  1.00 19.04 ? 32  GLY A N   1 
ATOM   251  C CA  . GLY A 1 32 ? 21.488  2.257   -8.307  1.00 17.87 ? 32  GLY A CA  1 
ATOM   252  C C   . GLY A 1 32 ? 21.004  1.281   -7.259  1.00 20.94 ? 32  GLY A C   1 
ATOM   253  O O   . GLY A 1 32 ? 21.792  0.674   -6.559  1.00 25.73 ? 32  GLY A O   1 
ATOM   254  N N   . ALA A 1 33 ? 19.672  1.129   -7.093  1.00 22.34 ? 33  ALA A N   1 
ATOM   255  C CA  . ALA A 1 33 ? 19.174  0.110   -6.199  1.00 22.24 ? 33  ALA A CA  1 
ATOM   256  C C   . ALA A 1 33 ? 19.636  -1.297  -6.617  1.00 20.60 ? 33  ALA A C   1 
ATOM   257  O O   . ALA A 1 33 ? 19.647  -1.626  -7.799  1.00 22.09 ? 33  ALA A O   1 
ATOM   258  C CB  . ALA A 1 33 ? 17.637  0.132   -6.141  1.00 21.75 ? 33  ALA A CB  1 
ATOM   259  N N   . PRO A 1 34 ? 20.074  -2.099  -5.655  1.00 23.68 ? 34  PRO A N   1 
ATOM   260  C CA  . PRO A 1 34 ? 20.192  -3.520  -5.936  1.00 23.26 ? 34  PRO A CA  1 
ATOM   261  C C   . PRO A 1 34 ? 18.886  -4.133  -6.462  1.00 21.89 ? 34  PRO A C   1 
ATOM   262  O O   . PRO A 1 34 ? 17.833  -3.850  -5.924  1.00 22.37 ? 34  PRO A O   1 
ATOM   263  C CB  . PRO A 1 34 ? 20.515  -4.130  -4.558  1.00 25.77 ? 34  PRO A CB  1 
ATOM   264  C CG  . PRO A 1 34 ? 21.031  -2.980  -3.745  1.00 26.29 ? 34  PRO A CG  1 
ATOM   265  C CD  . PRO A 1 34 ? 20.264  -1.787  -4.235  1.00 23.66 ? 34  PRO A CD  1 
ATOM   266  N N   . LYS A 1 35 ? 18.980  -4.939  -7.503  1.00 24.38 ? 35  LYS A N   1 
ATOM   267  C CA  . LYS A 1 35 ? 17.803  -5.486  -8.175  1.00 25.93 ? 35  LYS A CA  1 
ATOM   268  C C   . LYS A 1 35 ? 16.892  -6.132  -7.168  1.00 23.21 ? 35  LYS A C   1 
ATOM   269  O O   . LYS A 1 35 ? 15.671  -5.989  -7.241  1.00 22.21 ? 35  LYS A O   1 
ATOM   270  C CB  . LYS A 1 35 ? 18.208  -6.526  -9.200  1.00 26.80 ? 35  LYS A CB  1 
ATOM   271  C CG  . LYS A 1 35 ? 17.016  -7.100  -9.919  1.00 30.61 ? 35  LYS A CG  1 
ATOM   272  C CD  . LYS A 1 35 ? 17.399  -8.267  -10.789 1.00 38.21 ? 35  LYS A CD  1 
ATOM   273  C CE  . LYS A 1 35 ? 17.795  -7.762  -12.139 1.00 34.15 ? 35  LYS A CE  1 
ATOM   274  N NZ  . LYS A 1 35 ? 18.094  -8.959  -12.972 1.00 39.13 ? 35  LYS A NZ  1 
ATOM   275  N N   . GLU A 1 36 ? 17.440  -6.860  -6.204  1.00 25.10 ? 36  GLU A N   1 
ATOM   276  C CA  . GLU A 1 36 ? 16.645  -7.632  -5.274  1.00 24.93 ? 36  GLU A CA  1 
ATOM   277  C C   . GLU A 1 36 ? 15.866  -6.792  -4.241  1.00 27.03 ? 36  GLU A C   1 
ATOM   278  O O   . GLU A 1 36 ? 15.029  -7.305  -3.510  1.00 31.16 ? 36  GLU A O   1 
ATOM   279  C CB  . GLU A 1 36 ? 17.566  -8.686  -4.586  1.00 29.20 ? 36  GLU A CB  1 
ATOM   280  C CG  . GLU A 1 36 ? 18.643  -8.117  -3.701  1.00 32.60 ? 36  GLU A CG  1 
ATOM   281  C CD  . GLU A 1 36 ? 19.973  -7.831  -4.410  1.00 37.19 ? 36  GLU A CD  1 
ATOM   282  O OE1 . GLU A 1 36 ? 20.044  -7.721  -5.667  1.00 32.06 ? 36  GLU A OE1 1 
ATOM   283  O OE2 . GLU A 1 36 ? 20.996  -7.733  -3.673  1.00 46.52 ? 36  GLU A OE2 1 
ATOM   284  N N   . ASN A 1 37 ? 16.176  -5.502  -4.159  1.00 24.50 ? 37  ASN A N   1 
ATOM   285  C CA  . ASN A 1 37 ? 15.499  -4.623  -3.213  1.00 27.52 ? 37  ASN A CA  1 
ATOM   286  C C   . ASN A 1 37 ? 14.309  -3.927  -3.910  1.00 24.01 ? 37  ASN A C   1 
ATOM   287  O O   . ASN A 1 37 ? 13.480  -3.281  -3.263  1.00 31.08 ? 37  ASN A O   1 
ATOM   288  C CB  . ASN A 1 37 ? 16.449  -3.573  -2.639  1.00 29.95 ? 37  ASN A CB  1 
ATOM   289  C CG  . ASN A 1 37 ? 17.511  -4.199  -1.729  1.00 34.73 ? 37  ASN A CG  1 
ATOM   290  O OD1 . ASN A 1 37 ? 17.391  -5.375  -1.357  1.00 32.04 ? 37  ASN A OD1 1 
ATOM   291  N ND2 . ASN A 1 37 ? 18.523  -3.427  -1.370  1.00 40.14 ? 37  ASN A ND2 1 
ATOM   292  N N   . VAL A 1 38 ? 14.236  -4.055  -5.220  1.00 21.18 ? 38  VAL A N   1 
ATOM   293  C CA  . VAL A 1 38 ? 13.158  -3.368  -5.936  1.00 19.40 ? 38  VAL A CA  1 
ATOM   294  C C   . VAL A 1 38 ? 11.868  -4.155  -5.953  1.00 16.81 ? 38  VAL A C   1 
ATOM   295  O O   . VAL A 1 38 ? 11.825  -5.277  -6.400  1.00 18.64 ? 38  VAL A O   1 
ATOM   296  C CB  . VAL A 1 38 ? 13.574  -3.048  -7.350  1.00 16.72 ? 38  VAL A CB  1 
ATOM   297  C CG1 . VAL A 1 38 ? 12.478  -2.271  -8.076  1.00 17.16 ? 38  VAL A CG1 1 
ATOM   298  C CG2 . VAL A 1 38 ? 14.880  -2.262  -7.258  1.00 18.48 ? 38  VAL A CG2 1 
ATOM   299  N N   . ARG A 1 39 ? 10.788  -3.486  -5.532  1.00 13.96 ? 39  ARG A N   1 
ATOM   300  C CA  . ARG A 1 39 ? 9.409   -4.053  -5.520  1.00 16.40 ? 39  ARG A CA  1 
ATOM   301  C C   . ARG A 1 39 ? 8.548   -3.251  -6.498  1.00 14.09 ? 39  ARG A C   1 
ATOM   302  O O   . ARG A 1 39 ? 8.545   -2.041  -6.417  1.00 16.36 ? 39  ARG A O   1 
ATOM   303  C CB  . ARG A 1 39 ? 8.767   -4.098  -4.134  1.00 19.81 ? 39  ARG A CB  1 
ATOM   304  C CG  . ARG A 1 39 ? 9.619   -4.787  -3.062  1.00 29.14 ? 39  ARG A CG  1 
ATOM   305  C CD  . ARG A 1 39 ? 9.312   -6.273  -2.901  1.00 36.40 ? 39  ARG A CD  1 
ATOM   306  N NE  . ARG A 1 39 ? 10.291  -6.940  -2.028  1.00 36.38 ? 39  ARG A NE  1 
ATOM   307  C CZ  . ARG A 1 39 ? 10.098  -8.035  -1.276  1.00 44.34 ? 39  ARG A CZ  1 
ATOM   308  N NH1 . ARG A 1 39 ? 8.900   -8.642  -1.148  1.00 44.45 ? 39  ARG A NH1 1 
ATOM   309  N NH2 . ARG A 1 39 ? 11.134  -8.512  -0.595  1.00 41.42 ? 39  ARG A NH2 1 
ATOM   310  N N   . VAL A 1 40 ? 7.848   -3.921  -7.404  1.00 13.42 ? 40  VAL A N   1 
ATOM   311  C CA  . VAL A 1 40 ? 6.924   -3.235  -8.329  1.00 13.38 ? 40  VAL A CA  1 
ATOM   312  C C   . VAL A 1 40 ? 5.593   -3.892  -8.122  1.00 15.53 ? 40  VAL A C   1 
ATOM   313  O O   . VAL A 1 40 ? 5.549   -5.143  -8.142  1.00 18.33 ? 40  VAL A O   1 
ATOM   314  C CB  . VAL A 1 40 ? 7.431   -3.359  -9.750  1.00 15.03 ? 40  VAL A CB  1 
ATOM   315  C CG1 . VAL A 1 40 ? 6.433   -2.723  -10.765 1.00 14.47 ? 40  VAL A CG1 1 
ATOM   316  C CG2 . VAL A 1 40 ? 8.787   -2.696  -9.883  1.00 15.08 ? 40  VAL A CG2 1 
ATOM   317  N N   . TRP A 1 41 ? 4.487   -3.154  -8.034  1.00 12.30 ? 41  TRP A N   1 
ATOM   318  C CA  . TRP A 1 41 ? 3.212   -3.867  -8.127  1.00 13.39 ? 41  TRP A CA  1 
ATOM   319  C C   . TRP A 1 41 ? 2.246   -3.043  -8.938  1.00 13.32 ? 41  TRP A C   1 
ATOM   320  O O   . TRP A 1 41 ? 2.443   -1.890  -9.140  1.00 12.53 ? 41  TRP A O   1 
ATOM   321  C CB  . TRP A 1 41 ? 2.699   -4.336  -6.785  1.00 15.94 ? 41  TRP A CB  1 
ATOM   322  C CG  . TRP A 1 41 ? 2.220   -3.203  -5.925  1.00 14.15 ? 41  TRP A CG  1 
ATOM   323  C CD1 . TRP A 1 41 ? 0.937   -2.715  -5.850  1.00 15.42 ? 41  TRP A CD1 1 
ATOM   324  C CD2 . TRP A 1 41 ? 2.993   -2.307  -5.043  1.00 18.92 ? 41  TRP A CD2 1 
ATOM   325  N NE1 . TRP A 1 41 ? 0.844   -1.662  -4.961  1.00 19.92 ? 41  TRP A NE1 1 
ATOM   326  C CE2 . TRP A 1 41 ? 2.055   -1.362  -4.486  1.00 19.36 ? 41  TRP A CE2 1 
ATOM   327  C CE3 . TRP A 1 41 ? 4.330   -2.227  -4.687  1.00 22.43 ? 41  TRP A CE3 1 
ATOM   328  C CZ2 . TRP A 1 41 ? 2.459   -0.367  -3.578  1.00 23.02 ? 41  TRP A CZ2 1 
ATOM   329  C CZ3 . TRP A 1 41 ? 4.725   -1.238  -3.766  1.00 28.93 ? 41  TRP A CZ3 1 
ATOM   330  C CH2 . TRP A 1 41 ? 3.802   -0.327  -3.261  1.00 26.10 ? 41  TRP A CH2 1 
ATOM   331  N N   . ILE A 1 42 ? 1.274   -3.730  -9.533  1.00 12.34 ? 42  ILE A N   1 
ATOM   332  C CA  . ILE A 1 42 ? 0.436   -3.141  -10.555 1.00 11.38 ? 42  ILE A CA  1 
ATOM   333  C C   . ILE A 1 42 ? -1.048  -3.242  -10.131 1.00 12.89 ? 42  ILE A C   1 
ATOM   334  O O   . ILE A 1 42 ? -1.523  -4.300  -9.639  1.00 12.31 ? 42  ILE A O   1 
ATOM   335  C CB  . ILE A 1 42 ? 0.577   -4.043  -11.840 1.00 10.83 ? 42  ILE A CB  1 
ATOM   336  C CG1 . ILE A 1 42 ? 2.018   -3.966  -12.290 1.00 11.39 ? 42  ILE A CG1 1 
ATOM   337  C CG2 . ILE A 1 42 ? -0.360  -3.544  -12.877 1.00 12.06 ? 42  ILE A CG2 1 
ATOM   338  C CD1 . ILE A 1 42 ? 2.287   -5.002  -13.414 1.00 13.54 ? 42  ILE A CD1 1 
ATOM   339  N N   . HIS A 1 43 ? -1.750  -2.129  -10.321 1.00 13.21 ? 43  HIS A N   1 
ATOM   340  C CA  . HIS A 1 43 ? -3.194  -2.116  -10.064 1.00 14.62 ? 43  HIS A CA  1 
ATOM   341  C C   . HIS A 1 43 ? -3.834  -2.109  -11.413 1.00 14.01 ? 43  HIS A C   1 
ATOM   342  O O   . HIS A 1 43 ? -3.622  -1.207  -12.245 1.00 15.59 ? 43  HIS A O   1 
ATOM   343  C CB  . HIS A 1 43 ? -3.573  -0.848  -9.284  1.00 15.33 ? 43  HIS A CB  1 
ATOM   344  C CG  . HIS A 1 43 ? -3.182  -0.881  -7.867  1.00 18.85 ? 43  HIS A CG  1 
ATOM   345  N ND1 . HIS A 1 43 ? -1.987  -0.304  -7.415  1.00 21.84 ? 43  HIS A ND1 1 
ATOM   346  C CD2 . HIS A 1 43 ? -3.780  -1.432  -6.793  1.00 19.20 ? 43  HIS A CD2 1 
ATOM   347  C CE1 . HIS A 1 43 ? -1.881  -0.491  -6.076  1.00 17.91 ? 43  HIS A CE1 1 
ATOM   348  N NE2 . HIS A 1 43 ? -2.923  -1.187  -5.674  1.00 23.52 ? 43  HIS A NE2 1 
ATOM   349  N N   . ASP A 1 44 ? -4.694  -3.084  -11.607 1.00 15.23 ? 44  ASP A N   1 
ATOM   350  C CA  . ASP A 1 44 ? -5.590  -3.046  -12.783 1.00 15.63 ? 44  ASP A CA  1 
ATOM   351  C C   . ASP A 1 44 ? -6.880  -2.252  -12.477 1.00 15.28 ? 44  ASP A C   1 
ATOM   352  O O   . ASP A 1 44 ? -7.596  -2.624  -11.612 1.00 19.50 ? 44  ASP A O   1 
ATOM   353  C CB  . ASP A 1 44 ? -5.998  -4.514  -13.144 1.00 17.84 ? 44  ASP A CB  1 
ATOM   354  C CG  . ASP A 1 44 ? -4.829  -5.349  -13.663 1.00 18.32 ? 44  ASP A CG  1 
ATOM   355  O OD1 . ASP A 1 44 ? -4.030  -4.890  -14.501 1.00 19.80 ? 44  ASP A OD1 1 
ATOM   356  O OD2 . ASP A 1 44 ? -4.697  -6.433  -13.162 1.00 21.24 ? 44  ASP A OD2 1 
ATOM   357  N N   . VAL A 1 45 ? -7.043  -1.184  -13.195 1.00 15.86 ? 45  VAL A N   1 
ATOM   358  C CA  . VAL A 1 45 ? -8.207  -0.294  -13.035 1.00 16.51 ? 45  VAL A CA  1 
ATOM   359  C C   . VAL A 1 45 ? -9.294  -0.596  -14.086 1.00 19.33 ? 45  VAL A C   1 
ATOM   360  O O   . VAL A 1 45 ? -9.012  -0.402  -15.251 1.00 20.70 ? 45  VAL A O   1 
ATOM   361  C CB  . VAL A 1 45 ? -7.745  1.176   -13.089 1.00 18.23 ? 45  VAL A CB  1 
ATOM   362  C CG1 . VAL A 1 45 ? -8.879  2.156   -12.827 1.00 19.22 ? 45  VAL A CG1 1 
ATOM   363  C CG2 . VAL A 1 45 ? -6.696  1.449   -11.992 1.00 19.43 ? 45  VAL A CG2 1 
ATOM   364  N N   . PRO A 1 46 ? -10.509 -0.955  -13.577 1.00 17.42 ? 46  PRO A N   1 
ATOM   365  C CA  . PRO A 1 46 ? -11.625 -1.231  -14.518 1.00 20.07 ? 46  PRO A CA  1 
ATOM   366  C C   . PRO A 1 46 ? -11.867 -0.020  -15.336 1.00 21.98 ? 46  PRO A C   1 
ATOM   367  O O   . PRO A 1 46 ? -11.628 1.112   -14.921 1.00 19.28 ? 46  PRO A O   1 
ATOM   368  C CB  . PRO A 1 46 ? -12.763 -1.565  -13.622 1.00 18.71 ? 46  PRO A CB  1 
ATOM   369  C CG  . PRO A 1 46 ? -12.211 -2.077  -12.318 1.00 18.12 ? 46  PRO A CG  1 
ATOM   370  C CD  . PRO A 1 46 ? -10.914 -1.241  -12.200 1.00 19.64 ? 46  PRO A CD  1 
ATOM   371  N N   . LYS A 1 47 ? -12.286 -0.248  -16.583 1.00 25.14 ? 47  LYS A N   1 
ATOM   372  C CA  . LYS A 1 47 ? -12.649 0.804   -17.499 1.00 24.91 ? 47  LYS A CA  1 
ATOM   373  C C   . LYS A 1 47 ? -13.681 1.762   -16.959 1.00 21.46 ? 47  LYS A C   1 
ATOM   374  O O   . LYS A 1 47 ? -13.499 2.955   -17.188 1.00 23.31 ? 47  LYS A O   1 
ATOM   375  C CB  . LYS A 1 47 ? -13.224 0.177   -18.839 1.00 26.02 ? 47  LYS A CB  1 
ATOM   376  C CG  . LYS A 1 47 ? -12.095 -0.406  -19.679 1.00 31.45 ? 47  LYS A CG  1 
ATOM   377  C CD  . LYS A 1 47 ? -12.546 -1.366  -20.795 1.00 35.76 ? 47  LYS A CD  1 
ATOM   378  C CE  . LYS A 1 47 ? -11.328 -1.764  -21.623 1.00 42.65 ? 47  LYS A CE  1 
ATOM   379  N NZ  . LYS A 1 47 ? -11.039 -0.758  -22.693 1.00 45.64 ? 47  LYS A NZ  1 
ATOM   380  N N   . GLU A 1 48 ? -14.658 1.247   -16.208 1.00 25.19 ? 48  GLU A N   1 
ATOM   381  C CA  . GLU A 1 48 ? -15.723 2.061   -15.591 1.00 23.59 ? 48  GLU A CA  1 
ATOM   382  C C   . GLU A 1 48 ? -15.215 2.935   -14.420 1.00 22.07 ? 48  GLU A C   1 
ATOM   383  O O   . GLU A 1 48 ? -15.894 3.868   -13.975 1.00 25.64 ? 48  GLU A O   1 
ATOM   384  C CB  . GLU A 1 48 ? -16.855 1.144   -15.036 1.00 31.81 ? 48  GLU A CB  1 
ATOM   385  C CG  . GLU A 1 48 ? -17.772 0.503   -16.054 1.00 44.11 ? 48  GLU A CG  1 
ATOM   386  C CD  . GLU A 1 48 ? -18.754 -0.505  -15.411 1.00 60.20 ? 48  GLU A CD  1 
ATOM   387  O OE1 . GLU A 1 48 ? -18.572 -0.836  -14.201 1.00 70.50 ? 48  GLU A OE1 1 
ATOM   388  O OE2 . GLU A 1 48 ? -19.712 -0.978  -16.105 1.00 63.73 ? 48  GLU A OE2 1 
ATOM   389  N N   . ASN A 1 49 ? -13.992 2.616   -13.965 1.00 23.09 ? 49  ASN A N   1 
ATOM   390  C CA  . ASN A 1 49 ? -13.313 3.273   -12.821 1.00 24.01 ? 49  ASN A CA  1 
ATOM   391  C C   . ASN A 1 49 ? -12.231 4.282   -13.190 1.00 23.13 ? 49  ASN A C   1 
ATOM   392  O O   . ASN A 1 49 ? -11.668 4.915   -12.273 1.00 23.18 ? 49  ASN A O   1 
ATOM   393  C CB  . ASN A 1 49 ? -12.651 2.223   -11.909 1.00 18.49 ? 49  ASN A CB  1 
ATOM   394  C CG  . ASN A 1 49 ? -13.590 1.338   -11.189 1.00 19.81 ? 49  ASN A CG  1 
ATOM   395  O OD1 . ASN A 1 49 ? -14.671 0.970   -11.695 1.00 22.27 ? 49  ASN A OD1 1 
ATOM   396  N ND2 . ASN A 1 49 ? -13.241 0.909   -9.954  1.00 20.33 ? 49  ASN A ND2 1 
ATOM   397  N N   . TRP A 1 50 ? -11.919 4.510   -14.460 1.00 21.94 ? 50  TRP A N   1 
ATOM   398  C CA  . TRP A 1 50 ? -10.833 5.335   -14.860 1.00 24.26 ? 50  TRP A CA  1 
ATOM   399  C C   . TRP A 1 50 ? -11.305 6.523   -15.643 1.00 30.16 ? 50  TRP A C   1 
ATOM   400  O O   . TRP A 1 50 ? -11.818 6.394   -16.765 1.00 29.13 ? 50  TRP A O   1 
ATOM   401  C CB  . TRP A 1 50 ? -9.832  4.480   -15.686 1.00 31.17 ? 50  TRP A CB  1 
ATOM   402  C CG  . TRP A 1 50 ? -8.911  5.355   -16.451 1.00 35.30 ? 50  TRP A CG  1 
ATOM   403  C CD1 . TRP A 1 50 ? -8.708  5.381   -17.802 1.00 40.69 ? 50  TRP A CD1 1 
ATOM   404  C CD2 . TRP A 1 50 ? -8.140  6.492   -15.933 1.00 47.25 ? 50  TRP A CD2 1 
ATOM   405  N NE1 . TRP A 1 50 ? -7.818  6.370   -18.146 1.00 46.01 ? 50  TRP A NE1 1 
ATOM   406  C CE2 . TRP A 1 50 ? -7.455  7.078   -17.085 1.00 46.29 ? 50  TRP A CE2 1 
ATOM   407  C CE3 . TRP A 1 50 ? -7.917  7.033   -14.667 1.00 49.45 ? 50  TRP A CE3 1 
ATOM   408  C CZ2 . TRP A 1 50 ? -6.602  8.171   -16.960 1.00 52.65 ? 50  TRP A CZ2 1 
ATOM   409  C CZ3 . TRP A 1 50 ? -7.068  8.138   -14.551 1.00 45.43 ? 50  TRP A CZ3 1 
ATOM   410  C CH2 . TRP A 1 50 ? -6.421  8.687   -15.668 1.00 56.48 ? 50  TRP A CH2 1 
ATOM   411  N N   . GLY A 1 51 ? -11.129 7.700   -15.078 1.00 23.20 ? 51  GLY A N   1 
ATOM   412  C CA  . GLY A 1 51 ? -11.592 8.925   -15.719 1.00 28.82 ? 51  GLY A CA  1 
ATOM   413  C C   . GLY A 1 51 ? -10.513 9.803   -16.294 1.00 29.87 ? 51  GLY A C   1 
ATOM   414  O O   . GLY A 1 51 ? -9.469  10.088  -15.659 1.00 28.18 ? 51  GLY A O   1 
ATOM   415  N N   . ILE A 1 52 ? -10.803 10.294  -17.492 1.00 29.48 ? 52  ILE A N   1 
ATOM   416  C CA  . ILE A 1 52 ? -9.921  11.146  -18.253 1.00 28.98 ? 52  ILE A CA  1 
ATOM   417  C C   . ILE A 1 52 ? -10.822 12.372  -18.544 1.00 34.04 ? 52  ILE A C   1 
ATOM   418  O O   . ILE A 1 52 ? -11.856 12.199  -19.208 1.00 30.23 ? 52  ILE A O   1 
ATOM   419  C CB  . ILE A 1 52 ? -9.604  10.450  -19.626 1.00 39.13 ? 52  ILE A CB  1 
ATOM   420  C CG1 . ILE A 1 52 ? -8.871  9.101   -19.461 1.00 43.80 ? 52  ILE A CG1 1 
ATOM   421  C CG2 . ILE A 1 52 ? -8.768  11.342  -20.498 1.00 38.44 ? 52  ILE A CG2 1 
ATOM   422  C CD1 . ILE A 1 52 ? -9.213  8.043   -20.494 1.00 41.39 ? 52  ILE A CD1 1 
ATOM   423  N N   . GLY A 1 53 ? -10.467 13.564  -18.048 1.00 33.30 ? 53  GLY A N   1 
ATOM   424  C CA  . GLY A 1 53 ? -11.365 14.752  -18.183 1.00 33.79 ? 53  GLY A CA  1 
ATOM   425  C C   . GLY A 1 53 ? -12.870 14.555  -17.955 1.00 32.71 ? 53  GLY A C   1 
ATOM   426  O O   . GLY A 1 53 ? -13.706 15.077  -18.709 1.00 37.53 ? 53  GLY A O   1 
ATOM   427  N N   . GLY A 1 54 ? -13.246 13.784  -16.944 1.00 32.84 ? 54  GLY A N   1 
ATOM   428  C CA  . GLY A 1 54 ? -14.621 13.690  -16.528 1.00 30.77 ? 54  GLY A CA  1 
ATOM   429  C C   . GLY A 1 54 ? -15.444 12.593  -17.184 1.00 30.14 ? 54  GLY A C   1 
ATOM   430  O O   . GLY A 1 54 ? -16.617 12.429  -16.850 1.00 30.47 ? 54  GLY A O   1 
ATOM   431  N N   . VAL A 1 55 ? -14.803 11.832  -18.069 1.00 32.21 ? 55  VAL A N   1 
ATOM   432  C CA  . VAL A 1 55 ? -15.448 10.707  -18.764 1.00 36.68 ? 55  VAL A CA  1 
ATOM   433  C C   . VAL A 1 55 ? -14.636 9.434   -18.560 1.00 29.62 ? 55  VAL A C   1 
ATOM   434  O O   . VAL A 1 55 ? -13.409 9.498   -18.714 1.00 28.57 ? 55  VAL A O   1 
ATOM   435  C CB  . VAL A 1 55 ? -15.583 10.979  -20.281 1.00 38.17 ? 55  VAL A CB  1 
ATOM   436  C CG1 . VAL A 1 55 ? -16.522 9.954   -20.902 1.00 42.82 ? 55  VAL A CG1 1 
ATOM   437  C CG2 . VAL A 1 55 ? -16.054 12.424  -20.556 1.00 35.86 ? 55  VAL A CG2 1 
ATOM   438  N N   . SER A 1 56 ? -15.319 8.334   -18.195 1.00 30.97 ? 56  SER A N   1 
ATOM   439  C CA  . SER A 1 56 ? -14.667 7.038   -17.949 1.00 28.33 ? 56  SER A CA  1 
ATOM   440  C C   . SER A 1 56 ? -14.252 6.446   -19.241 1.00 33.52 ? 56  SER A C   1 
ATOM   441  O O   . SER A 1 56 ? -14.830 6.711   -20.287 1.00 33.38 ? 56  SER A O   1 
ATOM   442  C CB  . SER A 1 56 ? -15.582 6.034   -17.217 1.00 29.54 ? 56  SER A CB  1 
ATOM   443  O OG  . SER A 1 56 ? -16.493 5.395   -18.171 1.00 33.12 ? 56  SER A OG  1 
ATOM   444  N N   . ALA A 1 57 ? -13.210 5.633   -19.160 1.00 29.45 ? 57  ALA A N   1 
ATOM   445  C CA  . ALA A 1 57 ? -12.699 4.927   -20.320 1.00 32.56 ? 57  ALA A CA  1 
ATOM   446  C C   . ALA A 1 57 ? -13.769 4.023   -20.906 1.00 33.43 ? 57  ALA A C   1 
ATOM   447  O O   . ALA A 1 57 ? -13.795 3.795   -22.137 1.00 32.91 ? 57  ALA A O   1 
ATOM   448  C CB  . ALA A 1 57 ? -11.495 4.106   -19.893 1.00 25.52 ? 57  ALA A CB  1 
ATOM   449  N N   . LYS A 1 58 ? -14.644 3.483   -20.042 1.00 34.94 ? 58  LYS A N   1 
ATOM   450  C CA  . LYS A 1 58 ? -15.725 2.627   -20.552 1.00 34.68 ? 58  LYS A CA  1 
ATOM   451  C C   . LYS A 1 58 ? -16.614 3.439   -21.495 1.00 37.61 ? 58  LYS A C   1 
ATOM   452  O O   . LYS A 1 58 ? -16.855 2.998   -22.628 1.00 35.31 ? 58  LYS A O   1 
ATOM   453  C CB  . LYS A 1 58 ? -16.519 1.900   -19.475 1.00 35.47 ? 58  LYS A CB  1 
ATOM   454  C CG  . LYS A 1 58 ? -17.307 0.725   -20.067 1.00 36.46 ? 58  LYS A CG  1 
ATOM   455  C CD  . LYS A 1 58 ? -18.303 0.170   -19.078 1.00 41.31 ? 58  LYS A CD  1 
ATOM   456  C CE  . LYS A 1 58 ? -18.696 -1.260  -19.379 1.00 46.35 ? 58  LYS A CE  1 
ATOM   457  N NZ  . LYS A 1 58 ? -19.998 -1.557  -18.701 1.00 43.37 ? 58  LYS A NZ  1 
ATOM   458  N N   . ALA A 1 59 ? -17.031 4.639   -21.068 1.00 38.15 ? 59  ALA A N   1 
ATOM   459  C CA  . ALA A 1 59 ? -17.862 5.545   -21.909 1.00 40.56 ? 59  ALA A CA  1 
ATOM   460  C C   . ALA A 1 59 ? -17.139 6.084   -23.145 1.00 45.61 ? 59  ALA A C   1 
ATOM   461  O O   . ALA A 1 59 ? -17.760 6.337   -24.176 1.00 45.35 ? 59  ALA A O   1 
ATOM   462  C CB  . ALA A 1 59 ? -18.432 6.718   -21.093 1.00 40.39 ? 59  ALA A CB  1 
ATOM   463  N N   . LEU A 1 60 ? -15.835 6.273   -23.043 1.00 41.47 ? 60  LEU A N   1 
ATOM   464  C CA  . LEU A 1 60 ? -15.021 6.685   -24.188 1.00 47.31 ? 60  LEU A CA  1 
ATOM   465  C C   . LEU A 1 60 ? -14.666 5.500   -25.090 1.00 51.73 ? 60  LEU A C   1 
ATOM   466  O O   . LEU A 1 60 ? -14.054 5.686   -26.141 1.00 50.06 ? 60  LEU A O   1 
ATOM   467  C CB  . LEU A 1 60 ? -13.706 7.269   -23.700 1.00 44.04 ? 60  LEU A CB  1 
ATOM   468  C CG  . LEU A 1 60 ? -13.736 8.655   -23.086 1.00 44.17 ? 60  LEU A CG  1 
ATOM   469  C CD1 . LEU A 1 60 ? -12.591 8.827   -22.074 1.00 44.53 ? 60  LEU A CD1 1 
ATOM   470  C CD2 . LEU A 1 60 ? -13.640 9.605   -24.271 1.00 46.44 ? 60  LEU A CD2 1 
ATOM   471  N N   . GLY A 1 61 ? -14.983 4.287   -24.624 1.00 56.45 ? 61  GLY A N   1 
ATOM   472  C CA  . GLY A 1 61 ? -14.690 3.045   -25.341 1.00 63.03 ? 61  GLY A CA  1 
ATOM   473  C C   . GLY A 1 61 ? -15.775 2.844   -26.374 1.00 69.88 ? 61  GLY A C   1 
ATOM   474  O O   . GLY A 1 61 ? -15.486 2.537   -27.532 1.00 77.78 ? 61  GLY A O   1 
ATOM   475  N N   . ARG A 1 62 ? -17.028 3.018   -25.952 1.00 70.90 ? 62  ARG A N   1 
ATOM   476  C CA  . ARG A 1 62 ? -18.153 3.119   -26.881 1.00 68.98 ? 62  ARG A CA  1 
ATOM   477  C C   . ARG A 1 62 ? -17.940 4.331   -27.787 1.00 73.26 ? 62  ARG A C   1 
ATOM   478  O O   . ARG A 1 62 ? -17.563 4.161   -28.952 1.00 76.69 ? 62  ARG A O   1 
ATOM   479  C CB  . ARG A 1 62 ? -19.501 3.204   -26.149 1.00 70.17 ? 62  ARG A CB  1 
ATOM   480  C CG  . ARG A 1 62 ? -19.532 4.129   -24.944 1.00 72.64 ? 62  ARG A CG  1 
ATOM   481  C CD  . ARG A 1 62 ? -20.893 4.158   -24.251 1.00 79.48 ? 62  ARG A CD  1 
ATOM   482  N NE  . ARG A 1 62 ? -20.748 4.240   -22.794 1.00 80.15 ? 62  ARG A NE  1 
ATOM   483  C CZ  . ARG A 1 62 ? -20.648 3.183   -21.987 1.00 77.86 ? 62  ARG A CZ  1 
ATOM   484  N NH1 . ARG A 1 62 ? -20.697 1.947   -22.475 1.00 71.34 ? 62  ARG A NH1 1 
ATOM   485  N NH2 . ARG A 1 62 ? -20.502 3.360   -20.681 1.00 82.34 ? 62  ARG A NH2 1 
ATOM   486  O OXT . ARG A 1 62 ? -18.094 5.491   -27.380 1.00 69.70 ? 62  ARG A OXT 1 
ATOM   487  N N   . PRO B 1 1  ? -6.068  8.292   11.875  1.00 33.51 ? 1   PRO B N   1 
ATOM   488  C CA  . PRO B 1 1  ? -5.088  7.804   10.881  1.00 24.63 ? 1   PRO B CA  1 
ATOM   489  C C   . PRO B 1 1  ? -5.626  6.691   10.024  1.00 26.20 ? 1   PRO B C   1 
ATOM   490  O O   . PRO B 1 1  ? -6.602  6.019   10.394  1.00 23.12 ? 1   PRO B O   1 
ATOM   491  C CB  . PRO B 1 1  ? -3.968  7.189   11.702  1.00 26.17 ? 1   PRO B CB  1 
ATOM   492  C CG  . PRO B 1 1  ? -4.511  7.066   13.124  1.00 32.87 ? 1   PRO B CG  1 
ATOM   493  C CD  . PRO B 1 1  ? -5.670  7.997   13.252  1.00 31.73 ? 1   PRO B CD  1 
ATOM   494  N N   . PHE B 1 2  ? -4.942  6.488   8.903   1.00 24.22 ? 2   PHE B N   1 
ATOM   495  C CA  . PHE B 1 2  ? -5.351  5.521   7.898   1.00 21.31 ? 2   PHE B CA  1 
ATOM   496  C C   . PHE B 1 2  ? -4.197  4.555   7.677   1.00 22.97 ? 2   PHE B C   1 
ATOM   497  O O   . PHE B 1 2  ? -3.055  4.960   7.710   1.00 20.84 ? 2   PHE B O   1 
ATOM   498  C CB  . PHE B 1 2  ? -5.631  6.241   6.522   1.00 26.14 ? 2   PHE B CB  1 
ATOM   499  C CG  . PHE B 1 2  ? -6.714  7.245   6.563   1.00 31.46 ? 2   PHE B CG  1 
ATOM   500  C CD1 . PHE B 1 2  ? -7.788  7.106   7.420   1.00 38.06 ? 2   PHE B CD1 1 
ATOM   501  C CD2 . PHE B 1 2  ? -6.645  8.371   5.736   1.00 45.21 ? 2   PHE B CD2 1 
ATOM   502  C CE1 . PHE B 1 2  ? -8.792  8.053   7.447   1.00 39.37 ? 2   PHE B CE1 1 
ATOM   503  C CE2 . PHE B 1 2  ? -7.654  9.312   5.746   1.00 47.78 ? 2   PHE B CE2 1 
ATOM   504  C CZ  . PHE B 1 2  ? -8.728  9.155   6.612   1.00 48.03 ? 2   PHE B CZ  1 
ATOM   505  N N   . ALA B 1 3  ? -4.491  3.276   7.370   1.00 19.91 ? 3   ALA B N   1 
ATOM   506  C CA  . ALA B 1 3  ? -3.446  2.353   6.971   1.00 19.18 ? 3   ALA B CA  1 
ATOM   507  C C   . ALA B 1 3  ? -3.981  1.626   5.753   1.00 15.74 ? 3   ALA B C   1 
ATOM   508  O O   . ALA B 1 3  ? -5.083  1.070   5.742   1.00 18.12 ? 3   ALA B O   1 
ATOM   509  C CB  . ALA B 1 3  ? -3.033  1.362   8.034   1.00 18.26 ? 3   ALA B CB  1 
ATOM   510  N N   . GLN B 1 4  ? -3.164  1.652   4.711   1.00 14.94 ? 4   GLN B N   1 
ATOM   511  C CA  . GLN B 1 4  ? -3.401  0.897   3.455   1.00 12.90 ? 4   GLN B CA  1 
ATOM   512  C C   . GLN B 1 4  ? -2.424  -0.249  3.379   1.00 14.12 ? 4   GLN B C   1 
ATOM   513  O O   . GLN B 1 4  ? -1.190  -0.095  3.404   1.00 14.09 ? 4   GLN B O   1 
ATOM   514  C CB  . GLN B 1 4  ? -3.149  1.925   2.351   1.00 17.54 ? 4   GLN B CB  1 
ATOM   515  C CG  . GLN B 1 4  ? -3.256  1.421   0.935   1.00 18.79 ? 4   GLN B CG  1 
ATOM   516  C CD  . GLN B 1 4  ? -3.393  2.665   0.033   1.00 23.49 ? 4   GLN B CD  1 
ATOM   517  O OE1 . GLN B 1 4  ? -2.728  3.671   0.303   1.00 28.78 ? 4   GLN B OE1 1 
ATOM   518  N NE2 . GLN B 1 4  ? -4.223  2.618   -1.018  1.00 20.21 ? 4   GLN B NE2 1 
ATOM   519  N N   . ILE B 1 5  ? -2.928  -1.486  3.322   1.00 15.02 ? 5   ILE B N   1 
ATOM   520  C CA  . ILE B 1 5  ? -2.113  -2.688  3.371   1.00 13.83 ? 5   ILE B CA  1 
ATOM   521  C C   . ILE B 1 5  ? -2.131  -3.360  2.013   1.00 16.70 ? 5   ILE B C   1 
ATOM   522  O O   . ILE B 1 5  ? -3.181  -3.440  1.348   1.00 16.37 ? 5   ILE B O   1 
ATOM   523  C CB  . ILE B 1 5  ? -2.763  -3.676  4.376   1.00 17.38 ? 5   ILE B CB  1 
ATOM   524  C CG1 . ILE B 1 5  ? -3.048  -2.994  5.720   1.00 16.16 ? 5   ILE B CG1 1 
ATOM   525  C CG2 . ILE B 1 5  ? -1.879  -4.919  4.588   1.00 18.72 ? 5   ILE B CG2 1 
ATOM   526  C CD1 . ILE B 1 5  ? -1.874  -2.411  6.514   1.00 18.95 ? 5   ILE B CD1 1 
ATOM   527  N N   . TYR B 1 6  ? -0.987  -3.777  1.593   1.00 16.47 ? 6   TYR B N   1 
ATOM   528  C CA  . TYR B 1 6  ? -0.906  -4.518  0.334   1.00 16.24 ? 6   TYR B CA  1 
ATOM   529  C C   . TYR B 1 6  ? -0.484  -5.942  0.610   1.00 17.12 ? 6   TYR B C   1 
ATOM   530  O O   . TYR B 1 6  ? 0.561   -6.189  1.244   1.00 21.62 ? 6   TYR B O   1 
ATOM   531  C CB  . TYR B 1 6  ? 0.067   -3.850  -0.615  1.00 17.68 ? 6   TYR B CB  1 
ATOM   532  C CG  . TYR B 1 6  ? -0.249  -2.376  -0.896  1.00 17.98 ? 6   TYR B CG  1 
ATOM   533  C CD1 . TYR B 1 6  ? -0.997  -1.955  -2.004  1.00 18.61 ? 6   TYR B CD1 1 
ATOM   534  C CD2 . TYR B 1 6  ? 0.186   -1.391  -0.008  1.00 16.69 ? 6   TYR B CD2 1 
ATOM   535  C CE1 . TYR B 1 6  ? -1.327  -0.621  -2.189  1.00 17.73 ? 6   TYR B CE1 1 
ATOM   536  C CE2 . TYR B 1 6  ? -0.095  -0.066  -0.219  1.00 16.73 ? 6   TYR B CE2 1 
ATOM   537  C CZ  . TYR B 1 6  ? -0.851  0.316   -1.297  1.00 18.65 ? 6   TYR B CZ  1 
ATOM   538  O OH  . TYR B 1 6  ? -1.063  1.681   -1.458  1.00 21.83 ? 6   TYR B OH  1 
ATOM   539  N N   . LEU B 1 7  ? -1.299  -6.892  0.152   1.00 19.35 ? 7   LEU B N   1 
ATOM   540  C CA  . LEU B 1 7  ? -1.030  -8.325  0.373   1.00 20.38 ? 7   LEU B CA  1 
ATOM   541  C C   . LEU B 1 7  ? -1.095  -9.032  -1.000  1.00 20.52 ? 7   LEU B C   1 
ATOM   542  O O   . LEU B 1 7  ? -1.920  -8.666  -1.783  1.00 18.66 ? 7   LEU B O   1 
ATOM   543  C CB  . LEU B 1 7  ? -2.176  -8.934  1.222   1.00 21.19 ? 7   LEU B CB  1 
ATOM   544  C CG  . LEU B 1 7  ? -2.611  -8.555  2.694   1.00 22.43 ? 7   LEU B CG  1 
ATOM   545  C CD1 . LEU B 1 7  ? -3.827  -9.282  3.249   1.00 23.64 ? 7   LEU B CD1 1 
ATOM   546  C CD2 . LEU B 1 7  ? -1.424  -8.736  3.594   1.00 27.50 ? 7   LEU B CD2 1 
ATOM   547  N N   . ILE B 1 8  ? -0.255  -10.056 -1.200  1.00 24.26 ? 8   ILE B N   1 
ATOM   548  C CA  . ILE B 1 8  ? -0.397  -10.929 -2.363  1.00 25.74 ? 8   ILE B CA  1 
ATOM   549  C C   . ILE B 1 8  ? -1.764  -11.627 -2.171  1.00 22.67 ? 8   ILE B C   1 
ATOM   550  O O   . ILE B 1 8  ? -2.160  -11.988 -1.046  1.00 26.26 ? 8   ILE B O   1 
ATOM   551  C CB  . ILE B 1 8  ? 0.755   -11.956 -2.467  1.00 27.23 ? 8   ILE B CB  1 
ATOM   552  C CG1 . ILE B 1 8  ? 2.066   -11.296 -3.011  1.00 33.14 ? 8   ILE B CG1 1 
ATOM   553  C CG2 . ILE B 1 8  ? 0.309   -13.087 -3.413  1.00 25.79 ? 8   ILE B CG2 1 
ATOM   554  C CD1 . ILE B 1 8  ? 3.351   -12.099 -2.857  1.00 34.88 ? 8   ILE B CD1 1 
ATOM   555  N N   . GLU B 1 9  ? -2.523  -11.782 -3.249  1.00 22.11 ? 9   GLU B N   1 
ATOM   556  C CA  . GLU B 1 9  ? -3.853  -12.423 -3.229  1.00 23.28 ? 9   GLU B CA  1 
ATOM   557  C C   . GLU B 1 9  ? -3.797  -13.804 -2.578  1.00 23.44 ? 9   GLU B C   1 
ATOM   558  O O   . GLU B 1 9  ? -2.750  -14.465 -2.596  1.00 27.11 ? 9   GLU B O   1 
ATOM   559  C CB  . GLU B 1 9  ? -4.356  -12.521 -4.660  1.00 27.46 ? 9   GLU B CB  1 
ATOM   560  C CG  . GLU B 1 9  ? -5.832  -12.743 -5.005  1.00 32.60 ? 9   GLU B CG  1 
ATOM   561  C CD  . GLU B 1 9  ? -6.131  -12.263 -6.443  1.00 43.70 ? 9   GLU B CD  1 
ATOM   562  O OE1 . GLU B 1 9  ? -5.562  -12.826 -7.428  1.00 40.19 ? 9   GLU B OE1 1 
ATOM   563  O OE2 . GLU B 1 9  ? -6.906  -11.287 -6.627  1.00 43.25 ? 9   GLU B OE2 1 
ATOM   564  N N   . GLY B 1 10 ? -4.892  -14.153 -1.918  1.00 29.73 ? 10  GLY B N   1 
ATOM   565  C CA  . GLY B 1 10 ? -5.010  -15.515 -1.323  1.00 25.19 ? 10  GLY B CA  1 
ATOM   566  C C   . GLY B 1 10 ? -5.065  -15.620 0.184   1.00 28.09 ? 10  GLY B C   1 
ATOM   567  O O   . GLY B 1 10 ? -5.243  -16.702 0.711   1.00 26.89 ? 10  GLY B O   1 
ATOM   568  N N   . ARG B 1 11 ? -4.824  -14.541 0.920   1.00 25.18 ? 11  ARG B N   1 
ATOM   569  C CA  . ARG B 1 11 ? -5.054  -14.655 2.365   1.00 23.19 ? 11  ARG B CA  1 
ATOM   570  C C   . ARG B 1 11 ? -6.557  -14.813 2.612   1.00 24.32 ? 11  ARG B C   1 
ATOM   571  O O   . ARG B 1 11 ? -7.480  -14.322 1.851   1.00 27.02 ? 11  ARG B O   1 
ATOM   572  C CB  . ARG B 1 11 ? -4.524  -13.377 3.093   1.00 25.17 ? 11  ARG B CB  1 
ATOM   573  C CG  . ARG B 1 11 ? -3.059  -13.411 3.476   1.00 30.20 ? 11  ARG B CG  1 
ATOM   574  C CD  . ARG B 1 11 ? -2.000  -13.445 2.385   1.00 33.20 ? 11  ARG B CD  1 
ATOM   575  N NE  . ARG B 1 11 ? -0.632  -13.492 2.942   1.00 34.67 ? 11  ARG B NE  1 
ATOM   576  C CZ  . ARG B 1 11 ? 0.383   -12.586 2.786   1.00 40.58 ? 11  ARG B CZ  1 
ATOM   577  N NH1 . ARG B 1 11 ? 0.345   -11.389 2.089   1.00 34.57 ? 11  ARG B NH1 1 
ATOM   578  N NH2 . ARG B 1 11 ? 1.522   -12.876 3.374   1.00 38.23 ? 11  ARG B NH2 1 
ATOM   579  N N   . THR B 1 12 ? -6.827  -15.486 3.721   1.00 27.47 ? 12  THR B N   1 
ATOM   580  C CA  . THR B 1 12 ? -8.219  -15.809 4.069   1.00 28.74 ? 12  THR B CA  1 
ATOM   581  C C   . THR B 1 12 ? -9.004  -14.628 4.646   1.00 32.95 ? 12  THR B C   1 
ATOM   582  O O   . THR B 1 12 ? -8.407  -13.657 5.086   1.00 25.45 ? 12  THR B O   1 
ATOM   583  C CB  . THR B 1 12 ? -8.238  -16.934 5.117   1.00 28.69 ? 12  THR B CB  1 
ATOM   584  O OG1 . THR B 1 12 ? -7.758  -16.441 6.381   1.00 27.34 ? 12  THR B OG1 1 
ATOM   585  C CG2 . THR B 1 12 ? -7.323  -18.098 4.710   1.00 31.96 ? 12  THR B CG2 1 
ATOM   586  N N   . GLU B 1 13 ? -10.342 -14.715 4.713   1.00 29.34 ? 13  GLU B N   1 
ATOM   587  C CA  . GLU B 1 13 ? -11.108 -13.649 5.386   1.00 29.82 ? 13  GLU B CA  1 
ATOM   588  C C   . GLU B 1 13 ? -10.666 -13.470 6.870   1.00 26.01 ? 13  GLU B C   1 
ATOM   589  O O   . GLU B 1 13 ? -10.613 -12.373 7.367   1.00 26.63 ? 13  GLU B O   1 
ATOM   590  C CB  . GLU B 1 13 ? -12.615 -13.895 5.233   1.00 32.69 ? 13  GLU B CB  1 
ATOM   591  C CG  . GLU B 1 13 ? -13.528 -12.755 5.655   1.00 40.49 ? 13  GLU B CG  1 
ATOM   592  C CD  . GLU B 1 13 ? -15.014 -13.114 5.718   1.00 46.80 ? 13  GLU B CD  1 
ATOM   593  O OE1 . GLU B 1 13 ? -15.496 -13.852 4.818   1.00 49.30 ? 13  GLU B OE1 1 
ATOM   594  O OE2 . GLU B 1 13 ? -15.696 -12.627 6.664   1.00 52.47 ? 13  GLU B OE2 1 
ATOM   595  N N   . GLU B 1 14 ? -10.405 -14.575 7.541   1.00 26.55 ? 14  GLU B N   1 
ATOM   596  C CA  . GLU B 1 14 ? -9.824  -14.587 8.881   1.00 28.61 ? 14  GLU B CA  1 
ATOM   597  C C   . GLU B 1 14 ? -8.503  -13.850 9.036   1.00 25.10 ? 14  GLU B C   1 
ATOM   598  O O   . GLU B 1 14 ? -8.330  -13.122 10.029  1.00 22.83 ? 14  GLU B O   1 
ATOM   599  C CB  . GLU B 1 14 ? -9.587  -16.050 9.283   1.00 34.73 ? 14  GLU B CB  1 
ATOM   600  C CG  . GLU B 1 14 ? -8.776  -16.284 10.553  1.00 40.37 ? 14  GLU B CG  1 
ATOM   601  C CD  . GLU B 1 14 ? -9.541  -15.799 11.768  1.00 47.32 ? 14  GLU B CD  1 
ATOM   602  O OE1 . GLU B 1 14 ? -10.707 -16.265 11.944  1.00 53.90 ? 14  GLU B OE1 1 
ATOM   603  O OE2 . GLU B 1 14 ? -9.001  -14.931 12.506  1.00 56.08 ? 14  GLU B OE2 1 
ATOM   604  N N   . GLN B 1 15 ? -7.552  -14.112 8.142   1.00 24.76 ? 15  GLN B N   1 
ATOM   605  C CA  . GLN B 1 15 ? -6.286  -13.357 8.182   1.00 23.62 ? 15  GLN B CA  1 
ATOM   606  C C   . GLN B 1 15 ? -6.540  -11.877 7.911   1.00 22.62 ? 15  GLN B C   1 
ATOM   607  O O   . GLN B 1 15 ? -5.910  -11.034 8.567   1.00 21.00 ? 15  GLN B O   1 
ATOM   608  C CB  . GLN B 1 15 ? -5.227  -13.937 7.237   1.00 23.68 ? 15  GLN B CB  1 
ATOM   609  C CG  . GLN B 1 15 ? -4.712  -15.321 7.649   1.00 26.79 ? 15  GLN B CG  1 
ATOM   610  C CD  . GLN B 1 15 ? -3.872  -15.917 6.546   1.00 26.53 ? 15  GLN B CD  1 
ATOM   611  O OE1 . GLN B 1 15 ? -4.345  -16.042 5.400   1.00 26.65 ? 15  GLN B OE1 1 
ATOM   612  N NE2 . GLN B 1 15 ? -2.629  -16.269 6.864   1.00 29.99 ? 15  GLN B NE2 1 
ATOM   613  N N   . LYS B 1 16 ? -7.446  -11.562 6.988   1.00 21.04 ? 16  LYS B N   1 
ATOM   614  C CA  . LYS B 1 16 ? -7.771  -10.183 6.703   1.00 21.92 ? 16  LYS B CA  1 
ATOM   615  C C   . LYS B 1 16 ? -8.346  -9.593  7.961   1.00 21.23 ? 16  LYS B C   1 
ATOM   616  O O   . LYS B 1 16 ? -8.136  -8.430  8.262   1.00 21.14 ? 16  LYS B O   1 
ATOM   617  C CB  . LYS B 1 16 ? -8.690  -9.995  5.531   1.00 24.16 ? 16  LYS B CB  1 
ATOM   618  C CG  . LYS B 1 16 ? -8.050  -10.484 4.259   1.00 29.00 ? 16  LYS B CG  1 
ATOM   619  C CD  . LYS B 1 16 ? -9.066  -10.414 3.137   1.00 29.63 ? 16  LYS B CD  1 
ATOM   620  C CE  . LYS B 1 16 ? -8.388  -10.685 1.847   1.00 32.70 ? 16  LYS B CE  1 
ATOM   621  N NZ  . LYS B 1 16 ? -9.496  -10.533 0.853   1.00 32.17 ? 16  LYS B NZ  1 
ATOM   622  N N   . ARG B 1 17 ? -9.193  -10.386 8.664   1.00 22.01 ? 17  ARG B N   1 
ATOM   623  C CA  . ARG B 1 17 ? -9.861  -9.880  9.840   1.00 22.15 ? 17  ARG B CA  1 
ATOM   624  C C   . ARG B 1 17 ? -8.778  -9.530  10.909  1.00 19.89 ? 17  ARG B C   1 
ATOM   625  O O   . ARG B 1 17 ? -8.836  -8.492  11.535  1.00 22.74 ? 17  ARG B O   1 
ATOM   626  C CB  . ARG B 1 17 ? -10.854 -10.954 10.372  1.00 26.84 ? 17  ARG B CB  1 
ATOM   627  C CG  . ARG B 1 17 ? -12.289 -10.482 10.548  1.00 33.65 ? 17  ARG B CG  1 
ATOM   628  C CD  . ARG B 1 17 ? -13.065 -11.415 11.541  1.00 31.76 ? 17  ARG B CD  1 
ATOM   629  N NE  . ARG B 1 17 ? -12.860 -12.830 11.221  1.00 35.66 ? 17  ARG B NE  1 
ATOM   630  C CZ  . ARG B 1 17 ? -13.487 -13.491 10.244  1.00 37.49 ? 17  ARG B CZ  1 
ATOM   631  N NH1 . ARG B 1 17 ? -14.431 -12.887 9.514   1.00 37.27 ? 17  ARG B NH1 1 
ATOM   632  N NH2 . ARG B 1 17 ? -13.203 -14.767 10.038  1.00 40.03 ? 17  ARG B NH2 1 
ATOM   633  N N   . ALA B 1 18 ? -7.723  -10.333 11.023  1.00 19.00 ? 18  ALA B N   1 
ATOM   634  C CA  . ALA B 1 18 ? -6.650  -10.143 11.980  1.00 21.47 ? 18  ALA B CA  1 
ATOM   635  C C   . ALA B 1 18 ? -5.758  -8.961  11.562  1.00 19.57 ? 18  ALA B C   1 
ATOM   636  O O   . ALA B 1 18 ? -5.339  -8.182  12.384  1.00 19.86 ? 18  ALA B O   1 
ATOM   637  C CB  . ALA B 1 18 ? -5.797  -11.407 12.076  1.00 22.35 ? 18  ALA B CB  1 
ATOM   638  N N   . VAL B 1 19 ? -5.551  -8.806  10.260  1.00 19.09 ? 19  VAL B N   1 
ATOM   639  C CA  . VAL B 1 19 ? -4.847  -7.586  9.831   1.00 18.47 ? 19  VAL B CA  1 
ATOM   640  C C   . VAL B 1 19 ? -5.601  -6.354  10.318  1.00 17.42 ? 19  VAL B C   1 
ATOM   641  O O   . VAL B 1 19 ? -5.034  -5.365  10.892  1.00 19.06 ? 19  VAL B O   1 
ATOM   642  C CB  . VAL B 1 19 ? -4.756  -7.559  8.267   1.00 17.32 ? 19  VAL B CB  1 
ATOM   643  C CG1 . VAL B 1 19 ? -4.263  -6.208  7.736   1.00 19.84 ? 19  VAL B CG1 1 
ATOM   644  C CG2 . VAL B 1 19 ? -3.811  -8.674  7.827   1.00 19.08 ? 19  VAL B CG2 1 
ATOM   645  N N   . ILE B 1 20 ? -6.889  -6.256  10.019  1.00 15.82 ? 20  ILE B N   1 
ATOM   646  C CA  . ILE B 1 20 ? -7.615  -5.097  10.404  1.00 18.52 ? 20  ILE B CA  1 
ATOM   647  C C   . ILE B 1 20 ? -7.632  -4.907  11.927  1.00 19.94 ? 20  ILE B C   1 
ATOM   648  O O   . ILE B 1 20 ? -7.439  -3.819  12.403  1.00 19.38 ? 20  ILE B O   1 
ATOM   649  C CB  . ILE B 1 20 ? -9.062  -5.208  9.863   1.00 20.73 ? 20  ILE B CB  1 
ATOM   650  C CG1 . ILE B 1 20 ? -9.137  -4.925  8.344   1.00 20.86 ? 20  ILE B CG1 1 
ATOM   651  C CG2 . ILE B 1 20 ? -9.986  -4.222  10.587  1.00 24.04 ? 20  ILE B CG2 1 
ATOM   652  C CD1 . ILE B 1 20 ? -10.404 -5.500  7.679   1.00 22.75 ? 20  ILE B CD1 1 
ATOM   653  N N   . GLU B 1 21 ? -7.822  -5.993  12.679  1.00 20.76 ? 21  GLU B N   1 
ATOM   654  C CA  . GLU B 1 21 ? -7.834  -5.855  14.115  1.00 23.41 ? 21  GLU B CA  1 
ATOM   655  C C   . GLU B 1 21 ? -6.466  -5.432  14.660  1.00 21.76 ? 21  GLU B C   1 
ATOM   656  O O   . GLU B 1 21 ? -6.399  -4.480  15.452  1.00 22.56 ? 21  GLU B O   1 
ATOM   657  C CB  . GLU B 1 21 ? -8.321  -7.165  14.722  1.00 27.37 ? 21  GLU B CB  1 
ATOM   658  C CG  . GLU B 1 21 ? -8.765  -7.052  16.157  1.00 36.00 ? 21  GLU B CG  1 
ATOM   659  C CD  . GLU B 1 21 ? -9.136  -8.416  16.693  1.00 44.51 ? 21  GLU B CD  1 
ATOM   660  O OE1 . GLU B 1 21 ? -9.621  -8.453  17.840  1.00 51.89 ? 21  GLU B OE1 1 
ATOM   661  O OE2 . GLU B 1 21 ? -8.944  -9.437  15.954  1.00 38.20 ? 21  GLU B OE2 1 
ATOM   662  N N   . LYS B 1 22 ? -5.410  -6.144  14.298  1.00 20.58 ? 22  LYS B N   1 
ATOM   663  C CA  . LYS B 1 22 ? -4.083  -5.882  14.885  1.00 23.03 ? 22  LYS B CA  1 
ATOM   664  C C   . LYS B 1 22 ? -3.476  -4.593  14.420  1.00 23.01 ? 22  LYS B C   1 
ATOM   665  O O   . LYS B 1 22 ? -2.786  -3.910  15.177  1.00 21.21 ? 22  LYS B O   1 
ATOM   666  C CB  . LYS B 1 22 ? -3.129  -7.067  14.674  1.00 21.71 ? 22  LYS B CB  1 
ATOM   667  C CG  . LYS B 1 22 ? -3.624  -8.334  15.431  1.00 29.68 ? 22  LYS B CG  1 
ATOM   668  C CD  . LYS B 1 22 ? -2.755  -9.525  15.077  1.00 26.94 ? 22  LYS B CD  1 
ATOM   669  C CE  . LYS B 1 22 ? -3.476  -10.858 15.366  1.00 38.14 ? 22  LYS B CE  1 
ATOM   670  N NZ  . LYS B 1 22 ? -3.805  -10.908 16.817  1.00 43.13 ? 22  LYS B NZ  1 
ATOM   671  N N   . VAL B 1 23 ? -3.694  -4.229  13.155  1.00 18.94 ? 23  VAL B N   1 
ATOM   672  C CA  . VAL B 1 23 ? -3.108  -2.984  12.759  1.00 17.80 ? 23  VAL B CA  1 
ATOM   673  C C   . VAL B 1 23 ? -3.910  -1.834  13.379  1.00 19.40 ? 23  VAL B C   1 
ATOM   674  O O   . VAL B 1 23 ? -3.322  -0.837  13.707  1.00 21.27 ? 23  VAL B O   1 
ATOM   675  C CB  . VAL B 1 23 ? -3.160  -2.897  11.207  1.00 17.57 ? 23  VAL B CB  1 
ATOM   676  C CG1 . VAL B 1 23 ? -2.787  -1.493  10.717  1.00 18.94 ? 23  VAL B CG1 1 
ATOM   677  C CG2 . VAL B 1 23 ? -2.261  -3.958  10.575  1.00 20.44 ? 23  VAL B CG2 1 
ATOM   678  N N   . THR B 1 24 ? -5.223  -1.972  13.535  1.00 20.28 ? 24  THR B N   1 
ATOM   679  C CA  . THR B 1 24 ? -6.000  -0.978  14.314  1.00 22.57 ? 24  THR B CA  1 
ATOM   680  C C   . THR B 1 24 ? -5.472  -0.794  15.723  1.00 23.47 ? 24  THR B C   1 
ATOM   681  O O   . THR B 1 24 ? -5.215  0.317   16.104  1.00 22.68 ? 24  THR B O   1 
ATOM   682  C CB  . THR B 1 24 ? -7.487  -1.304  14.337  1.00 24.71 ? 24  THR B CB  1 
ATOM   683  O OG1 . THR B 1 24 ? -7.972  -1.249  12.993  1.00 25.92 ? 24  THR B OG1 1 
ATOM   684  C CG2 . THR B 1 24 ? -8.297  -0.238  15.136  1.00 24.89 ? 24  THR B CG2 1 
ATOM   685  N N   . GLN B 1 25 ? -5.197  -1.877  16.443  1.00 25.67 ? 25  GLN B N   1 
ATOM   686  C CA  . GLN B 1 25 ? -4.666  -1.781  17.815  1.00 25.30 ? 25  GLN B CA  1 
ATOM   687  C C   . GLN B 1 25 ? -3.269  -1.149  17.793  1.00 26.87 ? 25  GLN B C   1 
ATOM   688  O O   . GLN B 1 25 ? -2.899  -0.335  18.661  1.00 21.85 ? 25  GLN B O   1 
ATOM   689  C CB  . GLN B 1 25 ? -4.678  -3.215  18.427  1.00 29.84 ? 25  GLN B CB  1 
ATOM   690  C CG  . GLN B 1 25 ? -4.165  -3.362  19.842  1.00 36.16 ? 25  GLN B CG  1 
ATOM   691  C CD  . GLN B 1 25 ? -3.917  -4.820  20.267  1.00 43.54 ? 25  GLN B CD  1 
ATOM   692  O OE1 . GLN B 1 25 ? -4.434  -5.768  19.639  1.00 52.63 ? 25  GLN B OE1 1 
ATOM   693  N NE2 . GLN B 1 25 ? -3.106  -5.009  21.341  1.00 41.50 ? 25  GLN B NE2 1 
ATOM   694  N N   . ALA B 1 26 ? -2.459  -1.491  16.755  1.00 21.91 ? 26  ALA B N   1 
ATOM   695  C CA  . ALA B 1 26 ? -1.128  -0.915  16.644  1.00 22.35 ? 26  ALA B CA  1 
ATOM   696  C C   . ALA B 1 26 ? -1.223  0.619   16.487  1.00 22.01 ? 26  ALA B C   1 
ATOM   697  O O   . ALA B 1 26 ? -0.432  1.377   17.096  1.00 22.94 ? 26  ALA B O   1 
ATOM   698  C CB  . ALA B 1 26 ? -0.366  -1.551  15.471  1.00 23.77 ? 26  ALA B CB  1 
ATOM   699  N N   . MET B 1 27 ? -2.176  1.064   15.680  1.00 21.69 ? 27  MET B N   1 
ATOM   700  C CA  . MET B 1 27 ? -2.303  2.504   15.402  1.00 22.52 ? 27  MET B CA  1 
ATOM   701  C C   . MET B 1 27 ? -2.838  3.216   16.647  1.00 23.16 ? 27  MET B C   1 
ATOM   702  O O   . MET B 1 27 ? -2.354  4.299   17.042  1.00 21.91 ? 27  MET B O   1 
ATOM   703  C CB  . MET B 1 27 ? -3.230  2.713   14.217  1.00 24.55 ? 27  MET B CB  1 
ATOM   704  C CG  . MET B 1 27 ? -2.601  2.275   12.917  1.00 27.66 ? 27  MET B CG  1 
ATOM   705  S SD  . MET B 1 27 ? -1.013  3.031   12.616  1.00 31.87 ? 27  MET B SD  1 
ATOM   706  C CE  . MET B 1 27 ? -1.441  4.795   12.692  1.00 35.09 ? 27  MET B CE  1 
ATOM   707  N N   . MET B 1 28 ? -3.803  2.594   17.288  1.00 23.67 ? 28  MET B N   1 
ATOM   708  C CA  . MET B 1 28 ? -4.224  3.075   18.672  1.00 22.21 ? 28  MET B CA  1 
ATOM   709  C C   . MET B 1 28 ? -3.082  3.163   19.659  1.00 23.54 ? 28  MET B C   1 
ATOM   710  O O   . MET B 1 28 ? -2.923  4.266   20.331  1.00 24.11 ? 28  MET B O   1 
ATOM   711  C CB  . MET B 1 28 ? -5.299  2.198   19.219  1.00 25.00 ? 28  MET B CB  1 
ATOM   712  C CG  . MET B 1 28 ? -6.599  2.253   18.513  1.00 29.20 ? 28  MET B CG  1 
ATOM   713  S SD  . MET B 1 28 ? -7.557  0.844   19.121  1.00 37.84 ? 28  MET B SD  1 
ATOM   714  C CE  . MET B 1 28 ? -7.486  1.046   20.941  1.00 24.47 ? 28  MET B CE  1 
ATOM   715  N N   . GLU B 1 29 ? -2.274  2.085   19.811  1.00 23.54 ? 29  GLU B N   1 
ATOM   716  C CA  . GLU B 1 29 ? -1.137  2.235   20.731  1.00 22.13 ? 29  GLU B CA  1 
ATOM   717  C C   . GLU B 1 29 ? -0.116  3.300   20.358  1.00 24.94 ? 29  GLU B C   1 
ATOM   718  O O   . GLU B 1 29 ? 0.298   4.093   21.160  1.00 24.68 ? 29  GLU B O   1 
ATOM   719  C CB  . GLU B 1 29 ? -0.444  0.897   21.002  1.00 22.45 ? 29  GLU B CB  1 
ATOM   720  C CG  . GLU B 1 29 ? -1.408  -0.063  21.629  1.00 23.40 ? 29  GLU B CG  1 
ATOM   721  C CD  . GLU B 1 29 ? -0.923  -1.486  21.607  1.00 20.86 ? 29  GLU B CD  1 
ATOM   722  O OE1 . GLU B 1 29 ? 0.243   -1.710  21.209  1.00 24.13 ? 29  GLU B OE1 1 
ATOM   723  O OE2 . GLU B 1 29 ? -1.716  -2.383  22.032  1.00 20.37 ? 29  GLU B OE2 1 
ATOM   724  N N   . ALA B 1 30 ? 0.267   3.361   19.060  1.00 24.28 ? 30  ALA B N   1 
ATOM   725  C CA  . ALA B 1 30 ? 1.408   4.136   18.596  1.00 21.80 ? 30  ALA B CA  1 
ATOM   726  C C   . ALA B 1 30 ? 1.098   5.612   18.608  1.00 21.06 ? 30  ALA B C   1 
ATOM   727  O O   . ALA B 1 30 ? 1.915   6.416   19.004  1.00 24.72 ? 30  ALA B O   1 
ATOM   728  C CB  . ALA B 1 30 ? 1.636   3.706   17.144  1.00 20.66 ? 30  ALA B CB  1 
ATOM   729  N N   . VAL B 1 31 ? -0.142  5.957   18.211  1.00 20.54 ? 31  VAL B N   1 
ATOM   730  C CA  . VAL B 1 31 ? -0.551  7.374   18.080  1.00 22.42 ? 31  VAL B CA  1 
ATOM   731  C C   . VAL B 1 31 ? -1.768  7.853   18.906  1.00 20.65 ? 31  VAL B C   1 
ATOM   732  O O   . VAL B 1 31 ? -2.195  9.027   18.802  1.00 19.30 ? 31  VAL B O   1 
ATOM   733  C CB  . VAL B 1 31 ? -0.615  7.873   16.602  1.00 21.54 ? 31  VAL B CB  1 
ATOM   734  C CG1 . VAL B 1 31 ? 0.647   7.509   15.798  1.00 23.61 ? 31  VAL B CG1 1 
ATOM   735  C CG2 . VAL B 1 31 ? -1.814  7.219   15.987  1.00 22.11 ? 31  VAL B CG2 1 
ATOM   736  N N   . GLY B 1 32 ? -2.397  6.943   19.694  1.00 21.45 ? 32  GLY B N   1 
ATOM   737  C CA  . GLY B 1 32 ? -3.468  7.249   20.610  1.00 21.48 ? 32  GLY B CA  1 
ATOM   738  C C   . GLY B 1 32 ? -4.738  7.590   19.886  1.00 23.93 ? 32  GLY B C   1 
ATOM   739  O O   . GLY B 1 32 ? -5.601  8.277   20.412  1.00 26.31 ? 32  GLY B O   1 
ATOM   740  N N   . ALA B 1 33 ? -4.892  7.110   18.667  1.00 23.27 ? 33  ALA B N   1 
ATOM   741  C CA  . ALA B 1 33 ? -6.113  7.432   17.946  1.00 26.93 ? 33  ALA B CA  1 
ATOM   742  C C   . ALA B 1 33 ? -7.319  6.719   18.583  1.00 29.30 ? 33  ALA B C   1 
ATOM   743  O O   . ALA B 1 33 ? -7.194  5.550   18.935  1.00 28.52 ? 33  ALA B O   1 
ATOM   744  C CB  . ALA B 1 33 ? -5.942  7.021   16.500  1.00 27.84 ? 33  ALA B CB  1 
ATOM   745  N N   . PRO B 1 34 ? -8.510  7.416   18.679  1.00 28.99 ? 34  PRO B N   1 
ATOM   746  C CA  . PRO B 1 34 ? -9.701  6.746   19.146  1.00 30.48 ? 34  PRO B CA  1 
ATOM   747  C C   . PRO B 1 34 ? -9.940  5.603   18.146  1.00 32.47 ? 34  PRO B C   1 
ATOM   748  O O   . PRO B 1 34 ? -9.812  5.833   16.928  1.00 29.82 ? 34  PRO B O   1 
ATOM   749  C CB  . PRO B 1 34 ? -10.791 7.818   19.004  1.00 31.93 ? 34  PRO B CB  1 
ATOM   750  C CG  . PRO B 1 34 ? -10.020 9.107   18.865  1.00 32.99 ? 34  PRO B CG  1 
ATOM   751  C CD  . PRO B 1 34 ? -8.845  8.713   18.031  1.00 29.60 ? 34  PRO B CD  1 
ATOM   752  N N   . LYS B 1 35 ? -10.156 4.400   18.688  1.00 31.00 ? 35  LYS B N   1 
ATOM   753  C CA  . LYS B 1 35 ? -10.349 3.191   17.883  1.00 31.96 ? 35  LYS B CA  1 
ATOM   754  C C   . LYS B 1 35 ? -11.249 3.482   16.691  1.00 33.94 ? 35  LYS B C   1 
ATOM   755  O O   . LYS B 1 35 ? -10.957 3.066   15.544  1.00 27.57 ? 35  LYS B O   1 
ATOM   756  C CB  . LYS B 1 35 ? -10.944 2.104   18.762  1.00 37.24 ? 35  LYS B CB  1 
ATOM   757  C CG  . LYS B 1 35 ? -10.899 0.711   18.150  1.00 44.08 ? 35  LYS B CG  1 
ATOM   758  C CD  . LYS B 1 35 ? -11.955 -0.179  18.777  1.00 45.69 ? 35  LYS B CD  1 
ATOM   759  C CE  . LYS B 1 35 ? -13.333 0.159   18.203  1.00 55.42 ? 35  LYS B CE  1 
ATOM   760  N NZ  . LYS B 1 35 ? -14.469 -0.573  18.833  1.00 56.84 ? 35  LYS B NZ  1 
ATOM   761  N N   . GLU B 1 36 ? -12.318 4.233   16.907  1.00 35.93 ? 36  GLU B N   1 
ATOM   762  C CA  . GLU B 1 36 ? -13.316 4.447   15.849  1.00 36.32 ? 36  GLU B CA  1 
ATOM   763  C C   . GLU B 1 36 ? -12.901 5.503   14.786  1.00 33.44 ? 36  GLU B C   1 
ATOM   764  O O   . GLU B 1 36 ? -13.643 5.803   13.866  1.00 40.90 ? 36  GLU B O   1 
ATOM   765  C CB  . GLU B 1 36 ? -14.750 4.637   16.445  1.00 43.07 ? 36  GLU B CB  1 
ATOM   766  C CG  . GLU B 1 36 ? -15.056 5.993   17.111  1.00 47.96 ? 36  GLU B CG  1 
ATOM   767  C CD  . GLU B 1 36 ? -14.241 6.281   18.379  1.00 47.94 ? 36  GLU B CD  1 
ATOM   768  O OE1 . GLU B 1 36 ? -13.685 5.334   19.004  1.00 46.89 ? 36  GLU B OE1 1 
ATOM   769  O OE2 . GLU B 1 36 ? -14.164 7.480   18.755  1.00 47.36 ? 36  GLU B OE2 1 
ATOM   770  N N   . ASN B 1 37 ? -11.692 6.028   14.911  1.00 36.73 ? 37  ASN B N   1 
ATOM   771  C CA  . ASN B 1 37 ? -11.188 6.967   13.927  1.00 36.29 ? 37  ASN B CA  1 
ATOM   772  C C   . ASN B 1 37 ? -10.172 6.317   13.008  1.00 37.78 ? 37  ASN B C   1 
ATOM   773  O O   . ASN B 1 37 ? -9.616  7.007   12.100  1.00 38.05 ? 37  ASN B O   1 
ATOM   774  C CB  . ASN B 1 37 ? -10.509 8.133   14.619  1.00 42.09 ? 37  ASN B CB  1 
ATOM   775  C CG  . ASN B 1 37 ? -11.514 9.152   15.145  1.00 43.92 ? 37  ASN B CG  1 
ATOM   776  O OD1 . ASN B 1 37 ? -11.165 10.307  15.352  1.00 46.26 ? 37  ASN B OD1 1 
ATOM   777  N ND2 . ASN B 1 37 ? -12.769 8.732   15.311  1.00 41.51 ? 37  ASN B ND2 1 
ATOM   778  N N   . VAL B 1 38 ? -9.930  5.024   13.247  1.00 32.02 ? 38  VAL B N   1 
ATOM   779  C CA  . VAL B 1 38 ? -8.869  4.270   12.569  1.00 24.70 ? 38  VAL B CA  1 
ATOM   780  C C   . VAL B 1 38 ? -9.485  3.491   11.424  1.00 24.30 ? 38  VAL B C   1 
ATOM   781  O O   . VAL B 1 38 ? -10.426 2.733   11.625  1.00 23.19 ? 38  VAL B O   1 
ATOM   782  C CB  . VAL B 1 38 ? -8.118  3.307   13.475  1.00 24.65 ? 38  VAL B CB  1 
ATOM   783  C CG1 . VAL B 1 38 ? -7.001  2.565   12.747  1.00 26.86 ? 38  VAL B CG1 1 
ATOM   784  C CG2 . VAL B 1 38 ? -7.586  4.047   14.675  1.00 26.19 ? 38  VAL B CG2 1 
ATOM   785  N N   . ARG B 1 39 ? -9.058  3.816   10.191  1.00 22.29 ? 39  ARG B N   1 
ATOM   786  C CA  . ARG B 1 39 ? -9.453  3.058   9.059   1.00 22.39 ? 39  ARG B CA  1 
ATOM   787  C C   . ARG B 1 39 ? -8.226  2.282   8.574   1.00 19.32 ? 39  ARG B C   1 
ATOM   788  O O   . ARG B 1 39 ? -7.154  2.846   8.391   1.00 21.17 ? 39  ARG B O   1 
ATOM   789  C CB  . ARG B 1 39 ? -10.026 3.886   7.879   1.00 24.17 ? 39  ARG B CB  1 
ATOM   790  C CG  . ARG B 1 39 ? -11.064 4.943   8.288   1.00 36.76 ? 39  ARG B CG  1 
ATOM   791  C CD  . ARG B 1 39 ? -12.340 4.200   8.640   1.00 41.38 ? 39  ARG B CD  1 
ATOM   792  N NE  . ARG B 1 39 ? -13.578 4.889   8.270   1.00 54.43 ? 39  ARG B NE  1 
ATOM   793  C CZ  . ARG B 1 39 ? -14.059 5.994   8.846   1.00 59.32 ? 39  ARG B CZ  1 
ATOM   794  N NH1 . ARG B 1 39 ? -13.392 6.603   9.833   1.00 63.39 ? 39  ARG B NH1 1 
ATOM   795  N NH2 . ARG B 1 39 ? -15.217 6.497   8.417   1.00 62.82 ? 39  ARG B NH2 1 
ATOM   796  N N   . VAL B 1 40 ? -8.458  1.006   8.299   1.00 16.99 ? 40  VAL B N   1 
ATOM   797  C CA  . VAL B 1 40 ? -7.475  0.129   7.708   1.00 19.49 ? 40  VAL B CA  1 
ATOM   798  C C   . VAL B 1 40 ? -8.095  -0.495  6.512   1.00 19.77 ? 40  VAL B C   1 
ATOM   799  O O   . VAL B 1 40 ? -9.147  -1.082  6.619   1.00 22.36 ? 40  VAL B O   1 
ATOM   800  C CB  . VAL B 1 40 ? -7.123  -0.969  8.662   1.00 18.72 ? 40  VAL B CB  1 
ATOM   801  C CG1 . VAL B 1 40 ? -6.219  -1.979  7.966   1.00 20.21 ? 40  VAL B CG1 1 
ATOM   802  C CG2 . VAL B 1 40 ? -6.455  -0.418  9.913   1.00 22.71 ? 40  VAL B CG2 1 
ATOM   803  N N   . TRP B 1 41 ? -7.419  -0.455  5.357   1.00 16.68 ? 41  TRP B N   1 
ATOM   804  C CA  . TRP B 1 41 ? -7.980  -1.215  4.235   1.00 16.75 ? 41  TRP B CA  1 
ATOM   805  C C   . TRP B 1 41 ? -6.905  -1.917  3.434   1.00 17.53 ? 41  TRP B C   1 
ATOM   806  O O   . TRP B 1 41 ? -5.742  -1.594  3.504   1.00 17.05 ? 41  TRP B O   1 
ATOM   807  C CB  . TRP B 1 41 ? -8.882  -0.382  3.303   1.00 17.98 ? 41  TRP B CB  1 
ATOM   808  C CG  . TRP B 1 41 ? -8.133  0.617   2.424   1.00 20.00 ? 41  TRP B CG  1 
ATOM   809  C CD1 . TRP B 1 41 ? -7.778  0.465   1.076   1.00 20.21 ? 41  TRP B CD1 1 
ATOM   810  C CD2 . TRP B 1 41 ? -7.720  1.982   2.768   1.00 22.82 ? 41  TRP B CD2 1 
ATOM   811  N NE1 . TRP B 1 41 ? -7.191  1.605   0.570   1.00 21.72 ? 41  TRP B NE1 1 
ATOM   812  C CE2 . TRP B 1 41 ? -7.061  2.542   1.553   1.00 22.98 ? 41  TRP B CE2 1 
ATOM   813  C CE3 . TRP B 1 41 ? -7.734  2.753   3.948   1.00 27.94 ? 41  TRP B CE3 1 
ATOM   814  C CZ2 . TRP B 1 41 ? -6.513  3.825   1.541   1.00 29.71 ? 41  TRP B CZ2 1 
ATOM   815  C CZ3 . TRP B 1 41 ? -7.166  4.044   3.910   1.00 34.52 ? 41  TRP B CZ3 1 
ATOM   816  C CH2 . TRP B 1 41 ? -6.563  4.555   2.729   1.00 33.55 ? 41  TRP B CH2 1 
ATOM   817  N N   . ILE B 1 42 ? -7.326  -2.976  2.763   1.00 16.95 ? 42  ILE B N   1 
ATOM   818  C CA  . ILE B 1 42 ? -6.441  -3.967  2.250   1.00 16.47 ? 42  ILE B CA  1 
ATOM   819  C C   . ILE B 1 42 ? -6.653  -4.092  0.750   1.00 14.56 ? 42  ILE B C   1 
ATOM   820  O O   . ILE B 1 42 ? -7.778  -4.090  0.235   1.00 16.82 ? 42  ILE B O   1 
ATOM   821  C CB  . ILE B 1 42 ? -6.728  -5.363  2.917   1.00 15.77 ? 42  ILE B CB  1 
ATOM   822  C CG1 . ILE B 1 42 ? -6.512  -5.274  4.408   1.00 16.69 ? 42  ILE B CG1 1 
ATOM   823  C CG2 . ILE B 1 42 ? -5.815  -6.436  2.254   1.00 19.63 ? 42  ILE B CG2 1 
ATOM   824  C CD1 . ILE B 1 42 ? -7.061  -6.516  5.095   1.00 16.56 ? 42  ILE B CD1 1 
ATOM   825  N N   . HIS B 1 43 ? -5.515  -4.099  0.017   1.00 14.59 ? 43  HIS B N   1 
ATOM   826  C CA  . HIS B 1 43 ? -5.515  -4.404  -1.463  1.00 15.97 ? 43  HIS B CA  1 
ATOM   827  C C   . HIS B 1 43 ? -4.964  -5.800  -1.642  1.00 15.64 ? 43  HIS B C   1 
ATOM   828  O O   . HIS B 1 43 ? -3.840  -6.078  -1.197  1.00 16.90 ? 43  HIS B O   1 
ATOM   829  C CB  . HIS B 1 43 ? -4.580  -3.408  -2.221  1.00 16.38 ? 43  HIS B CB  1 
ATOM   830  C CG  . HIS B 1 43 ? -5.084  -1.982  -2.227  1.00 21.63 ? 43  HIS B CG  1 
ATOM   831  N ND1 . HIS B 1 43 ? -6.056  -1.541  -3.087  1.00 25.48 ? 43  HIS B ND1 1 
ATOM   832  C CD2 . HIS B 1 43 ? -4.731  -0.895  -1.448  1.00 22.40 ? 43  HIS B CD2 1 
ATOM   833  C CE1 . HIS B 1 43 ? -6.318  -0.248  -2.839  1.00 26.75 ? 43  HIS B CE1 1 
ATOM   834  N NE2 . HIS B 1 43 ? -5.525  0.151   -1.830  1.00 22.91 ? 43  HIS B NE2 1 
ATOM   835  N N   . ASP B 1 44 ? -5.699  -6.681  -2.310  1.00 17.03 ? 44  ASP B N   1 
ATOM   836  C CA  . ASP B 1 44 ? -5.214  -8.019  -2.661  1.00 16.42 ? 44  ASP B CA  1 
ATOM   837  C C   . ASP B 1 44 ? -4.557  -7.850  -4.071  1.00 17.43 ? 44  ASP B C   1 
ATOM   838  O O   . ASP B 1 44 ? -5.215  -7.401  -5.033  1.00 20.05 ? 44  ASP B O   1 
ATOM   839  C CB  . ASP B 1 44 ? -6.422  -8.987  -2.742  1.00 17.25 ? 44  ASP B CB  1 
ATOM   840  C CG  . ASP B 1 44 ? -7.004  -9.269  -1.371  1.00 20.82 ? 44  ASP B CG  1 
ATOM   841  O OD1 . ASP B 1 44 ? -6.255  -9.509  -0.447  1.00 28.83 ? 44  ASP B OD1 1 
ATOM   842  O OD2 . ASP B 1 44 ? -8.202  -9.221  -1.307  1.00 23.96 ? 44  ASP B OD2 1 
ATOM   843  N N   . VAL B 1 45 ? -3.266  -8.161  -4.134  1.00 15.98 ? 45  VAL B N   1 
ATOM   844  C CA  . VAL B 1 45 ? -2.612  -7.960  -5.453  1.00 16.30 ? 45  VAL B CA  1 
ATOM   845  C C   . VAL B 1 45 ? -2.438  -9.356  -6.079  1.00 15.12 ? 45  VAL B C   1 
ATOM   846  O O   . VAL B 1 45 ? -1.793  -10.227 -5.452  1.00 16.58 ? 45  VAL B O   1 
ATOM   847  C CB  . VAL B 1 45 ? -1.229  -7.339  -5.218  1.00 16.76 ? 45  VAL B CB  1 
ATOM   848  C CG1 . VAL B 1 45 ? -0.528  -7.060  -6.543  1.00 16.98 ? 45  VAL B CG1 1 
ATOM   849  C CG2 . VAL B 1 45 ? -1.303  -5.987  -4.449  1.00 19.87 ? 45  VAL B CG2 1 
ATOM   850  N N   . PRO B 1 46 ? -2.838  -9.498  -7.357  1.00 14.79 ? 46  PRO B N   1 
ATOM   851  C CA  . PRO B 1 46 ? -2.693  -10.802 -7.982  1.00 14.98 ? 46  PRO B CA  1 
ATOM   852  C C   . PRO B 1 46 ? -1.211  -11.175 -8.127  1.00 15.36 ? 46  PRO B C   1 
ATOM   853  O O   . PRO B 1 46 ? -0.333  -10.278 -8.235  1.00 15.14 ? 46  PRO B O   1 
ATOM   854  C CB  . PRO B 1 46 ? -3.256  -10.558 -9.354  1.00 14.88 ? 46  PRO B CB  1 
ATOM   855  C CG  . PRO B 1 46 ? -4.345  -9.503  -9.205  1.00 16.34 ? 46  PRO B CG  1 
ATOM   856  C CD  . PRO B 1 46 ? -3.637  -8.568  -8.154  1.00 14.94 ? 46  PRO B CD  1 
ATOM   857  N N   . LYS B 1 47 ? -0.954  -12.468 -8.166  1.00 16.40 ? 47  LYS B N   1 
ATOM   858  C CA  . LYS B 1 47 ? 0.437   -12.922 -8.185  1.00 14.74 ? 47  LYS B CA  1 
ATOM   859  C C   . LYS B 1 47 ? 1.157   -12.521 -9.514  1.00 14.73 ? 47  LYS B C   1 
ATOM   860  O O   . LYS B 1 47 ? 2.384   -12.312 -9.458  1.00 15.60 ? 47  LYS B O   1 
ATOM   861  C CB  . LYS B 1 47 ? 0.489   -14.450 -7.962  1.00 16.64 ? 47  LYS B CB  1 
ATOM   862  C CG  . LYS B 1 47 ? -0.091  -14.835 -6.634  1.00 20.23 ? 47  LYS B CG  1 
ATOM   863  C CD  . LYS B 1 47 ? 0.334   -16.238 -6.257  1.00 25.83 ? 47  LYS B CD  1 
ATOM   864  C CE  . LYS B 1 47 ? -0.503  -16.700 -5.042  1.00 28.10 ? 47  LYS B CE  1 
ATOM   865  N NZ  . LYS B 1 47 ? -0.407  -18.211 -5.112  1.00 31.29 ? 47  LYS B NZ  1 
ATOM   866  N N   . GLU B 1 48 ? 0.421   -12.324 -10.590 1.00 16.24 ? 48  GLU B N   1 
ATOM   867  C CA  . GLU B 1 48 ? 0.957   -11.807 -11.901 1.00 18.15 ? 48  GLU B CA  1 
ATOM   868  C C   . GLU B 1 48 ? 1.275   -10.310 -11.817 1.00 19.05 ? 48  GLU B C   1 
ATOM   869  O O   . GLU B 1 48 ? 1.919   -9.775  -12.718 1.00 16.94 ? 48  GLU B O   1 
ATOM   870  C CB  . GLU B 1 48 ? -0.081  -11.954 -13.033 1.00 18.97 ? 48  GLU B CB  1 
ATOM   871  C CG  . GLU B 1 48 ? -0.435  -13.429 -13.316 1.00 23.45 ? 48  GLU B CG  1 
ATOM   872  C CD  . GLU B 1 48 ? -1.741  -13.787 -12.639 1.00 28.14 ? 48  GLU B CD  1 
ATOM   873  O OE1 . GLU B 1 48 ? -2.178  -13.126 -11.642 1.00 23.24 ? 48  GLU B OE1 1 
ATOM   874  O OE2 . GLU B 1 48 ? -2.375  -14.730 -13.170 1.00 30.63 ? 48  GLU B OE2 1 
ATOM   875  N N   . ASN B 1 49 ? 0.850   -9.639  -10.717 1.00 13.68 ? 49  ASN B N   1 
ATOM   876  C CA  . ASN B 1 49 ? 0.883   -8.215  -10.626 1.00 12.74 ? 49  ASN B CA  1 
ATOM   877  C C   . ASN B 1 49 ? 1.914   -7.747  -9.573  1.00 12.71 ? 49  ASN B C   1 
ATOM   878  O O   . ASN B 1 49 ? 1.984   -6.506  -9.434  1.00 15.19 ? 49  ASN B O   1 
ATOM   879  C CB  . ASN B 1 49 ? -0.461  -7.626  -10.188 1.00 14.56 ? 49  ASN B CB  1 
ATOM   880  C CG  . ASN B 1 49 ? -1.479  -7.663  -11.262 1.00 12.62 ? 49  ASN B CG  1 
ATOM   881  O OD1 . ASN B 1 49 ? -1.650  -8.688  -12.014 1.00 16.63 ? 49  ASN B OD1 1 
ATOM   882  N ND2 . ASN B 1 49 ? -2.253  -6.622  -11.313 1.00 13.42 ? 49  ASN B ND2 1 
ATOM   883  N N   . TRP B 1 50 ? 2.705   -8.601  -8.920  1.00 14.27 ? 50  TRP B N   1 
ATOM   884  C CA  . TRP B 1 50 ? 3.541   -8.200  -7.777  1.00 15.84 ? 50  TRP B CA  1 
ATOM   885  C C   . TRP B 1 50 ? 4.946   -8.642  -8.218  1.00 16.92 ? 50  TRP B C   1 
ATOM   886  O O   . TRP B 1 50 ? 5.109   -9.814  -8.580  1.00 18.60 ? 50  TRP B O   1 
ATOM   887  C CB  . TRP B 1 50 ? 3.030   -9.014  -6.509  1.00 17.34 ? 50  TRP B CB  1 
ATOM   888  C CG  . TRP B 1 50 ? 3.763   -8.723  -5.261  1.00 21.16 ? 50  TRP B CG  1 
ATOM   889  C CD1 . TRP B 1 50 ? 5.012   -9.129  -4.892  1.00 20.66 ? 50  TRP B CD1 1 
ATOM   890  C CD2 . TRP B 1 50 ? 3.204   -8.002  -4.074  1.00 27.52 ? 50  TRP B CD2 1 
ATOM   891  N NE1 . TRP B 1 50 ? 5.346   -8.680  -3.612  1.00 27.21 ? 50  TRP B NE1 1 
ATOM   892  C CE2 . TRP B 1 50 ? 4.243   -8.036  -3.045  1.00 31.42 ? 50  TRP B CE2 1 
ATOM   893  C CE3 . TRP B 1 50 ? 1.984   -7.391  -3.783  1.00 26.98 ? 50  TRP B CE3 1 
ATOM   894  C CZ2 . TRP B 1 50 ? 4.048   -7.417  -1.784  1.00 32.61 ? 50  TRP B CZ2 1 
ATOM   895  C CZ3 . TRP B 1 50 ? 1.789   -6.821  -2.475  1.00 29.47 ? 50  TRP B CZ3 1 
ATOM   896  C CH2 . TRP B 1 50 ? 2.764   -6.828  -1.535  1.00 26.56 ? 50  TRP B CH2 1 
ATOM   897  N N   . GLY B 1 51 ? 5.905   -7.776  -8.186  1.00 14.25 ? 51  GLY B N   1 
ATOM   898  C CA  . GLY B 1 51 ? 7.251   -8.155  -8.557  1.00 17.23 ? 51  GLY B CA  1 
ATOM   899  C C   . GLY B 1 51 ? 8.299   -7.946  -7.468  1.00 15.34 ? 51  GLY B C   1 
ATOM   900  O O   . GLY B 1 51 ? 8.207   -6.970  -6.737  1.00 13.41 ? 51  GLY B O   1 
ATOM   901  N N   . ILE B 1 52 ? 9.226   -8.860  -7.330  1.00 16.62 ? 52  ILE B N   1 
ATOM   902  C CA  . ILE B 1 52 ? 10.318  -8.733  -6.389  1.00 20.01 ? 52  ILE B CA  1 
ATOM   903  C C   . ILE B 1 52 ? 11.611  -8.988  -7.169  1.00 15.58 ? 52  ILE B C   1 
ATOM   904  O O   . ILE B 1 52 ? 11.719  -10.036 -7.868  1.00 16.67 ? 52  ILE B O   1 
ATOM   905  C CB  . ILE B 1 52 ? 10.208  -9.814  -5.304  1.00 23.52 ? 52  ILE B CB  1 
ATOM   906  C CG1 . ILE B 1 52 ? 8.777   -9.792  -4.681  1.00 25.97 ? 52  ILE B CG1 1 
ATOM   907  C CG2 . ILE B 1 52 ? 11.406  -9.725  -4.404  1.00 30.05 ? 52  ILE B CG2 1 
ATOM   908  C CD1 . ILE B 1 52 ? 8.309   -11.150 -4.172  1.00 29.37 ? 52  ILE B CD1 1 
ATOM   909  N N   . GLY B 1 53 ? 12.513  -8.015  -7.256  1.00 16.46 ? 53  GLY B N   1 
ATOM   910  C CA  . GLY B 1 53 ? 13.742  -8.160  -8.023  1.00 21.03 ? 53  GLY B CA  1 
ATOM   911  C C   . GLY B 1 53 ? 13.516  -8.414  -9.541  1.00 19.57 ? 53  GLY B C   1 
ATOM   912  O O   . GLY B 1 53 ? 14.249  -9.149  -10.209 1.00 24.30 ? 53  GLY B O   1 
ATOM   913  N N   . GLY B 1 54 ? 12.412  -7.910  -10.082 1.00 16.70 ? 54  GLY B N   1 
ATOM   914  C CA  . GLY B 1 54 ? 12.185  -7.983  -11.482 1.00 14.81 ? 54  GLY B CA  1 
ATOM   915  C C   . GLY B 1 54 ? 11.395  -9.233  -11.953 1.00 14.43 ? 54  GLY B C   1 
ATOM   916  O O   . GLY B 1 54 ? 11.216  -9.423  -13.143 1.00 15.32 ? 54  GLY B O   1 
ATOM   917  N N   . VAL B 1 55 ? 10.979  -10.055 -11.008 1.00 14.12 ? 55  VAL B N   1 
ATOM   918  C CA  . VAL B 1 55 ? 10.329  -11.397 -11.276 1.00 15.39 ? 55  VAL B CA  1 
ATOM   919  C C   . VAL B 1 55 ? 9.005   -11.384 -10.576 1.00 15.13 ? 55  VAL B C   1 
ATOM   920  O O   . VAL B 1 55 ? 8.889   -10.949 -9.418  1.00 16.43 ? 55  VAL B O   1 
ATOM   921  C CB  . VAL B 1 55 ? 11.201  -12.527 -10.722 1.00 16.52 ? 55  VAL B CB  1 
ATOM   922  C CG1 . VAL B 1 55 ? 10.577  -13.960 -10.906 1.00 17.20 ? 55  VAL B CG1 1 
ATOM   923  C CG2 . VAL B 1 55 ? 12.573  -12.394 -11.369 1.00 17.73 ? 55  VAL B CG2 1 
ATOM   924  N N   . SER B 1 56 ? 7.969   -11.857 -11.234 1.00 15.11 ? 56  SER B N   1 
ATOM   925  C CA  . SER B 1 56 ? 6.627   -11.847 -10.616 1.00 16.36 ? 56  SER B CA  1 
ATOM   926  C C   . SER B 1 56 ? 6.492   -12.867 -9.492  1.00 17.62 ? 56  SER B C   1 
ATOM   927  O O   . SER B 1 56 ? 7.173   -13.915 -9.471  1.00 15.36 ? 56  SER B O   1 
ATOM   928  C CB  . SER B 1 56 ? 5.545   -12.038 -11.653 1.00 17.95 ? 56  SER B CB  1 
ATOM   929  O OG  . SER B 1 56 ? 5.473   -13.473 -11.967 1.00 16.20 ? 56  SER B OG  1 
ATOM   930  N N   . ALA B 1 57 ? 5.641   -12.555 -8.502  1.00 15.26 ? 57  ALA B N   1 
ATOM   931  C CA  . ALA B 1 57 ? 5.302   -13.539 -7.479  1.00 16.74 ? 57  ALA B CA  1 
ATOM   932  C C   . ALA B 1 57 ? 4.832   -14.878 -8.058  1.00 16.82 ? 57  ALA B C   1 
ATOM   933  O O   . ALA B 1 57 ? 5.189   -15.924 -7.512  1.00 17.92 ? 57  ALA B O   1 
ATOM   934  C CB  . ALA B 1 57 ? 4.211   -13.031 -6.491  1.00 16.23 ? 57  ALA B CB  1 
ATOM   935  N N   . LYS B 1 58 ? 4.151   -14.844 -9.186  1.00 16.04 ? 58  LYS B N   1 
ATOM   936  C CA  . LYS B 1 58 ? 3.703   -16.065 -9.823  1.00 17.71 ? 58  LYS B CA  1 
ATOM   937  C C   . LYS B 1 58 ? 4.967   -16.883 -10.238 1.00 16.37 ? 58  LYS B C   1 
ATOM   938  O O   . LYS B 1 58 ? 5.024   -18.137 -9.924  1.00 18.15 ? 58  LYS B O   1 
ATOM   939  C CB  . LYS B 1 58 ? 2.803   -15.814 -11.025 1.00 18.47 ? 58  LYS B CB  1 
ATOM   940  C CG  . LYS B 1 58 ? 2.513   -17.123 -11.782 1.00 22.11 ? 58  LYS B CG  1 
ATOM   941  C CD  . LYS B 1 58 ? 1.541   -16.839 -12.945 1.00 24.21 ? 58  LYS B CD  1 
ATOM   942  C CE  . LYS B 1 58 ? 1.350   -18.034 -13.967 1.00 24.72 ? 58  LYS B CE  1 
ATOM   943  N NZ  . LYS B 1 58 ? 0.045   -17.792 -14.695 1.00 26.47 ? 58  LYS B NZ  1 
ATOM   944  N N   . ALA B 1 59 ? 5.945   -16.232 -10.876 1.00 14.04 ? 59  ALA B N   1 
ATOM   945  C CA  . ALA B 1 59 ? 7.210   -16.888 -11.295 1.00 14.50 ? 59  ALA B CA  1 
ATOM   946  C C   . ALA B 1 59 ? 7.938   -17.427 -10.083 1.00 17.51 ? 59  ALA B C   1 
ATOM   947  O O   . ALA B 1 59 ? 8.577   -18.511 -10.156 1.00 17.28 ? 59  ALA B O   1 
ATOM   948  C CB  . ALA B 1 59 ? 8.091   -15.949 -12.116 1.00 16.57 ? 59  ALA B CB  1 
ATOM   949  N N   . LEU B 1 60 ? 7.947   -16.675 -8.994  1.00 15.72 ? 60  LEU B N   1 
ATOM   950  C CA  . LEU B 1 60 ? 8.685   -17.036 -7.809  1.00 16.84 ? 60  LEU B CA  1 
ATOM   951  C C   . LEU B 1 60 ? 8.013   -18.156 -7.036  1.00 20.05 ? 60  LEU B C   1 
ATOM   952  O O   . LEU B 1 60 ? 8.639   -18.665 -6.055  1.00 21.56 ? 60  LEU B O   1 
ATOM   953  C CB  . LEU B 1 60 ? 8.767   -15.786 -6.913  1.00 16.65 ? 60  LEU B CB  1 
ATOM   954  C CG  . LEU B 1 60 ? 9.810   -14.800 -7.497  1.00 17.20 ? 60  LEU B CG  1 
ATOM   955  C CD1 . LEU B 1 60 ? 9.687   -13.470 -6.732  1.00 18.82 ? 60  LEU B CD1 1 
ATOM   956  C CD2 . LEU B 1 60 ? 11.274  -15.236 -7.577  1.00 19.89 ? 60  LEU B CD2 1 
ATOM   957  N N   . GLY B 1 61 ? 6.840   -18.592 -7.481  1.00 17.11 ? 61  GLY B N   1 
ATOM   958  C CA  . GLY B 1 61 ? 6.110   -19.746 -6.879  1.00 23.27 ? 61  GLY B CA  1 
ATOM   959  C C   . GLY B 1 61 ? 5.535   -19.347 -5.524  1.00 27.69 ? 61  GLY B C   1 
ATOM   960  O O   . GLY B 1 61 ? 5.322   -20.212 -4.653  1.00 34.21 ? 61  GLY B O   1 
ATOM   961  N N   . ARG B 1 62 ? 5.189   -18.075 -5.368  1.00 30.00 ? 62  ARG B N   1 
ATOM   962  C CA  . ARG B 1 62 ? 4.557   -17.621 -4.100  1.00 34.73 ? 62  ARG B CA  1 
ATOM   963  C C   . ARG B 1 62 ? 3.128   -18.099 -3.953  1.00 43.49 ? 62  ARG B C   1 
ATOM   964  O O   . ARG B 1 62 ? 2.475   -18.471 -4.952  1.00 41.65 ? 62  ARG B O   1 
ATOM   965  C CB  . ARG B 1 62 ? 4.548   -16.099 -3.987  1.00 35.22 ? 62  ARG B CB  1 
ATOM   966  C CG  . ARG B 1 62 ? 5.919   -15.477 -3.920  1.00 37.65 ? 62  ARG B CG  1 
ATOM   967  C CD  . ARG B 1 62 ? 6.609   -15.799 -2.616  1.00 43.58 ? 62  ARG B CD  1 
ATOM   968  N NE  . ARG B 1 62 ? 7.602   -14.779 -2.295  1.00 47.55 ? 62  ARG B NE  1 
ATOM   969  C CZ  . ARG B 1 62 ? 7.382   -13.775 -1.435  1.00 48.64 ? 62  ARG B CZ  1 
ATOM   970  N NH1 . ARG B 1 62 ? 6.208   -13.653 -0.812  1.00 46.10 ? 62  ARG B NH1 1 
ATOM   971  N NH2 . ARG B 1 62 ? 8.347   -12.895 -1.193  1.00 46.37 ? 62  ARG B NH2 1 
ATOM   972  O OXT . ARG B 1 62 ? 2.626   -18.111 -2.802  1.00 45.16 ? 62  ARG B OXT 1 
ATOM   973  N N   . PRO C 1 1  ? 4.219   -8.522  2.921   1.00 35.07 ? 1   PRO C N   1 
ATOM   974  C CA  . PRO C 1 1  ? 3.225   -7.466  2.911   1.00 28.53 ? 1   PRO C CA  1 
ATOM   975  C C   . PRO C 1 1  ? 3.821   -6.116  3.179   1.00 23.77 ? 1   PRO C C   1 
ATOM   976  O O   . PRO C 1 1  ? 4.861   -5.985  3.845   1.00 26.89 ? 1   PRO C O   1 
ATOM   977  C CB  . PRO C 1 1  ? 2.296   -7.813  4.091   1.00 29.23 ? 1   PRO C CB  1 
ATOM   978  C CG  . PRO C 1 1  ? 3.070   -8.762  4.927   1.00 33.63 ? 1   PRO C CG  1 
ATOM   979  C CD  . PRO C 1 1  ? 3.924   -9.526  3.952   1.00 33.63 ? 1   PRO C CD  1 
ATOM   980  N N   . PHE C 1 2  ? 3.087   -5.117  2.722   1.00 22.31 ? 2   PHE C N   1 
ATOM   981  C CA  . PHE C 1 2  ? 3.472   -3.717  2.830   1.00 22.00 ? 2   PHE C CA  1 
ATOM   982  C C   . PHE C 1 2  ? 2.360   -2.991  3.558   1.00 21.51 ? 2   PHE C C   1 
ATOM   983  O O   . PHE C 1 2  ? 1.199   -3.278  3.347   1.00 18.25 ? 2   PHE C O   1 
ATOM   984  C CB  . PHE C 1 2  ? 3.568   -3.096  1.430   1.00 24.79 ? 2   PHE C CB  1 
ATOM   985  C CG  . PHE C 1 2  ? 4.838   -3.430  0.740   1.00 28.30 ? 2   PHE C CG  1 
ATOM   986  C CD1 . PHE C 1 2  ? 5.102   -4.725  0.385   1.00 32.90 ? 2   PHE C CD1 1 
ATOM   987  C CD2 . PHE C 1 2  ? 5.833   -2.478  0.615   1.00 30.78 ? 2   PHE C CD2 1 
ATOM   988  C CE1 . PHE C 1 2  ? 6.292   -5.071  -0.227  1.00 39.04 ? 2   PHE C CE1 1 
ATOM   989  C CE2 . PHE C 1 2  ? 7.031   -2.800  -0.005  1.00 39.18 ? 2   PHE C CE2 1 
ATOM   990  C CZ  . PHE C 1 2  ? 7.265   -4.111  -0.398  1.00 38.53 ? 2   PHE C CZ  1 
ATOM   991  N N   . ALA C 1 3  ? 2.712   -1.987  4.370   1.00 17.71 ? 3   ALA C N   1 
ATOM   992  C CA  . ALA C 1 3  ? 1.693   -1.167  4.969   1.00 16.02 ? 3   ALA C CA  1 
ATOM   993  C C   . ALA C 1 3  ? 2.130   0.281   4.752   1.00 16.28 ? 3   ALA C C   1 
ATOM   994  O O   . ALA C 1 3  ? 3.249   0.683   5.080   1.00 19.30 ? 3   ALA C O   1 
ATOM   995  C CB  . ALA C 1 3  ? 1.608   -1.420  6.495   1.00 16.21 ? 3   ALA C CB  1 
ATOM   996  N N   . GLN C 1 4  ? 1.186   1.060   4.239   1.00 15.84 ? 4   GLN C N   1 
ATOM   997  C CA  . GLN C 1 4  ? 1.391   2.483   3.960   1.00 15.23 ? 4   GLN C CA  1 
ATOM   998  C C   . GLN C 1 4  ? 0.525   3.264   4.947   1.00 16.50 ? 4   GLN C C   1 
ATOM   999  O O   . GLN C 1 4  ? -0.698  3.148   4.905   1.00 17.56 ? 4   GLN C O   1 
ATOM   1000 C CB  . GLN C 1 4  ? 0.854   2.774   2.577   1.00 19.02 ? 4   GLN C CB  1 
ATOM   1001 C CG  . GLN C 1 4  ? 1.226   4.146   2.069   1.00 19.67 ? 4   GLN C CG  1 
ATOM   1002 C CD  . GLN C 1 4  ? 1.005   4.271   0.524   1.00 25.84 ? 4   GLN C CD  1 
ATOM   1003 O OE1 . GLN C 1 4  ? 0.272   3.484   -0.096  1.00 29.53 ? 4   GLN C OE1 1 
ATOM   1004 N NE2 . GLN C 1 4  ? 1.660   5.229   -0.068  1.00 22.19 ? 4   GLN C NE2 1 
ATOM   1005 N N   . ILE C 1 5  ? 1.121   4.105   5.827   1.00 15.73 ? 5   ILE C N   1 
ATOM   1006 C CA  . ILE C 1 5  ? 0.443   4.715   6.943   1.00 18.11 ? 5   ILE C CA  1 
ATOM   1007 C C   . ILE C 1 5  ? 0.257   6.185   6.713   1.00 18.16 ? 5   ILE C C   1 
ATOM   1008 O O   . ILE C 1 5  ? 1.217   6.840   6.259   1.00 19.09 ? 5   ILE C O   1 
ATOM   1009 C CB  . ILE C 1 5  ? 1.255   4.508   8.239   1.00 18.26 ? 5   ILE C CB  1 
ATOM   1010 C CG1 . ILE C 1 5  ? 1.489   3.009   8.560   1.00 19.95 ? 5   ILE C CG1 1 
ATOM   1011 C CG2 . ILE C 1 5  ? 0.392   5.054   9.366   1.00 19.23 ? 5   ILE C CG2 1 
ATOM   1012 C CD1 . ILE C 1 5  ? 0.279   2.094   8.576   1.00 19.05 ? 5   ILE C CD1 1 
ATOM   1013 N N   . TYR C 1 6  ? -0.937  6.732   6.886   1.00 16.72 ? 6   TYR C N   1 
ATOM   1014 C CA  . TYR C 1 6  ? -1.115  8.152   6.729   1.00 16.75 ? 6   TYR C CA  1 
ATOM   1015 C C   . TYR C 1 6  ? -1.466  8.795   8.070   1.00 19.65 ? 6   TYR C C   1 
ATOM   1016 O O   . TYR C 1 6  ? -2.439  8.394   8.687   1.00 22.30 ? 6   TYR C O   1 
ATOM   1017 C CB  . TYR C 1 6  ? -2.236  8.402   5.767   1.00 17.40 ? 6   TYR C CB  1 
ATOM   1018 C CG  . TYR C 1 6  ? -2.022  7.785   4.408   1.00 17.67 ? 6   TYR C CG  1 
ATOM   1019 C CD1 . TYR C 1 6  ? -1.406  8.514   3.363   1.00 17.05 ? 6   TYR C CD1 1 
ATOM   1020 C CD2 . TYR C 1 6  ? -2.430  6.469   4.185   1.00 16.15 ? 6   TYR C CD2 1 
ATOM   1021 C CE1 . TYR C 1 6  ? -1.247  7.897   2.126   1.00 17.38 ? 6   TYR C CE1 1 
ATOM   1022 C CE2 . TYR C 1 6  ? -2.301  5.860   2.944   1.00 16.38 ? 6   TYR C CE2 1 
ATOM   1023 C CZ  . TYR C 1 6  ? -1.707  6.602   1.901   1.00 19.11 ? 6   TYR C CZ  1 
ATOM   1024 O OH  . TYR C 1 6  ? -1.606  6.005   0.640   1.00 19.17 ? 6   TYR C OH  1 
ATOM   1025 N N   . LEU C 1 7  ? -0.680  9.791   8.452   1.00 19.98 ? 7   LEU C N   1 
ATOM   1026 C CA  . LEU C 1 7  ? -0.843  10.490  9.727   1.00 20.91 ? 7   LEU C CA  1 
ATOM   1027 C C   . LEU C 1 7  ? -0.912  12.001  9.472   1.00 24.94 ? 7   LEU C C   1 
ATOM   1028 O O   . LEU C 1 7  ? -0.205  12.494  8.576   1.00 21.50 ? 7   LEU C O   1 
ATOM   1029 C CB  . LEU C 1 7  ? 0.439   10.233  10.552  1.00 23.84 ? 7   LEU C CB  1 
ATOM   1030 C CG  . LEU C 1 7  ? 0.776   8.813   10.984  1.00 25.79 ? 7   LEU C CG  1 
ATOM   1031 C CD1 . LEU C 1 7  ? 2.155   8.632   11.665  1.00 28.63 ? 7   LEU C CD1 1 
ATOM   1032 C CD2 . LEU C 1 7  ? -0.371  8.210   11.800  1.00 28.91 ? 7   LEU C CD2 1 
ATOM   1033 N N   . ILE C 1 8  ? -1.732  12.767  10.207  1.00 26.23 ? 8   ILE C N   1 
ATOM   1034 C CA  . ILE C 1 8  ? -1.484  14.231  10.215  1.00 24.94 ? 8   ILE C CA  1 
ATOM   1035 C C   . ILE C 1 8  ? -0.014  14.526  10.687  1.00 22.34 ? 8   ILE C C   1 
ATOM   1036 O O   . ILE C 1 8  ? 0.621   13.827  11.531  1.00 24.61 ? 8   ILE C O   1 
ATOM   1037 C CB  . ILE C 1 8  ? -2.573  15.068  10.965  1.00 28.14 ? 8   ILE C CB  1 
ATOM   1038 C CG1 . ILE C 1 8  ? -3.942  14.848  10.335  1.00 29.45 ? 8   ILE C CG1 1 
ATOM   1039 C CG2 . ILE C 1 8  ? -2.169  16.540  11.154  1.00 27.09 ? 8   ILE C CG2 1 
ATOM   1040 C CD1 . ILE C 1 8  ? -5.144  15.245  11.188  1.00 32.47 ? 8   ILE C CD1 1 
ATOM   1041 N N   . GLU C 1 9  ? 0.578   15.508  10.038  1.00 22.33 ? 9   GLU C N   1 
ATOM   1042 C CA  . GLU C 1 9  ? 1.991   15.865  10.276  1.00 24.54 ? 9   GLU C CA  1 
ATOM   1043 C C   . GLU C 1 9  ? 2.163   16.213  11.776  1.00 28.65 ? 9   GLU C C   1 
ATOM   1044 O O   . GLU C 1 9  ? 1.223   16.682  12.416  1.00 29.21 ? 9   GLU C O   1 
ATOM   1045 C CB  . GLU C 1 9  ? 2.337   17.080  9.379   1.00 27.54 ? 9   GLU C CB  1 
ATOM   1046 C CG  . GLU C 1 9  ? 1.635   18.376  9.828   1.00 37.99 ? 9   GLU C CG  1 
ATOM   1047 C CD  . GLU C 1 9  ? 1.989   19.649  9.033   1.00 37.64 ? 9   GLU C CD  1 
ATOM   1048 O OE1 . GLU C 1 9  ? 3.044   19.678  8.339   1.00 45.92 ? 9   GLU C OE1 1 
ATOM   1049 O OE2 . GLU C 1 9  ? 1.176   20.608  9.136   1.00 34.80 ? 9   GLU C OE2 1 
ATOM   1050 N N   . GLY C 1 10 ? 3.329   15.985  12.342  1.00 26.36 ? 10  GLY C N   1 
ATOM   1051 C CA  . GLY C 1 10 ? 3.519   16.481  13.712  1.00 32.72 ? 10  GLY C CA  1 
ATOM   1052 C C   . GLY C 1 10 ? 3.776   15.390  14.716  1.00 32.34 ? 10  GLY C C   1 
ATOM   1053 O O   . GLY C 1 10 ? 4.220   15.678  15.849  1.00 35.59 ? 10  GLY C O   1 
ATOM   1054 N N   . ARG C 1 11 ? 3.527   14.129  14.359  1.00 29.12 ? 11  ARG C N   1 
ATOM   1055 C CA  . ARG C 1 11 ? 4.043   13.026  15.178  1.00 27.40 ? 11  ARG C CA  1 
ATOM   1056 C C   . ARG C 1 11 ? 5.575   13.054  15.349  1.00 29.05 ? 11  ARG C C   1 
ATOM   1057 O O   . ARG C 1 11 ? 6.394   13.257  14.438  1.00 25.19 ? 11  ARG C O   1 
ATOM   1058 C CB  . ARG C 1 11 ? 3.607   11.610  14.722  1.00 25.41 ? 11  ARG C CB  1 
ATOM   1059 C CG  . ARG C 1 11 ? 2.122   11.247  14.707  1.00 31.04 ? 11  ARG C CG  1 
ATOM   1060 C CD  . ARG C 1 11 ? 1.274   11.966  15.726  1.00 40.27 ? 11  ARG C CD  1 
ATOM   1061 N NE  . ARG C 1 11 ? -0.156  11.726  15.568  1.00 30.84 ? 11  ARG C NE  1 
ATOM   1062 C CZ  . ARG C 1 11 ? -0.992  11.497  16.591  1.00 38.20 ? 11  ARG C CZ  1 
ATOM   1063 N NH1 . ARG C 1 11 ? -0.558  11.439  17.898  1.00 30.72 ? 11  ARG C NH1 1 
ATOM   1064 N NH2 . ARG C 1 11 ? -2.285  11.273  16.302  1.00 37.89 ? 11  ARG C NH2 1 
ATOM   1065 N N   . THR C 1 12 ? 6.018   12.808  16.568  1.00 25.23 ? 12  THR C N   1 
ATOM   1066 C CA  . THR C 1 12 ? 7.464   12.885  16.798  1.00 22.94 ? 12  THR C CA  1 
ATOM   1067 C C   . THR C 1 12 ? 8.139   11.627  16.279  1.00 24.51 ? 12  THR C C   1 
ATOM   1068 O O   . THR C 1 12 ? 7.467   10.613  15.920  1.00 26.02 ? 12  THR C O   1 
ATOM   1069 C CB  . THR C 1 12 ? 7.733   13.067  18.295  1.00 26.88 ? 12  THR C CB  1 
ATOM   1070 O OG1 . THR C 1 12 ? 7.292   11.876  18.971  1.00 29.40 ? 12  THR C OG1 1 
ATOM   1071 C CG2 . THR C 1 12 ? 6.915   14.306  18.797  1.00 27.81 ? 12  THR C CG2 1 
ATOM   1072 N N   . GLU C 1 13 ? 9.457   11.682  16.172  1.00 21.67 ? 13  GLU C N   1 
ATOM   1073 C CA  . GLU C 1 13 ? 10.235  10.493  15.829  1.00 20.93 ? 13  GLU C CA  1 
ATOM   1074 C C   . GLU C 1 13 ? 9.859   9.156   16.592  1.00 23.59 ? 13  GLU C C   1 
ATOM   1075 O O   . GLU C 1 13 ? 9.752   8.064   15.998  1.00 22.80 ? 13  GLU C O   1 
ATOM   1076 C CB  . GLU C 1 13 ? 11.779  10.730  15.818  1.00 27.28 ? 13  GLU C CB  1 
ATOM   1077 C CG  . GLU C 1 13 ? 12.536  9.424   15.522  1.00 24.85 ? 13  GLU C CG  1 
ATOM   1078 C CD  . GLU C 1 13 ? 14.033  9.535   15.265  1.00 34.52 ? 13  GLU C CD  1 
ATOM   1079 O OE1 . GLU C 1 13 ? 14.576  10.655  15.243  1.00 36.63 ? 13  GLU C OE1 1 
ATOM   1080 O OE2 . GLU C 1 13 ? 14.653  8.473   15.066  1.00 43.78 ? 13  GLU C OE2 1 
ATOM   1081 N N   . GLU C 1 14 ? 9.802   9.260   17.935  1.00 25.71 ? 14  GLU C N   1 
ATOM   1082 C CA  . GLU C 1 14 ? 9.380   8.185   18.762  1.00 28.05 ? 14  GLU C CA  1 
ATOM   1083 C C   . GLU C 1 14 ? 7.968   7.638   18.433  1.00 25.26 ? 14  GLU C C   1 
ATOM   1084 O O   . GLU C 1 14 ? 7.735   6.398   18.396  1.00 25.29 ? 14  GLU C O   1 
ATOM   1085 C CB  . GLU C 1 14 ? 9.477   8.617   20.237  1.00 30.97 ? 14  GLU C CB  1 
ATOM   1086 C CG  . GLU C 1 14 ? 8.748   7.657   21.163  1.00 29.23 ? 14  GLU C CG  1 
ATOM   1087 C CD  . GLU C 1 14 ? 9.438   6.308   21.229  1.00 33.79 ? 14  GLU C CD  1 
ATOM   1088 O OE1 . GLU C 1 14 ? 10.610  6.223   20.864  1.00 33.67 ? 14  GLU C OE1 1 
ATOM   1089 O OE2 . GLU C 1 14 ? 8.795   5.337   21.644  1.00 41.59 ? 14  GLU C OE2 1 
ATOM   1090 N N   . GLN C 1 15 ? 7.032   8.533   18.175  1.00 24.50 ? 15  GLN C N   1 
ATOM   1091 C CA  . GLN C 1 15 ? 5.723   8.019   17.783  1.00 24.82 ? 15  GLN C CA  1 
ATOM   1092 C C   . GLN C 1 15 ? 5.818   7.228   16.474  1.00 25.14 ? 15  GLN C C   1 
ATOM   1093 O O   . GLN C 1 15 ? 5.227   6.159   16.336  1.00 24.13 ? 15  GLN C O   1 
ATOM   1094 C CB  . GLN C 1 15 ? 4.675   9.102   17.735  1.00 25.81 ? 15  GLN C CB  1 
ATOM   1095 C CG  . GLN C 1 15 ? 4.521   9.888   19.051  1.00 26.04 ? 15  GLN C CG  1 
ATOM   1096 C CD  . GLN C 1 15 ? 3.553   11.081  18.966  1.00 28.02 ? 15  GLN C CD  1 
ATOM   1097 O OE1 . GLN C 1 15 ? 3.863   12.095  18.331  1.00 25.50 ? 15  GLN C OE1 1 
ATOM   1098 N NE2 . GLN C 1 15 ? 2.410   10.994  19.670  1.00 29.21 ? 15  GLN C NE2 1 
ATOM   1099 N N   . LYS C 1 16 ? 6.606   7.730   15.522  1.00 23.70 ? 16  LYS C N   1 
ATOM   1100 C CA  . LYS C 1 16 ? 6.713   6.979   14.241  1.00 22.29 ? 16  LYS C CA  1 
ATOM   1101 C C   . LYS C 1 16 ? 7.427   5.662   14.440  1.00 21.57 ? 16  LYS C C   1 
ATOM   1102 O O   . LYS C 1 16 ? 7.102   4.665   13.822  1.00 23.15 ? 16  LYS C O   1 
ATOM   1103 C CB  . LYS C 1 16 ? 7.412   7.867   13.193  1.00 24.22 ? 16  LYS C CB  1 
ATOM   1104 C CG  . LYS C 1 16 ? 6.597   9.096   12.840  1.00 24.75 ? 16  LYS C CG  1 
ATOM   1105 C CD  . LYS C 1 16 ? 7.438   9.992   11.901  1.00 26.06 ? 16  LYS C CD  1 
ATOM   1106 C CE  . LYS C 1 16 ? 6.670   11.267  11.562  1.00 28.11 ? 16  LYS C CE  1 
ATOM   1107 N NZ  . LYS C 1 16 ? 7.636   12.177  10.873  1.00 26.42 ? 16  LYS C NZ  1 
ATOM   1108 N N   . ARG C 1 17 ? 8.372   5.651   15.416  1.00 23.52 ? 17  ARG C N   1 
ATOM   1109 C CA  . ARG C 1 17 ? 9.155   4.439   15.668  1.00 24.60 ? 17  ARG C CA  1 
ATOM   1110 C C   . ARG C 1 17 ? 8.185   3.352   16.181  1.00 26.15 ? 17  ARG C C   1 
ATOM   1111 O O   . ARG C 1 17 ? 8.281   2.198   15.790  1.00 26.54 ? 17  ARG C O   1 
ATOM   1112 C CB  . ARG C 1 17 ? 10.228  4.716   16.746  1.00 25.44 ? 17  ARG C CB  1 
ATOM   1113 C CG  . ARG C 1 17 ? 11.113  3.516   17.053  1.00 29.72 ? 17  ARG C CG  1 
ATOM   1114 C CD  . ARG C 1 17 ? 11.693  3.593   18.482  1.00 33.45 ? 17  ARG C CD  1 
ATOM   1115 N NE  . ARG C 1 17 ? 10.608  3.676   19.476  1.00 39.41 ? 17  ARG C NE  1 
ATOM   1116 C CZ  . ARG C 1 17 ? 9.833   2.643   19.829  1.00 38.87 ? 17  ARG C CZ  1 
ATOM   1117 N NH1 . ARG C 1 17 ? 10.050  1.433   19.287  1.00 39.01 ? 17  ARG C NH1 1 
ATOM   1118 N NH2 . ARG C 1 17 ? 8.810   2.824   20.677  1.00 40.29 ? 17  ARG C NH2 1 
ATOM   1119 N N   . ALA C 1 18 ? 7.231   3.802   17.025  1.00 24.33 ? 18  ALA C N   1 
ATOM   1120 C CA  . ALA C 1 18 ? 6.175   2.931   17.565  1.00 24.12 ? 18  ALA C CA  1 
ATOM   1121 C C   . ALA C 1 18 ? 5.202   2.485   16.472  1.00 24.87 ? 18  ALA C C   1 
ATOM   1122 O O   . ALA C 1 18 ? 4.693   1.344   16.508  1.00 23.52 ? 18  ALA C O   1 
ATOM   1123 C CB  . ALA C 1 18 ? 5.390   3.615   18.688  1.00 28.47 ? 18  ALA C CB  1 
ATOM   1124 N N   . VAL C 1 19 ? 4.863   3.395   15.544  1.00 22.60 ? 19  VAL C N   1 
ATOM   1125 C CA  . VAL C 1 19 ? 4.059   2.972   14.364  1.00 22.26 ? 19  VAL C CA  1 
ATOM   1126 C C   . VAL C 1 19 ? 4.793   1.893   13.578  1.00 19.76 ? 19  VAL C C   1 
ATOM   1127 O O   . VAL C 1 19 ? 4.198   0.851   13.276  1.00 21.19 ? 19  VAL C O   1 
ATOM   1128 C CB  . VAL C 1 19 ? 3.765   4.170   13.444  1.00 21.22 ? 19  VAL C CB  1 
ATOM   1129 C CG1 . VAL C 1 19 ? 3.143   3.661   12.088  1.00 23.51 ? 19  VAL C CG1 1 
ATOM   1130 C CG2 . VAL C 1 19 ? 2.914   5.230   14.147  1.00 25.81 ? 19  VAL C CG2 1 
ATOM   1131 N N   . ILE C 1 20 ? 6.066   2.110   13.228  1.00 21.66 ? 20  ILE C N   1 
ATOM   1132 C CA  . ILE C 1 20 ? 6.806   1.075   12.513  1.00 22.12 ? 20  ILE C CA  1 
ATOM   1133 C C   . ILE C 1 20 ? 6.909   -0.266  13.227  1.00 23.18 ? 20  ILE C C   1 
ATOM   1134 O O   . ILE C 1 20 ? 6.646   -1.321  12.641  1.00 24.60 ? 20  ILE C O   1 
ATOM   1135 C CB  . ILE C 1 20 ? 8.200   1.585   12.024  1.00 22.29 ? 20  ILE C CB  1 
ATOM   1136 C CG1 . ILE C 1 20 ? 7.964   2.651   10.955  1.00 22.30 ? 20  ILE C CG1 1 
ATOM   1137 C CG2 . ILE C 1 20 ? 9.032   0.418   11.534  1.00 20.18 ? 20  ILE C CG2 1 
ATOM   1138 C CD1 . ILE C 1 20 ? 9.046   3.727   10.843  1.00 24.27 ? 20  ILE C CD1 1 
ATOM   1139 N N   . GLU C 1 21 ? 7.292   -0.265  14.517  1.00 25.00 ? 21  GLU C N   1 
ATOM   1140 C CA  . GLU C 1 21 ? 7.465   -1.560  15.159  1.00 26.90 ? 21  GLU C CA  1 
ATOM   1141 C C   . GLU C 1 21 ? 6.099   -2.240  15.400  1.00 24.48 ? 21  GLU C C   1 
ATOM   1142 O O   . GLU C 1 21 ? 5.979   -3.400  15.036  1.00 23.31 ? 21  GLU C O   1 
ATOM   1143 C CB  . GLU C 1 21 ? 8.255   -1.461  16.475  1.00 34.36 ? 21  GLU C CB  1 
ATOM   1144 C CG  . GLU C 1 21 ? 7.631   -0.550  17.510  1.00 37.54 ? 21  GLU C CG  1 
ATOM   1145 C CD  . GLU C 1 21 ? 8.050   -0.897  18.964  1.00 42.27 ? 21  GLU C CD  1 
ATOM   1146 O OE1 . GLU C 1 21 ? 7.468   -0.319  19.920  1.00 47.79 ? 21  GLU C OE1 1 
ATOM   1147 O OE2 . GLU C 1 21 ? 8.974   -1.716  19.146  1.00 46.86 ? 21  GLU C OE2 1 
ATOM   1148 N N   . LYS C 1 22 ? 5.082   -1.529  15.898  1.00 22.17 ? 22  LYS C N   1 
ATOM   1149 C CA  . LYS C 1 22 ? 3.788   -2.157  16.187  1.00 22.09 ? 22  LYS C CA  1 
ATOM   1150 C C   . LYS C 1 22 ? 3.025   -2.637  14.955  1.00 21.04 ? 22  LYS C C   1 
ATOM   1151 O O   . LYS C 1 22 ? 2.395   -3.661  14.956  1.00 20.41 ? 22  LYS C O   1 
ATOM   1152 C CB  . LYS C 1 22 ? 2.894   -1.193  16.933  1.00 19.78 ? 22  LYS C CB  1 
ATOM   1153 C CG  . LYS C 1 22 ? 3.400   -0.969  18.408  1.00 25.73 ? 22  LYS C CG  1 
ATOM   1154 C CD  . LYS C 1 22 ? 2.633   0.209   19.011  1.00 26.30 ? 22  LYS C CD  1 
ATOM   1155 C CE  . LYS C 1 22 ? 3.104   0.581   20.426  1.00 33.56 ? 22  LYS C CE  1 
ATOM   1156 N NZ  . LYS C 1 22 ? 2.848   -0.477  21.443  1.00 29.80 ? 22  LYS C NZ  1 
ATOM   1157 N N   . VAL C 1 23 ? 3.023   -1.820  13.897  1.00 20.91 ? 23  VAL C N   1 
ATOM   1158 C CA  . VAL C 1 23 ? 2.384   -2.310  12.655  1.00 19.93 ? 23  VAL C CA  1 
ATOM   1159 C C   . VAL C 1 23 ? 3.075   -3.504  12.063  1.00 18.65 ? 23  VAL C C   1 
ATOM   1160 O O   . VAL C 1 23 ? 2.410   -4.353  11.537  1.00 22.02 ? 23  VAL C O   1 
ATOM   1161 C CB  . VAL C 1 23 ? 2.161   -1.162  11.603  1.00 18.72 ? 23  VAL C CB  1 
ATOM   1162 C CG1 . VAL C 1 23 ? 1.587   -1.732  10.285  1.00 17.21 ? 23  VAL C CG1 1 
ATOM   1163 C CG2 . VAL C 1 23 ? 1.252   -0.063  12.066  1.00 17.12 ? 23  VAL C CG2 1 
ATOM   1164 N N   . THR C 1 24 ? 4.395   -3.533  12.081  1.00 23.64 ? 24  THR C N   1 
ATOM   1165 C CA  . THR C 1 24 ? 5.167   -4.665  11.572  1.00 22.52 ? 24  THR C CA  1 
ATOM   1166 C C   . THR C 1 24 ? 4.828   -5.944  12.376  1.00 24.58 ? 24  THR C C   1 
ATOM   1167 O O   . THR C 1 24 ? 4.474   -6.963  11.797  1.00 26.79 ? 24  THR C O   1 
ATOM   1168 C CB  . THR C 1 24 ? 6.669   -4.336  11.705  1.00 26.91 ? 24  THR C CB  1 
ATOM   1169 O OG1 . THR C 1 24 ? 6.973   -3.186  10.913  1.00 25.37 ? 24  THR C OG1 1 
ATOM   1170 C CG2 . THR C 1 24 ? 7.481   -5.516  11.326  1.00 24.54 ? 24  THR C CG2 1 
ATOM   1171 N N   . GLN C 1 25 ? 4.858   -5.842  13.714  1.00 24.83 ? 25  GLN C N   1 
ATOM   1172 C CA  . GLN C 1 25 ? 4.423   -6.958  14.589  1.00 27.96 ? 25  GLN C CA  1 
ATOM   1173 C C   . GLN C 1 25 ? 2.989   -7.449  14.311  1.00 26.59 ? 25  GLN C C   1 
ATOM   1174 O O   . GLN C 1 25 ? 2.747   -8.658  14.225  1.00 24.52 ? 25  GLN C O   1 
ATOM   1175 C CB  . GLN C 1 25 ? 4.673   -6.600  16.096  1.00 29.88 ? 25  GLN C CB  1 
ATOM   1176 C CG  . GLN C 1 25 ? 4.333   -7.722  17.096  1.00 39.32 ? 25  GLN C CG  1 
ATOM   1177 C CD  . GLN C 1 25 ? 4.560   -9.148  16.580  1.00 46.14 ? 25  GLN C CD  1 
ATOM   1178 O OE1 . GLN C 1 25 ? 5.191   -9.380  15.539  1.00 55.61 ? 25  GLN C OE1 1 
ATOM   1179 N NE2 . GLN C 1 25 ? 4.031   -10.118 17.321  1.00 47.89 ? 25  GLN C NE2 1 
ATOM   1180 N N   . ALA C 1 26 ? 2.061   -6.501  14.090  1.00 23.37 ? 26  ALA C N   1 
ATOM   1181 C CA  . ALA C 1 26 ? 0.702   -6.782  13.731  1.00 20.84 ? 26  ALA C CA  1 
ATOM   1182 C C   . ALA C 1 26 ? 0.619   -7.616  12.487  1.00 20.62 ? 26  ALA C C   1 
ATOM   1183 O O   . ALA C 1 26 ? -0.113  -8.618  12.390  1.00 23.31 ? 26  ALA C O   1 
ATOM   1184 C CB  . ALA C 1 26 ? -0.096  -5.482  13.606  1.00 23.99 ? 26  ALA C CB  1 
ATOM   1185 N N   . MET C 1 27 ? 1.388   -7.208  11.478  1.00 20.42 ? 27  MET C N   1 
ATOM   1186 C CA  . MET C 1 27 ? 1.325   -7.964  10.236  1.00 23.19 ? 27  MET C CA  1 
ATOM   1187 C C   . MET C 1 27 ? 1.942   -9.359  10.360  1.00 24.09 ? 27  MET C C   1 
ATOM   1188 O O   . MET C 1 27 ? 1.402   -10.321 9.810   1.00 24.50 ? 27  MET C O   1 
ATOM   1189 C CB  . MET C 1 27 ? 2.061   -7.199  9.139   1.00 27.90 ? 27  MET C CB  1 
ATOM   1190 C CG  . MET C 1 27 ? 1.450   -5.900  8.683   1.00 30.41 ? 27  MET C CG  1 
ATOM   1191 S SD  . MET C 1 27 ? -0.262  -6.127  8.222   1.00 28.37 ? 27  MET C SD  1 
ATOM   1192 C CE  . MET C 1 27 ? -0.056  -7.047  6.660   1.00 32.08 ? 27  MET C CE  1 
ATOM   1193 N N   . MET C 1 28 ? 3.065   -9.473  11.069  1.00 27.30 ? 28  MET C N   1 
ATOM   1194 C CA  . MET C 1 28 ? 3.683   -10.783 11.343  1.00 28.73 ? 28  MET C CA  1 
ATOM   1195 C C   . MET C 1 28 ? 2.627   -11.704 11.994  1.00 26.76 ? 28  MET C C   1 
ATOM   1196 O O   . MET C 1 28 ? 2.361   -12.790 11.464  1.00 30.62 ? 28  MET C O   1 
ATOM   1197 C CB  . MET C 1 28 ? 4.919   -10.583 12.227  1.00 31.13 ? 28  MET C CB  1 
ATOM   1198 C CG  . MET C 1 28 ? 6.070   -9.966  11.479  1.00 35.35 ? 28  MET C CG  1 
ATOM   1199 S SD  . MET C 1 28 ? 7.458   -9.581  12.558  1.00 45.73 ? 28  MET C SD  1 
ATOM   1200 C CE  . MET C 1 28 ? 8.009   -11.263 12.866  1.00 40.14 ? 28  MET C CE  1 
ATOM   1201 N N   . GLU C 1 29 ? 1.948   -11.187 13.031  1.00 28.98 ? 29  GLU C N   1 
ATOM   1202 C CA  . GLU C 1 29 ? 0.905   -11.953 13.747  1.00 28.60 ? 29  GLU C CA  1 
ATOM   1203 C C   . GLU C 1 29 ? -0.195  -12.329 12.811  1.00 30.70 ? 29  GLU C C   1 
ATOM   1204 O O   . GLU C 1 29 ? -0.533  -13.517 12.679  1.00 33.71 ? 29  GLU C O   1 
ATOM   1205 C CB  . GLU C 1 29 ? 0.374   -11.184 14.961  1.00 26.83 ? 29  GLU C CB  1 
ATOM   1206 C CG  . GLU C 1 29 ? 1.417   -11.279 16.092  1.00 29.66 ? 29  GLU C CG  1 
ATOM   1207 C CD  . GLU C 1 29 ? 1.064   -10.502 17.339  1.00 33.00 ? 29  GLU C CD  1 
ATOM   1208 O OE1 . GLU C 1 29 ? 1.968   -10.332 18.218  1.00 34.66 ? 29  GLU C OE1 1 
ATOM   1209 O OE2 . GLU C 1 29 ? -0.080  -10.045 17.440  1.00 35.59 ? 29  GLU C OE2 1 
ATOM   1210 N N   . ALA C 1 30 ? -0.722  -11.338 12.103  1.00 23.65 ? 30  ALA C N   1 
ATOM   1211 C CA  . ALA C 1 30 ? -1.968  -11.589 11.342  1.00 23.22 ? 30  ALA C CA  1 
ATOM   1212 C C   . ALA C 1 30 ? -1.750  -12.509 10.133  1.00 22.25 ? 30  ALA C C   1 
ATOM   1213 O O   . ALA C 1 30 ? -2.622  -13.301 9.810   1.00 26.56 ? 30  ALA C O   1 
ATOM   1214 C CB  . ALA C 1 30 ? -2.562  -10.275 10.854  1.00 23.91 ? 30  ALA C CB  1 
ATOM   1215 N N   . VAL C 1 31 ? -0.669  -12.339 9.352   1.00 25.91 ? 31  VAL C N   1 
ATOM   1216 C CA  . VAL C 1 31 ? -0.581  -13.236 8.174   1.00 25.29 ? 31  VAL C CA  1 
ATOM   1217 C C   . VAL C 1 31 ? 0.554   -14.235 8.191   1.00 30.40 ? 31  VAL C C   1 
ATOM   1218 O O   . VAL C 1 31 ? 0.780   -14.923 7.194   1.00 30.93 ? 31  VAL C O   1 
ATOM   1219 C CB  . VAL C 1 31 ? -0.532  -12.473 6.832   1.00 27.16 ? 31  VAL C CB  1 
ATOM   1220 C CG1 . VAL C 1 31 ? -1.761  -11.587 6.661   1.00 26.12 ? 31  VAL C CG1 1 
ATOM   1221 C CG2 . VAL C 1 31 ? 0.709   -11.618 6.748   1.00 27.12 ? 31  VAL C CG2 1 
ATOM   1222 N N   . GLY C 1 32 ? 1.259   -14.325 9.307   1.00 30.03 ? 32  GLY C N   1 
ATOM   1223 C CA  . GLY C 1 32 ? 2.391   -15.221 9.429   1.00 31.43 ? 32  GLY C CA  1 
ATOM   1224 C C   . GLY C 1 32 ? 3.555   -14.895 8.510   1.00 33.99 ? 32  GLY C C   1 
ATOM   1225 O O   . GLY C 1 32 ? 4.186   -15.787 7.967   1.00 32.12 ? 32  GLY C O   1 
ATOM   1226 N N   . ALA C 1 33 ? 3.842   -13.614 8.345   1.00 34.02 ? 33  ALA C N   1 
ATOM   1227 C CA  . ALA C 1 33 ? 5.040   -13.199 7.644   1.00 34.74 ? 33  ALA C CA  1 
ATOM   1228 C C   . ALA C 1 33 ? 6.287   -13.068 8.530   1.00 33.41 ? 33  ALA C C   1 
ATOM   1229 O O   . ALA C 1 33 ? 6.221   -12.582 9.676   1.00 35.04 ? 33  ALA C O   1 
ATOM   1230 C CB  . ALA C 1 33 ? 4.742   -11.902 6.867   1.00 31.37 ? 33  ALA C CB  1 
ATOM   1231 N N   . PRO C 1 34 ? 7.464   -13.486 8.006   1.00 39.12 ? 34  PRO C N   1 
ATOM   1232 C CA  . PRO C 1 34 ? 8.752   -13.219 8.654   1.00 38.83 ? 34  PRO C CA  1 
ATOM   1233 C C   . PRO C 1 34 ? 9.057   -11.730 8.666   1.00 41.75 ? 34  PRO C C   1 
ATOM   1234 O O   . PRO C 1 34 ? 8.787   -11.021 7.661   1.00 41.27 ? 34  PRO C O   1 
ATOM   1235 C CB  . PRO C 1 34 ? 9.760   -13.928 7.745   1.00 39.64 ? 34  PRO C CB  1 
ATOM   1236 C CG  . PRO C 1 34 ? 9.066   -14.057 6.421   1.00 42.38 ? 34  PRO C CG  1 
ATOM   1237 C CD  . PRO C 1 34 ? 7.622   -14.298 6.784   1.00 37.48 ? 34  PRO C CD  1 
ATOM   1238 N N   . LYS C 1 35 ? 9.624   -11.291 9.791   1.00 45.72 ? 35  LYS C N   1 
ATOM   1239 C CA  . LYS C 1 35 ? 9.996   -9.904  10.076  1.00 50.07 ? 35  LYS C CA  1 
ATOM   1240 C C   . LYS C 1 35 ? 10.574  -9.121  8.893   1.00 51.10 ? 35  LYS C C   1 
ATOM   1241 O O   . LYS C 1 35 ? 10.234  -7.946  8.677   1.00 43.32 ? 35  LYS C O   1 
ATOM   1242 C CB  . LYS C 1 35 ? 11.008  -9.897  11.219  1.00 49.09 ? 35  LYS C CB  1 
ATOM   1243 C CG  . LYS C 1 35 ? 10.978  -8.658  12.085  1.00 54.52 ? 35  LYS C CG  1 
ATOM   1244 C CD  . LYS C 1 35 ? 11.540  -8.974  13.465  1.00 59.27 ? 35  LYS C CD  1 
ATOM   1245 C CE  . LYS C 1 35 ? 11.283  -7.838  14.439  1.00 59.24 ? 35  LYS C CE  1 
ATOM   1246 N NZ  . LYS C 1 35 ? 9.834   -7.674  14.759  1.00 67.83 ? 35  LYS C NZ  1 
ATOM   1247 N N   . GLU C 1 36 ? 11.442  -9.786  8.130   1.00 49.89 ? 36  GLU C N   1 
ATOM   1248 C CA  . GLU C 1 36 ? 12.232  -9.141  7.092   1.00 45.41 ? 36  GLU C CA  1 
ATOM   1249 C C   . GLU C 1 36 ? 11.404  -8.928  5.816   1.00 47.68 ? 36  GLU C C   1 
ATOM   1250 O O   . GLU C 1 36 ? 11.811  -8.170  4.941   1.00 47.02 ? 36  GLU C O   1 
ATOM   1251 C CB  . GLU C 1 36 ? 13.513  -9.961  6.818   1.00 52.65 ? 36  GLU C CB  1 
ATOM   1252 C CG  . GLU C 1 36 ? 13.317  -11.292 6.073   1.00 55.79 ? 36  GLU C CG  1 
ATOM   1253 C CD  . GLU C 1 36 ? 13.066  -12.498 6.990   1.00 59.15 ? 36  GLU C CD  1 
ATOM   1254 O OE1 . GLU C 1 36 ? 13.071  -12.314 8.234   1.00 54.56 ? 36  GLU C OE1 1 
ATOM   1255 O OE2 . GLU C 1 36 ? 12.856  -13.632 6.468   1.00 55.22 ? 36  GLU C OE2 1 
ATOM   1256 N N   . ASN C 1 37 ? 10.250  -9.604  5.725   1.00 41.49 ? 37  ASN C N   1 
ATOM   1257 C CA  . ASN C 1 37 ? 9.287   -9.412  4.618   1.00 44.59 ? 37  ASN C CA  1 
ATOM   1258 C C   . ASN C 1 37 ? 8.233   -8.307  4.815   1.00 36.77 ? 37  ASN C C   1 
ATOM   1259 O O   . ASN C 1 37 ? 7.415   -8.094  3.937   1.00 38.73 ? 37  ASN C O   1 
ATOM   1260 C CB  . ASN C 1 37 ? 8.548   -10.724 4.281   1.00 47.84 ? 37  ASN C CB  1 
ATOM   1261 C CG  . ASN C 1 37 ? 9.389   -11.677 3.443   1.00 53.21 ? 37  ASN C CG  1 
ATOM   1262 O OD1 . ASN C 1 37 ? 10.431  -12.154 3.884   1.00 50.97 ? 37  ASN C OD1 1 
ATOM   1263 N ND2 . ASN C 1 37 ? 8.923   -11.967 2.234   1.00 64.08 ? 37  ASN C ND2 1 
ATOM   1264 N N   . VAL C 1 38 ? 8.220   -7.655  5.964   1.00 33.82 ? 38  VAL C N   1 
ATOM   1265 C CA  . VAL C 1 38 ? 7.203   -6.625  6.250   1.00 30.56 ? 38  VAL C CA  1 
ATOM   1266 C C   . VAL C 1 38 ? 7.813   -5.252  6.026   1.00 32.29 ? 38  VAL C C   1 
ATOM   1267 O O   . VAL C 1 38 ? 8.823   -4.933  6.659   1.00 32.25 ? 38  VAL C O   1 
ATOM   1268 C CB  . VAL C 1 38 ? 6.668   -6.772  7.692   1.00 30.39 ? 38  VAL C CB  1 
ATOM   1269 C CG1 . VAL C 1 38 ? 5.597   -5.739  8.001   1.00 32.12 ? 38  VAL C CG1 1 
ATOM   1270 C CG2 . VAL C 1 38 ? 6.038   -8.142  7.858   1.00 29.73 ? 38  VAL C CG2 1 
ATOM   1271 N N   . ARG C 1 39 ? 7.179   -4.418  5.174   1.00 25.41 ? 39  ARG C N   1 
ATOM   1272 C CA  . ARG C 1 39 ? 7.683   -3.059  4.933   1.00 25.67 ? 39  ARG C CA  1 
ATOM   1273 C C   . ARG C 1 39 ? 6.602   -2.137  5.398   1.00 22.64 ? 39  ARG C C   1 
ATOM   1274 O O   . ARG C 1 39 ? 5.451   -2.371  5.019   1.00 23.09 ? 39  ARG C O   1 
ATOM   1275 C CB  . ARG C 1 39 ? 7.966   -2.802  3.438   1.00 28.97 ? 39  ARG C CB  1 
ATOM   1276 C CG  . ARG C 1 39 ? 8.866   -3.806  2.795   1.00 36.99 ? 39  ARG C CG  1 
ATOM   1277 C CD  . ARG C 1 39 ? 10.239  -3.239  2.572   1.00 48.04 ? 39  ARG C CD  1 
ATOM   1278 N NE  . ARG C 1 39 ? 11.129  -3.501  3.691   1.00 60.55 ? 39  ARG C NE  1 
ATOM   1279 C CZ  . ARG C 1 39 ? 11.931  -4.560  3.741   1.00 67.32 ? 39  ARG C CZ  1 
ATOM   1280 N NH1 . ARG C 1 39 ? 11.941  -5.435  2.729   1.00 70.98 ? 39  ARG C NH1 1 
ATOM   1281 N NH2 . ARG C 1 39 ? 12.713  -4.749  4.792   1.00 65.38 ? 39  ARG C NH2 1 
ATOM   1282 N N   . VAL C 1 40 ? 6.959   -1.114  6.191   1.00 18.58 ? 40  VAL C N   1 
ATOM   1283 C CA  . VAL C 1 40 ? 6.017   -0.111  6.665   1.00 19.28 ? 40  VAL C CA  1 
ATOM   1284 C C   . VAL C 1 40 ? 6.512   1.275   6.375   1.00 21.33 ? 40  VAL C C   1 
ATOM   1285 O O   . VAL C 1 40 ? 7.613   1.653   6.832   1.00 21.04 ? 40  VAL C O   1 
ATOM   1286 C CB  . VAL C 1 40 ? 5.647   -0.250  8.202   1.00 20.46 ? 40  VAL C CB  1 
ATOM   1287 C CG1 . VAL C 1 40 ? 4.673   0.861   8.555   1.00 24.31 ? 40  VAL C CG1 1 
ATOM   1288 C CG2 . VAL C 1 40 ? 5.083   -1.618  8.465   1.00 24.43 ? 40  VAL C CG2 1 
ATOM   1289 N N   . TRP C 1 41 ? 5.709   2.100   5.689   1.00 18.87 ? 41  TRP C N   1 
ATOM   1290 C CA  . TRP C 1 41 ? 6.135   3.470   5.527   1.00 17.52 ? 41  TRP C CA  1 
ATOM   1291 C C   . TRP C 1 41 ? 5.082   4.472   5.862   1.00 16.94 ? 41  TRP C C   1 
ATOM   1292 O O   . TRP C 1 41 ? 3.879   4.122   5.866   1.00 15.71 ? 41  TRP C O   1 
ATOM   1293 C CB  . TRP C 1 41 ? 6.881   3.686   4.178   1.00 19.44 ? 41  TRP C CB  1 
ATOM   1294 C CG  . TRP C 1 41 ? 6.024   3.799   2.989   1.00 21.66 ? 41  TRP C CG  1 
ATOM   1295 C CD1 . TRP C 1 41 ? 5.525   4.941   2.420   1.00 21.60 ? 41  TRP C CD1 1 
ATOM   1296 C CD2 . TRP C 1 41 ? 5.511   2.692   2.186   1.00 23.66 ? 41  TRP C CD2 1 
ATOM   1297 N NE1 . TRP C 1 41 ? 4.739   4.616   1.309   1.00 23.47 ? 41  TRP C NE1 1 
ATOM   1298 C CE2 . TRP C 1 41 ? 4.697   3.301   1.129   1.00 22.56 ? 41  TRP C CE2 1 
ATOM   1299 C CE3 . TRP C 1 41 ? 5.650   1.285   2.244   1.00 26.01 ? 41  TRP C CE3 1 
ATOM   1300 C CZ2 . TRP C 1 41 ? 4.036   2.507   0.180   1.00 29.27 ? 41  TRP C CZ2 1 
ATOM   1301 C CZ3 . TRP C 1 41 ? 5.006   0.495   1.277   1.00 32.58 ? 41  TRP C CZ3 1 
ATOM   1302 C CH2 . TRP C 1 41 ? 4.231   1.102   0.259   1.00 29.66 ? 41  TRP C CH2 1 
ATOM   1303 N N   . ILE C 1 42 ? 5.462   5.683   6.273   1.00 17.09 ? 42  ILE C N   1 
ATOM   1304 C CA  . ILE C 1 42 ? 4.544   6.677   6.798   1.00 16.97 ? 42  ILE C CA  1 
ATOM   1305 C C   . ILE C 1 42 ? 4.581   7.905   5.959   1.00 15.63 ? 42  ILE C C   1 
ATOM   1306 O O   . ILE C 1 42 ? 5.731   8.391   5.655   1.00 18.20 ? 42  ILE C O   1 
ATOM   1307 C CB  . ILE C 1 42 ? 4.946   7.083   8.296   1.00 17.41 ? 42  ILE C CB  1 
ATOM   1308 C CG1 . ILE C 1 42 ? 4.914   5.800   9.160   1.00 17.89 ? 42  ILE C CG1 1 
ATOM   1309 C CG2 . ILE C 1 42 ? 4.033   8.213   8.784   1.00 19.52 ? 42  ILE C CG2 1 
ATOM   1310 C CD1 . ILE C 1 42 ? 5.627   6.069   10.548  1.00 19.14 ? 42  ILE C CD1 1 
ATOM   1311 N N   . HIS C 1 43 ? 3.410   8.446   5.624   1.00 17.40 ? 43  HIS C N   1 
ATOM   1312 C CA  . HIS C 1 43 ? 3.224   9.768   4.996   1.00 19.22 ? 43  HIS C CA  1 
ATOM   1313 C C   . HIS C 1 43 ? 2.685   10.748  6.039   1.00 19.70 ? 43  HIS C C   1 
ATOM   1314 O O   . HIS C 1 43 ? 1.675   10.453  6.721   1.00 23.13 ? 43  HIS C O   1 
ATOM   1315 C CB  . HIS C 1 43 ? 2.200   9.676   3.880   1.00 19.39 ? 43  HIS C CB  1 
ATOM   1316 C CG  . HIS C 1 43 ? 2.671   8.890   2.764   1.00 20.80 ? 43  HIS C CG  1 
ATOM   1317 N ND1 . HIS C 1 43 ? 3.383   9.453   1.777   1.00 23.38 ? 43  HIS C ND1 1 
ATOM   1318 C CD2 . HIS C 1 43 ? 2.519   7.532   2.428   1.00 23.50 ? 43  HIS C CD2 1 
ATOM   1319 C CE1 . HIS C 1 43 ? 3.704   8.479   0.861   1.00 21.00 ? 43  HIS C CE1 1 
ATOM   1320 N NE2 . HIS C 1 43 ? 3.147   7.335   1.257   1.00 21.07 ? 43  HIS C NE2 1 
ATOM   1321 N N   . ASP C 1 44 ? 3.394   11.858  6.258   1.00 19.07 ? 44  ASP C N   1 
ATOM   1322 C CA  . ASP C 1 44 ? 2.960   12.977  7.140   1.00 19.45 ? 44  ASP C CA  1 
ATOM   1323 C C   . ASP C 1 44 ? 2.216   13.941  6.331   1.00 23.70 ? 44  ASP C C   1 
ATOM   1324 O O   . ASP C 1 44 ? 2.752   14.521  5.338   1.00 23.09 ? 44  ASP C O   1 
ATOM   1325 C CB  . ASP C 1 44 ? 4.183   13.677  7.739   1.00 22.95 ? 44  ASP C CB  1 
ATOM   1326 C CG  . ASP C 1 44 ? 5.009   12.757  8.558   1.00 23.98 ? 44  ASP C CG  1 
ATOM   1327 O OD1 . ASP C 1 44 ? 4.460   12.054  9.393   1.00 28.26 ? 44  ASP C OD1 1 
ATOM   1328 O OD2 . ASP C 1 44 ? 6.184   12.743  8.323   1.00 24.88 ? 44  ASP C OD2 1 
ATOM   1329 N N   . VAL C 1 45 ? 0.947   14.079  6.677   1.00 20.57 ? 45  VAL C N   1 
ATOM   1330 C CA  . VAL C 1 45 ? 0.117   14.947  5.898   1.00 20.83 ? 45  VAL C CA  1 
ATOM   1331 C C   . VAL C 1 45 ? -0.070  16.289  6.596   1.00 20.90 ? 45  VAL C C   1 
ATOM   1332 O O   . VAL C 1 45 ? -0.562  16.295  7.723   1.00 22.87 ? 45  VAL C O   1 
ATOM   1333 C CB  . VAL C 1 45 ? -1.268  14.349  5.651   1.00 19.00 ? 45  VAL C CB  1 
ATOM   1334 C CG1 . VAL C 1 45 ? -2.098  15.251  4.729   1.00 22.30 ? 45  VAL C CG1 1 
ATOM   1335 C CG2 . VAL C 1 45 ? -1.102  12.923  5.053   1.00 19.67 ? 45  VAL C CG2 1 
ATOM   1336 N N   . PRO C 1 46 ? 0.277   17.403  5.881   1.00 21.11 ? 46  PRO C N   1 
ATOM   1337 C CA  . PRO C 1 46 ? 0.054   18.721  6.497   1.00 23.72 ? 46  PRO C CA  1 
ATOM   1338 C C   . PRO C 1 46 ? -1.379  18.954  6.973   1.00 25.64 ? 46  PRO C C   1 
ATOM   1339 O O   . PRO C 1 46 ? -2.363  18.525  6.337   1.00 22.79 ? 46  PRO C O   1 
ATOM   1340 C CB  . PRO C 1 46 ? 0.386   19.710  5.367   1.00 22.49 ? 46  PRO C CB  1 
ATOM   1341 C CG  . PRO C 1 46 ? 1.368   18.971  4.492   1.00 21.40 ? 46  PRO C CG  1 
ATOM   1342 C CD  . PRO C 1 46 ? 0.854   17.535  4.533   1.00 22.15 ? 46  PRO C CD  1 
ATOM   1343 N N   . LYS C 1 47 ? -1.531  19.729  8.043   1.00 23.77 ? 47  LYS C N   1 
ATOM   1344 C CA  . LYS C 1 47 ? -2.826  20.004  8.562   1.00 21.55 ? 47  LYS C CA  1 
ATOM   1345 C C   . LYS C 1 47 ? -3.732  20.694  7.591   1.00 19.73 ? 47  LYS C C   1 
ATOM   1346 O O   . LYS C 1 47 ? -4.899  20.338  7.558   1.00 22.50 ? 47  LYS C O   1 
ATOM   1347 C CB  . LYS C 1 47 ? -2.768  20.818  9.918   1.00 25.18 ? 47  LYS C CB  1 
ATOM   1348 C CG  . LYS C 1 47 ? -1.956  20.076  10.974  1.00 31.60 ? 47  LYS C CG  1 
ATOM   1349 C CD  . LYS C 1 47 ? -1.729  20.936  12.228  1.00 32.72 ? 47  LYS C CD  1 
ATOM   1350 C CE  . LYS C 1 47 ? -1.106  20.104  13.375  1.00 30.02 ? 47  LYS C CE  1 
ATOM   1351 N NZ  . LYS C 1 47 ? 0.121   19.279  13.040  1.00 36.56 ? 47  LYS C NZ  1 
ATOM   1352 N N   . GLU C 1 48 ? -3.198  21.527  6.720   1.00 20.96 ? 48  GLU C N   1 
ATOM   1353 C CA  . GLU C 1 48 ? -4.024  22.178  5.720   1.00 20.20 ? 48  GLU C CA  1 
ATOM   1354 C C   . GLU C 1 48 ? -4.426  21.250  4.573   1.00 18.11 ? 48  GLU C C   1 
ATOM   1355 O O   . GLU C 1 48 ? -5.239  21.675  3.725   1.00 22.00 ? 48  GLU C O   1 
ATOM   1356 C CB  . GLU C 1 48 ? -3.352  23.424  5.129   1.00 23.94 ? 48  GLU C CB  1 
ATOM   1357 C CG  . GLU C 1 48 ? -2.020  23.244  4.426   1.00 26.99 ? 48  GLU C CG  1 
ATOM   1358 C CD  . GLU C 1 48 ? -0.777  23.163  5.321   1.00 31.47 ? 48  GLU C CD  1 
ATOM   1359 O OE1 . GLU C 1 48 ? -0.823  22.982  6.600   1.00 29.13 ? 48  GLU C OE1 1 
ATOM   1360 O OE2 . GLU C 1 48 ? 0.316   23.281  4.683   1.00 38.36 ? 48  GLU C OE2 1 
ATOM   1361 N N   . ASN C 1 49 ? -3.860  20.075  4.566   1.00 18.31 ? 49  ASN C N   1 
ATOM   1362 C CA  . ASN C 1 49 ? -4.007  19.150  3.436   1.00 18.38 ? 49  ASN C CA  1 
ATOM   1363 C C   . ASN C 1 49 ? -4.945  18.000  3.778   1.00 21.95 ? 49  ASN C C   1 
ATOM   1364 O O   . ASN C 1 49 ? -5.124  17.097  2.941   1.00 20.48 ? 49  ASN C O   1 
ATOM   1365 C CB  . ASN C 1 49 ? -2.660  18.525  3.013   1.00 19.16 ? 49  ASN C CB  1 
ATOM   1366 C CG  . ASN C 1 49 ? -1.773  19.489  2.250   1.00 20.41 ? 49  ASN C CG  1 
ATOM   1367 O OD1 . ASN C 1 49 ? -1.815  20.681  2.475   1.00 23.43 ? 49  ASN C OD1 1 
ATOM   1368 N ND2 . ASN C 1 49 ? -0.956  18.983  1.342   1.00 17.78 ? 49  ASN C ND2 1 
ATOM   1369 N N   . TRP C 1 50 ? -5.428  17.942  4.996   1.00 20.78 ? 50  TRP C N   1 
ATOM   1370 C CA  . TRP C 1 50 ? -6.175  16.799  5.484   1.00 22.75 ? 50  TRP C CA  1 
ATOM   1371 C C   . TRP C 1 50 ? -7.583  17.284  5.787   1.00 23.83 ? 50  TRP C C   1 
ATOM   1372 O O   . TRP C 1 50 ? -7.763  18.191  6.615   1.00 26.08 ? 50  TRP C O   1 
ATOM   1373 C CB  . TRP C 1 50 ? -5.468  16.265  6.756   1.00 23.83 ? 50  TRP C CB  1 
ATOM   1374 C CG  . TRP C 1 50 ? -6.118  15.040  7.356   1.00 27.64 ? 50  TRP C CG  1 
ATOM   1375 C CD1 . TRP C 1 50 ? -7.349  14.924  8.008   1.00 28.00 ? 50  TRP C CD1 1 
ATOM   1376 C CD2 . TRP C 1 50 ? -5.563  13.663  7.319   1.00 31.49 ? 50  TRP C CD2 1 
ATOM   1377 N NE1 . TRP C 1 50 ? -7.579  13.587  8.406   1.00 31.41 ? 50  TRP C NE1 1 
ATOM   1378 C CE2 . TRP C 1 50 ? -6.536  12.786  7.996   1.00 33.72 ? 50  TRP C CE2 1 
ATOM   1379 C CE3 . TRP C 1 50 ? -4.392  13.090  6.801   1.00 33.81 ? 50  TRP C CE3 1 
ATOM   1380 C CZ2 . TRP C 1 50 ? -6.317  11.404  8.117   1.00 34.41 ? 50  TRP C CZ2 1 
ATOM   1381 C CZ3 . TRP C 1 50 ? -4.190  11.709  6.954   1.00 35.52 ? 50  TRP C CZ3 1 
ATOM   1382 C CH2 . TRP C 1 50 ? -5.110  10.887  7.592   1.00 28.52 ? 50  TRP C CH2 1 
ATOM   1383 N N   . GLY C 1 51 ? -8.559  16.719  5.084   1.00 22.10 ? 51  GLY C N   1 
ATOM   1384 C CA  . GLY C 1 51 ? -9.940  17.086  5.216   1.00 22.49 ? 51  GLY C CA  1 
ATOM   1385 C C   . GLY C 1 51 ? -10.814 16.036  5.873   1.00 24.49 ? 51  GLY C C   1 
ATOM   1386 O O   . GLY C 1 51 ? -10.814 14.851  5.511   1.00 22.10 ? 51  GLY C O   1 
ATOM   1387 N N   . ILE C 1 52 ? -11.613 16.514  6.813   1.00 26.44 ? 52  ILE C N   1 
ATOM   1388 C CA  . ILE C 1 52 ? -12.545 15.679  7.532   1.00 30.96 ? 52  ILE C CA  1 
ATOM   1389 C C   . ILE C 1 52 ? -13.924 16.365  7.461   1.00 28.62 ? 52  ILE C C   1 
ATOM   1390 O O   . ILE C 1 52 ? -14.041 17.481  7.919   1.00 26.67 ? 52  ILE C O   1 
ATOM   1391 C CB  . ILE C 1 52 ? -12.111 15.719  9.022   1.00 33.66 ? 52  ILE C CB  1 
ATOM   1392 C CG1 . ILE C 1 52 ? -10.679 15.197  9.227   1.00 34.01 ? 52  ILE C CG1 1 
ATOM   1393 C CG2 . ILE C 1 52 ? -13.105 14.955  9.919   1.00 34.04 ? 52  ILE C CG2 1 
ATOM   1394 C CD1 . ILE C 1 52 ? -9.991  15.804  10.451  1.00 42.37 ? 52  ILE C CD1 1 
ATOM   1395 N N   . GLY C 1 53 ? -14.937 15.765  6.851   1.00 26.67 ? 53  GLY C N   1 
ATOM   1396 C CA  . GLY C 1 53 ? -16.225 16.458  6.562   1.00 28.62 ? 53  GLY C CA  1 
ATOM   1397 C C   . GLY C 1 53 ? -16.177 17.817  5.866   1.00 30.05 ? 53  GLY C C   1 
ATOM   1398 O O   . GLY C 1 53 ? -17.030 18.705  6.139   1.00 27.21 ? 53  GLY C O   1 
ATOM   1399 N N   . GLY C 1 54 ? -15.207 17.993  4.950   1.00 26.77 ? 54  GLY C N   1 
ATOM   1400 C CA  . GLY C 1 54 ? -15.142 19.182  4.089   1.00 24.77 ? 54  GLY C CA  1 
ATOM   1401 C C   . GLY C 1 54 ? -14.409 20.342  4.729   1.00 26.97 ? 54  GLY C C   1 
ATOM   1402 O O   . GLY C 1 54 ? -14.356 21.402  4.113   1.00 25.57 ? 54  GLY C O   1 
ATOM   1403 N N   . VAL C 1 55 ? -13.762 20.111  5.886   1.00 24.03 ? 55  VAL C N   1 
ATOM   1404 C CA  . VAL C 1 55 ? -13.053 21.095  6.634   1.00 30.46 ? 55  VAL C CA  1 
ATOM   1405 C C   . VAL C 1 55 ? -11.661 20.573  6.866   1.00 28.36 ? 55  VAL C C   1 
ATOM   1406 O O   . VAL C 1 55 ? -11.481 19.417  7.267   1.00 29.83 ? 55  VAL C O   1 
ATOM   1407 C CB  . VAL C 1 55 ? -13.740 21.372  8.021   1.00 33.50 ? 55  VAL C CB  1 
ATOM   1408 C CG1 . VAL C 1 55 ? -13.058 22.545  8.733   1.00 41.60 ? 55  VAL C CG1 1 
ATOM   1409 C CG2 . VAL C 1 55 ? -15.213 21.645  7.816   1.00 38.31 ? 55  VAL C CG2 1 
ATOM   1410 N N   . SER C 1 56 ? -10.676 21.447  6.761   1.00 26.43 ? 56  SER C N   1 
ATOM   1411 C CA  . SER C 1 56 ? -9.309  21.035  7.070   1.00 26.87 ? 56  SER C CA  1 
ATOM   1412 C C   . SER C 1 56 ? -9.021  20.745  8.547   1.00 27.68 ? 56  SER C C   1 
ATOM   1413 O O   . SER C 1 56 ? -9.735  21.244  9.430   1.00 30.56 ? 56  SER C O   1 
ATOM   1414 C CB  . SER C 1 56 ? -8.277  22.020  6.473   1.00 34.22 ? 56  SER C CB  1 
ATOM   1415 O OG  . SER C 1 56 ? -7.976  23.139  7.350   1.00 32.58 ? 56  SER C OG  1 
ATOM   1416 N N   . ALA C 1 57 ? -8.045  19.883  8.815   1.00 26.14 ? 57  ALA C N   1 
ATOM   1417 C CA  . ALA C 1 57 ? -7.607  19.646  10.205  1.00 28.63 ? 57  ALA C CA  1 
ATOM   1418 C C   . ALA C 1 57 ? -7.136  20.954  10.821  1.00 35.76 ? 57  ALA C C   1 
ATOM   1419 O O   . ALA C 1 57 ? -7.315  21.186  12.025  1.00 32.50 ? 57  ALA C O   1 
ATOM   1420 C CB  . ALA C 1 57 ? -6.510  18.604  10.294  1.00 32.96 ? 57  ALA C CB  1 
ATOM   1421 N N   . LYS C 1 58 ? -6.549  21.828  10.000  1.00 35.81 ? 58  LYS C N   1 
ATOM   1422 C CA  . LYS C 1 58 ? -6.126  23.143  10.534  1.00 37.63 ? 58  LYS C CA  1 
ATOM   1423 C C   . LYS C 1 58 ? -7.403  23.804  10.971  1.00 41.88 ? 58  LYS C C   1 
ATOM   1424 O O   . LYS C 1 58 ? -7.556  24.187  12.139  1.00 46.41 ? 58  LYS C O   1 
ATOM   1425 C CB  . LYS C 1 58 ? -5.404  23.994  9.477   1.00 41.41 ? 58  LYS C CB  1 
ATOM   1426 C CG  . LYS C 1 58 ? -4.101  24.625  9.986   1.00 45.01 ? 58  LYS C CG  1 
ATOM   1427 C CD  . LYS C 1 58 ? -3.751  25.889  9.215   1.00 50.07 ? 58  LYS C CD  1 
ATOM   1428 C CE  . LYS C 1 58 ? -2.245  26.070  9.096   1.00 56.12 ? 58  LYS C CE  1 
ATOM   1429 N NZ  . LYS C 1 58 ? -1.569  24.996  8.295   1.00 51.86 ? 58  LYS C NZ  1 
ATOM   1430 N N   . ALA C 1 59 ? -8.337  23.886  10.023  1.00 39.17 ? 59  ALA C N   1 
ATOM   1431 C CA  . ALA C 1 59 ? -9.635  24.517  10.216  1.00 39.62 ? 59  ALA C CA  1 
ATOM   1432 C C   . ALA C 1 59 ? -10.353 24.013  11.458  1.00 39.75 ? 59  ALA C C   1 
ATOM   1433 O O   . ALA C 1 59 ? -10.898 24.805  12.220  1.00 45.74 ? 59  ALA C O   1 
ATOM   1434 C CB  . ALA C 1 59 ? -10.515 24.360  8.971   1.00 47.39 ? 59  ALA C CB  1 
ATOM   1435 N N   . LEU C 1 60 ? -10.329 22.709  11.680  1.00 38.33 ? 60  LEU C N   1 
ATOM   1436 C CA  . LEU C 1 60 ? -10.912 22.130  12.865  1.00 42.29 ? 60  LEU C CA  1 
ATOM   1437 C C   . LEU C 1 60 ? -10.051 22.368  14.097  1.00 50.05 ? 60  LEU C C   1 
ATOM   1438 O O   . LEU C 1 60 ? -10.272 21.727  15.134  1.00 54.55 ? 60  LEU C O   1 
ATOM   1439 C CB  . LEU C 1 60 ? -11.127 20.630  12.692  1.00 41.11 ? 60  LEU C CB  1 
ATOM   1440 C CG  . LEU C 1 60 ? -12.172 20.230  11.670  1.00 40.57 ? 60  LEU C CG  1 
ATOM   1441 C CD1 . LEU C 1 60 ? -11.988 18.759  11.296  1.00 39.93 ? 60  LEU C CD1 1 
ATOM   1442 C CD2 . LEU C 1 60 ? -13.547 20.535  12.244  1.00 40.64 ? 60  LEU C CD2 1 
ATOM   1443 N N   . GLY C 1 61 ? -9.085  23.281  13.981  1.00 55.98 ? 61  GLY C N   1 
ATOM   1444 C CA  . GLY C 1 61 ? -8.244  23.699  15.115  1.00 63.71 ? 61  GLY C CA  1 
ATOM   1445 C C   . GLY C 1 61 ? -7.352  22.613  15.704  1.00 68.98 ? 61  GLY C C   1 
ATOM   1446 O O   . GLY C 1 61 ? -7.375  22.369  16.919  1.00 71.09 ? 61  GLY C O   1 
ATOM   1447 N N   . ARG C 1 62 ? -6.572  21.959  14.839  1.00 71.43 ? 62  ARG C N   1 
ATOM   1448 C CA  . ARG C 1 62 ? -5.587  20.945  15.255  1.00 72.41 ? 62  ARG C CA  1 
ATOM   1449 C C   . ARG C 1 62 ? -4.167  21.388  14.874  1.00 65.90 ? 62  ARG C C   1 
ATOM   1450 O O   . ARG C 1 62 ? -3.958  22.487  14.334  1.00 60.15 ? 62  ARG C O   1 
ATOM   1451 C CB  . ARG C 1 62 ? -5.906  19.553  14.654  1.00 74.62 ? 62  ARG C CB  1 
ATOM   1452 C CG  . ARG C 1 62 ? -7.340  19.063  14.870  1.00 76.17 ? 62  ARG C CG  1 
ATOM   1453 C CD  . ARG C 1 62 ? -7.482  17.573  14.579  1.00 76.71 ? 62  ARG C CD  1 
ATOM   1454 N NE  . ARG C 1 62 ? -8.884  17.164  14.402  1.00 82.33 ? 62  ARG C NE  1 
ATOM   1455 C CZ  . ARG C 1 62 ? -9.304  15.908  14.215  1.00 82.43 ? 62  ARG C CZ  1 
ATOM   1456 N NH1 . ARG C 1 62 ? -8.440  14.899  14.183  1.00 83.59 ? 62  ARG C NH1 1 
ATOM   1457 N NH2 . ARG C 1 62 ? -10.601 15.653  14.061  1.00 75.67 ? 62  ARG C NH2 1 
HETATM 1458 S S   . SO4 D 2 .  ? 11.036  3.129   0.236   1.00 57.77 ? 101 SO4 A S   1 
HETATM 1459 O O1  . SO4 D 2 .  ? 9.915   2.941   -0.682  1.00 57.83 ? 101 SO4 A O1  1 
HETATM 1460 O O2  . SO4 D 2 .  ? 11.472  1.776   0.677   1.00 49.62 ? 101 SO4 A O2  1 
HETATM 1461 O O3  . SO4 D 2 .  ? 12.184  3.723   -0.511  1.00 60.44 ? 101 SO4 A O3  1 
HETATM 1462 O O4  . SO4 D 2 .  ? 10.570  3.999   1.379   1.00 51.92 ? 101 SO4 A O4  1 
HETATM 1463 O O   . HOH E 3 .  ? -3.075  2.417   -18.949 1.00 28.16 ? 201 HOH A O   1 
HETATM 1464 O O   . HOH E 3 .  ? -5.411  -4.977  -9.532  1.00 23.75 ? 202 HOH A O   1 
HETATM 1465 O O   . HOH E 3 .  ? 0.584   -13.505 -21.351 1.00 20.42 ? 203 HOH A O   1 
HETATM 1466 O O   . HOH E 3 .  ? -4.037  -4.301  -17.108 1.00 17.74 ? 204 HOH A O   1 
HETATM 1467 O O   . HOH E 3 .  ? 10.596  -5.936  -8.903  1.00 16.11 ? 205 HOH A O   1 
HETATM 1468 O O   . HOH E 3 .  ? -3.408  -5.235  -7.809  1.00 20.26 ? 206 HOH A O   1 
HETATM 1469 O O   . HOH E 3 .  ? -15.748 -1.283  -15.848 1.00 31.11 ? 207 HOH A O   1 
HETATM 1470 O O   . HOH E 3 .  ? -2.317  -4.477  -25.507 1.00 24.32 ? 208 HOH A O   1 
HETATM 1471 O O   . HOH E 3 .  ? -6.481  -8.026  -12.072 1.00 29.29 ? 209 HOH A O   1 
HETATM 1472 O O   . HOH E 3 .  ? 0.507   -12.051 -23.923 1.00 20.70 ? 210 HOH A O   1 
HETATM 1473 O O   . HOH E 3 .  ? -11.430 12.814  -14.930 1.00 25.42 ? 211 HOH A O   1 
HETATM 1474 O O   . HOH E 3 .  ? -7.106  -0.883  -9.258  1.00 28.89 ? 212 HOH A O   1 
HETATM 1475 O O   . HOH E 3 .  ? -1.368  -2.374  -23.621 1.00 30.55 ? 213 HOH A O   1 
HETATM 1476 O O   . HOH E 3 .  ? 14.750  -6.132  -14.186 1.00 25.85 ? 214 HOH A O   1 
HETATM 1477 O O   . HOH E 3 .  ? -2.828  -13.168 -19.465 1.00 22.00 ? 215 HOH A O   1 
HETATM 1478 O O   . HOH E 3 .  ? 15.771  1.673   -17.829 1.00 26.71 ? 216 HOH A O   1 
HETATM 1479 O O   . HOH E 3 .  ? 3.519   -18.026 -17.332 1.00 25.31 ? 217 HOH A O   1 
HETATM 1480 O O   . HOH E 3 .  ? 6.867   -8.440  -23.662 1.00 23.90 ? 218 HOH A O   1 
HETATM 1481 O O   . HOH E 3 .  ? 2.147   -17.819 -19.771 1.00 23.89 ? 219 HOH A O   1 
HETATM 1482 O O   . HOH E 3 .  ? -9.456  0.262   -9.505  1.00 25.70 ? 220 HOH A O   1 
HETATM 1483 O O   . HOH E 3 .  ? -8.444  -7.141  -13.954 1.00 34.52 ? 221 HOH A O   1 
HETATM 1484 O O   . HOH E 3 .  ? -1.430  -15.184 -20.656 1.00 26.93 ? 222 HOH A O   1 
HETATM 1485 O O   . HOH E 3 .  ? -0.289  -17.121 -18.884 1.00 28.67 ? 223 HOH A O   1 
HETATM 1486 O O   . HOH E 3 .  ? 10.500  -7.486  -20.721 1.00 36.11 ? 224 HOH A O   1 
HETATM 1487 O O   . HOH E 3 .  ? 2.636   -4.485  -24.607 1.00 20.97 ? 225 HOH A O   1 
HETATM 1488 O O   . HOH E 3 .  ? 17.650  -4.901  -15.134 1.00 39.32 ? 226 HOH A O   1 
HETATM 1489 O O   . HOH E 3 .  ? 21.547  -5.646  -8.606  1.00 32.65 ? 227 HOH A O   1 
HETATM 1490 O O   . HOH E 3 .  ? -7.158  -6.782  -9.807  1.00 37.36 ? 228 HOH A O   1 
HETATM 1491 O O   . HOH E 3 .  ? -9.149  -4.553  -10.628 1.00 35.40 ? 229 HOH A O   1 
HETATM 1492 O O   . HOH E 3 .  ? -18.449 4.502   -14.535 1.00 26.22 ? 230 HOH A O   1 
HETATM 1493 O O   . HOH F 3 .  ? 3.811   -13.683 -14.017 1.00 19.71 ? 101 HOH B O   1 
HETATM 1494 O O   . HOH F 3 .  ? 3.209   -11.073 -14.735 1.00 17.14 ? 102 HOH B O   1 
HETATM 1495 O O   . HOH F 3 .  ? -3.231  -14.246 -7.625  1.00 22.14 ? 103 HOH B O   1 
HETATM 1496 O O   . HOH F 3 .  ? 8.663   -20.046 -12.325 1.00 18.91 ? 104 HOH B O   1 
HETATM 1497 O O   . HOH F 3 .  ? 8.496   -12.944 -13.894 1.00 16.61 ? 105 HOH B O   1 
HETATM 1498 O O   . HOH F 3 .  ? -8.264  -5.720  -3.541  1.00 21.75 ? 106 HOH B O   1 
HETATM 1499 O O   . HOH F 3 .  ? 0.690   3.610   23.844  1.00 21.87 ? 107 HOH B O   1 
HETATM 1500 O O   . HOH F 3 .  ? -9.167  -3.395  -2.171  1.00 22.91 ? 108 HOH B O   1 
HETATM 1501 O O   . HOH F 3 .  ? -4.434  -11.686 0.383   1.00 24.25 ? 109 HOH B O   1 
HETATM 1502 O O   . HOH F 3 .  ? 13.637  -9.973  -14.578 1.00 27.14 ? 110 HOH B O   1 
HETATM 1503 O O   . HOH F 3 .  ? -7.199  -7.984  -6.731  1.00 33.53 ? 111 HOH B O   1 
HETATM 1504 O O   . HOH F 3 .  ? 3.850   6.271   20.941  1.00 28.02 ? 112 HOH B O   1 
HETATM 1505 O O   . HOH F 3 .  ? -4.706  -4.694  -5.526  1.00 27.66 ? 113 HOH B O   1 
HETATM 1506 O O   . HOH F 3 .  ? 0.365   -3.072  18.674  1.00 24.02 ? 114 HOH B O   1 
HETATM 1507 O O   . HOH F 3 .  ? 6.656   -14.575 -15.268 1.00 28.03 ? 115 HOH B O   1 
HETATM 1508 O O   . HOH F 3 .  ? 13.326  -12.106 -7.041  1.00 22.76 ? 116 HOH B O   1 
HETATM 1509 O O   . HOH F 3 .  ? -9.838  -0.194  11.477  1.00 25.00 ? 117 HOH B O   1 
HETATM 1510 O O   . HOH F 3 .  ? 15.269  -10.920 -5.578  1.00 29.84 ? 118 HOH B O   1 
HETATM 1511 O O   . HOH F 3 .  ? 12.822  -13.538 -4.522  1.00 32.12 ? 119 HOH B O   1 
HETATM 1512 O O   . HOH F 3 .  ? -6.433  -12.540 -10.512 1.00 34.69 ? 120 HOH B O   1 
HETATM 1513 O O   . HOH F 3 .  ? -11.302 -9.371  14.530  1.00 31.97 ? 121 HOH B O   1 
HETATM 1514 O O   . HOH F 3 .  ? -14.816 8.870   12.788  1.00 48.99 ? 122 HOH B O   1 
HETATM 1515 O O   . HOH F 3 .  ? 15.959  -11.598 -10.202 1.00 36.61 ? 123 HOH B O   1 
HETATM 1516 O O   . HOH F 3 .  ? 14.685  -13.593 -8.829  1.00 29.29 ? 124 HOH B O   1 
HETATM 1517 O O   . HOH F 3 .  ? 3.659   -20.197 -9.224  1.00 28.14 ? 125 HOH B O   1 
HETATM 1518 O O   . HOH G 3 .  ? 5.861   12.190  4.653   1.00 25.65 ? 101 HOH C O   1 
HETATM 1519 O O   . HOH G 3 .  ? -6.588  24.018  3.552   1.00 30.17 ? 102 HOH C O   1 
HETATM 1520 O O   . HOH G 3 .  ? 8.315   12.210  21.325  1.00 29.92 ? 103 HOH C O   1 
HETATM 1521 O O   . HOH G 3 .  ? 6.067   5.360   22.213  1.00 32.32 ? 104 HOH C O   1 
HETATM 1522 O O   . HOH G 3 .  ? -2.261  10.452  13.147  1.00 27.17 ? 105 HOH C O   1 
HETATM 1523 O O   . HOH G 3 .  ? 2.938   12.898  11.799  1.00 27.71 ? 106 HOH C O   1 
# 
loop_
_pdbx_poly_seq_scheme.asym_id 
_pdbx_poly_seq_scheme.entity_id 
_pdbx_poly_seq_scheme.seq_id 
_pdbx_poly_seq_scheme.mon_id 
_pdbx_poly_seq_scheme.ndb_seq_num 
_pdbx_poly_seq_scheme.pdb_seq_num 
_pdbx_poly_seq_scheme.auth_seq_num 
_pdbx_poly_seq_scheme.pdb_mon_id 
_pdbx_poly_seq_scheme.auth_mon_id 
_pdbx_poly_seq_scheme.pdb_strand_id 
_pdbx_poly_seq_scheme.pdb_ins_code 
_pdbx_poly_seq_scheme.hetero 
A 1 1  PRO 1  1  1  PRO PRO A . n 
A 1 2  PHE 2  2  2  PHE PHE A . n 
A 1 3  ALA 3  3  3  ALA ALA A . n 
A 1 4  GLN 4  4  4  GLN GLN A . n 
A 1 5  ILE 5  5  5  ILE ILE A . n 
A 1 6  TYR 6  6  6  TYR TYR A . n 
A 1 7  LEU 7  7  7  LEU LEU A . n 
A 1 8  ILE 8  8  8  ILE ILE A . n 
A 1 9  GLU 9  9  9  GLU GLU A . n 
A 1 10 GLY 10 10 10 GLY GLY A . n 
A 1 11 ARG 11 11 11 ARG ARG A . n 
A 1 12 THR 12 12 12 THR THR A . n 
A 1 13 GLU 13 13 13 GLU GLU A . n 
A 1 14 GLU 14 14 14 GLU GLU A . n 
A 1 15 GLN 15 15 15 GLN GLN A . n 
A 1 16 LYS 16 16 16 LYS LYS A . n 
A 1 17 ARG 17 17 17 ARG ARG A . n 
A 1 18 ALA 18 18 18 ALA ALA A . n 
A 1 19 VAL 19 19 19 VAL VAL A . n 
A 1 20 ILE 20 20 20 ILE ILE A . n 
A 1 21 GLU 21 21 21 GLU GLU A . n 
A 1 22 LYS 22 22 22 LYS LYS A . n 
A 1 23 VAL 23 23 23 VAL VAL A . n 
A 1 24 THR 24 24 24 THR THR A . n 
A 1 25 GLN 25 25 25 GLN GLN A . n 
A 1 26 ALA 26 26 26 ALA ALA A . n 
A 1 27 MET 27 27 27 MET MET A . n 
A 1 28 MET 28 28 28 MET MET A . n 
A 1 29 GLU 29 29 29 GLU GLU A . n 
A 1 30 ALA 30 30 30 ALA ALA A . n 
A 1 31 VAL 31 31 31 VAL VAL A . n 
A 1 32 GLY 32 32 32 GLY GLY A . n 
A 1 33 ALA 33 33 33 ALA ALA A . n 
A 1 34 PRO 34 34 34 PRO PRO A . n 
A 1 35 LYS 35 35 35 LYS LYS A . n 
A 1 36 GLU 36 36 36 GLU GLU A . n 
A 1 37 ASN 37 37 37 ASN ASN A . n 
A 1 38 VAL 38 38 38 VAL VAL A . n 
A 1 39 ARG 39 39 39 ARG ARG A . n 
A 1 40 VAL 40 40 40 VAL VAL A . n 
A 1 41 TRP 41 41 41 TRP TRP A . n 
A 1 42 ILE 42 42 42 ILE ILE A . n 
A 1 43 HIS 43 43 43 HIS HIS A . n 
A 1 44 ASP 44 44 44 ASP ASP A . n 
A 1 45 VAL 45 45 45 VAL VAL A . n 
A 1 46 PRO 46 46 46 PRO PRO A . n 
A 1 47 LYS 47 47 47 LYS LYS A . n 
A 1 48 GLU 48 48 48 GLU GLU A . n 
A 1 49 ASN 49 49 49 ASN ASN A . n 
A 1 50 TRP 50 50 50 TRP TRP A . n 
A 1 51 GLY 51 51 51 GLY GLY A . n 
A 1 52 ILE 52 52 52 ILE ILE A . n 
A 1 53 GLY 53 53 53 GLY GLY A . n 
A 1 54 GLY 54 54 54 GLY GLY A . n 
A 1 55 VAL 55 55 55 VAL VAL A . n 
A 1 56 SER 56 56 56 SER SER A . n 
A 1 57 ALA 57 57 57 ALA ALA A . n 
A 1 58 LYS 58 58 58 LYS LYS A . n 
A 1 59 ALA 59 59 59 ALA ALA A . n 
A 1 60 LEU 60 60 60 LEU LEU A . n 
A 1 61 GLY 61 61 61 GLY GLY A . n 
A 1 62 ARG 62 62 62 ARG ARG A . n 
B 1 1  PRO 1  1  1  PRO PRO B . n 
B 1 2  PHE 2  2  2  PHE PHE B . n 
B 1 3  ALA 3  3  3  ALA ALA B . n 
B 1 4  GLN 4  4  4  GLN GLN B . n 
B 1 5  ILE 5  5  5  ILE ILE B . n 
B 1 6  TYR 6  6  6  TYR TYR B . n 
B 1 7  LEU 7  7  7  LEU LEU B . n 
B 1 8  ILE 8  8  8  ILE ILE B . n 
B 1 9  GLU 9  9  9  GLU GLU B . n 
B 1 10 GLY 10 10 10 GLY GLY B . n 
B 1 11 ARG 11 11 11 ARG ARG B . n 
B 1 12 THR 12 12 12 THR THR B . n 
B 1 13 GLU 13 13 13 GLU GLU B . n 
B 1 14 GLU 14 14 14 GLU GLU B . n 
B 1 15 GLN 15 15 15 GLN GLN B . n 
B 1 16 LYS 16 16 16 LYS LYS B . n 
B 1 17 ARG 17 17 17 ARG ARG B . n 
B 1 18 ALA 18 18 18 ALA ALA B . n 
B 1 19 VAL 19 19 19 VAL VAL B . n 
B 1 20 ILE 20 20 20 ILE ILE B . n 
B 1 21 GLU 21 21 21 GLU GLU B . n 
B 1 22 LYS 22 22 22 LYS LYS B . n 
B 1 23 VAL 23 23 23 VAL VAL B . n 
B 1 24 THR 24 24 24 THR THR B . n 
B 1 25 GLN 25 25 25 GLN GLN B . n 
B 1 26 ALA 26 26 26 ALA ALA B . n 
B 1 27 MET 27 27 27 MET MET B . n 
B 1 28 MET 28 28 28 MET MET B . n 
B 1 29 GLU 29 29 29 GLU GLU B . n 
B 1 30 ALA 30 30 30 ALA ALA B . n 
B 1 31 VAL 31 31 31 VAL VAL B . n 
B 1 32 GLY 32 32 32 GLY GLY B . n 
B 1 33 ALA 33 33 33 ALA ALA B . n 
B 1 34 PRO 34 34 34 PRO PRO B . n 
B 1 35 LYS 35 35 35 LYS LYS B . n 
B 1 36 GLU 36 36 36 GLU GLU B . n 
B 1 37 ASN 37 37 37 ASN ASN B . n 
B 1 38 VAL 38 38 38 VAL VAL B . n 
B 1 39 ARG 39 39 39 ARG ARG B . n 
B 1 40 VAL 40 40 40 VAL VAL B . n 
B 1 41 TRP 41 41 41 TRP TRP B . n 
B 1 42 ILE 42 42 42 ILE ILE B . n 
B 1 43 HIS 43 43 43 HIS HIS B . n 
B 1 44 ASP 44 44 44 ASP ASP B . n 
B 1 45 VAL 45 45 45 VAL VAL B . n 
B 1 46 PRO 46 46 46 PRO PRO B . n 
B 1 47 LYS 47 47 47 LYS LYS B . n 
B 1 48 GLU 48 48 48 GLU GLU B . n 
B 1 49 ASN 49 49 49 ASN ASN B . n 
B 1 50 TRP 50 50 50 TRP TRP B . n 
B 1 51 GLY 51 51 51 GLY GLY B . n 
B 1 52 ILE 52 52 52 ILE ILE B . n 
B 1 53 GLY 53 53 53 GLY GLY B . n 
B 1 54 GLY 54 54 54 GLY GLY B . n 
B 1 55 VAL 55 55 55 VAL VAL B . n 
B 1 56 SER 56 56 56 SER SER B . n 
B 1 57 ALA 57 57 57 ALA ALA B . n 
B 1 58 LYS 58 58 58 LYS LYS B . n 
B 1 59 ALA 59 59 59 ALA ALA B . n 
B 1 60 LEU 60 60 60 LEU LEU B . n 
B 1 61 GLY 61 61 61 GLY GLY B . n 
B 1 62 ARG 62 62 62 ARG ARG B . n 
C 1 1  PRO 1  1  1  PRO PRO C . n 
C 1 2  PHE 2  2  2  PHE PHE C . n 
C 1 3  ALA 3  3  3  ALA ALA C . n 
C 1 4  GLN 4  4  4  GLN GLN C . n 
C 1 5  ILE 5  5  5  ILE ILE C . n 
C 1 6  TYR 6  6  6  TYR TYR C . n 
C 1 7  LEU 7  7  7  LEU LEU C . n 
C 1 8  ILE 8  8  8  ILE ILE C . n 
C 1 9  GLU 9  9  9  GLU GLU C . n 
C 1 10 GLY 10 10 10 GLY GLY C . n 
C 1 11 ARG 11 11 11 ARG ARG C . n 
C 1 12 THR 12 12 12 THR THR C . n 
C 1 13 GLU 13 13 13 GLU GLU C . n 
C 1 14 GLU 14 14 14 GLU GLU C . n 
C 1 15 GLN 15 15 15 GLN GLN C . n 
C 1 16 LYS 16 16 16 LYS LYS C . n 
C 1 17 ARG 17 17 17 ARG ARG C . n 
C 1 18 ALA 18 18 18 ALA ALA C . n 
C 1 19 VAL 19 19 19 VAL VAL C . n 
C 1 20 ILE 20 20 20 ILE ILE C . n 
C 1 21 GLU 21 21 21 GLU GLU C . n 
C 1 22 LYS 22 22 22 LYS LYS C . n 
C 1 23 VAL 23 23 23 VAL VAL C . n 
C 1 24 THR 24 24 24 THR THR C . n 
C 1 25 GLN 25 25 25 GLN GLN C . n 
C 1 26 ALA 26 26 26 ALA ALA C . n 
C 1 27 MET 27 27 27 MET MET C . n 
C 1 28 MET 28 28 28 MET MET C . n 
C 1 29 GLU 29 29 29 GLU GLU C . n 
C 1 30 ALA 30 30 30 ALA ALA C . n 
C 1 31 VAL 31 31 31 VAL VAL C . n 
C 1 32 GLY 32 32 32 GLY GLY C . n 
C 1 33 ALA 33 33 33 ALA ALA C . n 
C 1 34 PRO 34 34 34 PRO PRO C . n 
C 1 35 LYS 35 35 35 LYS LYS C . n 
C 1 36 GLU 36 36 36 GLU GLU C . n 
C 1 37 ASN 37 37 37 ASN ASN C . n 
C 1 38 VAL 38 38 38 VAL VAL C . n 
C 1 39 ARG 39 39 39 ARG ARG C . n 
C 1 40 VAL 40 40 40 VAL VAL C . n 
C 1 41 TRP 41 41 41 TRP TRP C . n 
C 1 42 ILE 42 42 42 ILE ILE C . n 
C 1 43 HIS 43 43 43 HIS HIS C . n 
C 1 44 ASP 44 44 44 ASP ASP C . n 
C 1 45 VAL 45 45 45 VAL VAL C . n 
C 1 46 PRO 46 46 46 PRO PRO C . n 
C 1 47 LYS 47 47 47 LYS LYS C . n 
C 1 48 GLU 48 48 48 GLU GLU C . n 
C 1 49 ASN 49 49 49 ASN ASN C . n 
C 1 50 TRP 50 50 50 TRP TRP C . n 
C 1 51 GLY 51 51 51 GLY GLY C . n 
C 1 52 ILE 52 52 52 ILE ILE C . n 
C 1 53 GLY 53 53 53 GLY GLY C . n 
C 1 54 GLY 54 54 54 GLY GLY C . n 
C 1 55 VAL 55 55 55 VAL VAL C . n 
C 1 56 SER 56 56 56 SER SER C . n 
C 1 57 ALA 57 57 57 ALA ALA C . n 
C 1 58 LYS 58 58 58 LYS LYS C . n 
C 1 59 ALA 59 59 59 ALA ALA C . n 
C 1 60 LEU 60 60 60 LEU LEU C . n 
C 1 61 GLY 61 61 61 GLY GLY C . n 
C 1 62 ARG 62 62 62 ARG ARG C . n 
# 
loop_
_pdbx_nonpoly_scheme.asym_id 
_pdbx_nonpoly_scheme.entity_id 
_pdbx_nonpoly_scheme.mon_id 
_pdbx_nonpoly_scheme.ndb_seq_num 
_pdbx_nonpoly_scheme.pdb_seq_num 
_pdbx_nonpoly_scheme.auth_seq_num 
_pdbx_nonpoly_scheme.pdb_mon_id 
_pdbx_nonpoly_scheme.auth_mon_id 
_pdbx_nonpoly_scheme.pdb_strand_id 
_pdbx_nonpoly_scheme.pdb_ins_code 
D 2 SO4 1  101 1  SO4 SO4 A . 
E 3 HOH 1  201 1  HOH HOH A . 
E 3 HOH 2  202 2  HOH HOH A . 
E 3 HOH 3  203 3  HOH HOH A . 
E 3 HOH 4  204 6  HOH HOH A . 
E 3 HOH 5  205 8  HOH HOH A . 
E 3 HOH 6  206 11 HOH HOH A . 
E 3 HOH 7  207 13 HOH HOH A . 
E 3 HOH 8  208 15 HOH HOH A . 
E 3 HOH 9  209 18 HOH HOH A . 
E 3 HOH 10 210 19 HOH HOH A . 
E 3 HOH 11 211 20 HOH HOH A . 
E 3 HOH 12 212 21 HOH HOH A . 
E 3 HOH 13 213 23 HOH HOH A . 
E 3 HOH 14 214 24 HOH HOH A . 
E 3 HOH 15 215 28 HOH HOH A . 
E 3 HOH 16 216 30 HOH HOH A . 
E 3 HOH 17 217 32 HOH HOH A . 
E 3 HOH 18 218 33 HOH HOH A . 
E 3 HOH 19 219 40 HOH HOH A . 
E 3 HOH 20 220 41 HOH HOH A . 
E 3 HOH 21 221 45 HOH HOH A . 
E 3 HOH 22 222 47 HOH HOH A . 
E 3 HOH 23 223 48 HOH HOH A . 
E 3 HOH 24 224 49 HOH HOH A . 
E 3 HOH 25 225 50 HOH HOH A . 
E 3 HOH 26 226 51 HOH HOH A . 
E 3 HOH 27 227 56 HOH HOH A . 
E 3 HOH 28 228 57 HOH HOH A . 
E 3 HOH 29 229 58 HOH HOH A . 
E 3 HOH 30 230 61 HOH HOH A . 
F 3 HOH 1  101 4  HOH HOH B . 
F 3 HOH 2  102 5  HOH HOH B . 
F 3 HOH 3  103 7  HOH HOH B . 
F 3 HOH 4  104 9  HOH HOH B . 
F 3 HOH 5  105 10 HOH HOH B . 
F 3 HOH 6  106 12 HOH HOH B . 
F 3 HOH 7  107 14 HOH HOH B . 
F 3 HOH 8  108 16 HOH HOH B . 
F 3 HOH 9  109 22 HOH HOH B . 
F 3 HOH 10 110 25 HOH HOH B . 
F 3 HOH 11 111 26 HOH HOH B . 
F 3 HOH 12 112 27 HOH HOH B . 
F 3 HOH 13 113 29 HOH HOH B . 
F 3 HOH 14 114 31 HOH HOH B . 
F 3 HOH 15 115 37 HOH HOH B . 
F 3 HOH 16 116 38 HOH HOH B . 
F 3 HOH 17 117 39 HOH HOH B . 
F 3 HOH 18 118 42 HOH HOH B . 
F 3 HOH 19 119 43 HOH HOH B . 
F 3 HOH 20 120 46 HOH HOH B . 
F 3 HOH 21 121 71 HOH HOH B . 
F 3 HOH 22 122 77 HOH HOH B . 
F 3 HOH 23 123 79 HOH HOH B . 
F 3 HOH 24 124 80 HOH HOH B . 
F 3 HOH 25 125 81 HOH HOH B . 
G 3 HOH 1  101 17 HOH HOH C . 
G 3 HOH 2  102 34 HOH HOH C . 
G 3 HOH 3  103 35 HOH HOH C . 
G 3 HOH 4  104 36 HOH HOH C . 
G 3 HOH 5  105 64 HOH HOH C . 
G 3 HOH 6  106 82 HOH HOH C . 
# 
_pdbx_struct_assembly.id                   1 
_pdbx_struct_assembly.details              author_and_software_defined_assembly 
_pdbx_struct_assembly.method_details       PISA 
_pdbx_struct_assembly.oligomeric_details   hexameric 
_pdbx_struct_assembly.oligomeric_count     6 
# 
_pdbx_struct_assembly_gen.assembly_id       1 
_pdbx_struct_assembly_gen.oper_expression   1,2 
_pdbx_struct_assembly_gen.asym_id_list      A,B,C,D,E,F,G 
# 
loop_
_pdbx_struct_assembly_prop.biol_id 
_pdbx_struct_assembly_prop.type 
_pdbx_struct_assembly_prop.value 
_pdbx_struct_assembly_prop.details 
1 'ABSA (A^2)' 13850 ? 
1 MORE         -112  ? 
1 'SSA (A^2)'  14090 ? 
# 
loop_
_pdbx_struct_oper_list.id 
_pdbx_struct_oper_list.type 
_pdbx_struct_oper_list.name 
_pdbx_struct_oper_list.symmetry_operation 
_pdbx_struct_oper_list.matrix[1][1] 
_pdbx_struct_oper_list.matrix[1][2] 
_pdbx_struct_oper_list.matrix[1][3] 
_pdbx_struct_oper_list.vector[1] 
_pdbx_struct_oper_list.matrix[2][1] 
_pdbx_struct_oper_list.matrix[2][2] 
_pdbx_struct_oper_list.matrix[2][3] 
_pdbx_struct_oper_list.vector[2] 
_pdbx_struct_oper_list.matrix[3][1] 
_pdbx_struct_oper_list.matrix[3][2] 
_pdbx_struct_oper_list.matrix[3][3] 
_pdbx_struct_oper_list.vector[3] 
1 'identity operation'         1_555 x,y,z       1.0000000000  0.0000000000  0.0000000000  0.0000000000  0.0000000000  1.0000000000  0.0000000000 0.0000000000  0.0000000000  0.0000000000 1.0000000000  0.0000000000  
2 'crystal symmetry operation' 3_555 -x,y,-z+1/2 -0.0558360908 -0.2534839652 -0.9657267783 -3.0225231202 -0.2534839652 -0.9319460107 0.2592730464 10.2571662320 -0.9657267783 0.2592730464 -0.0122178985 -5.6473368400 
# 
loop_
_pdbx_audit_revision_history.ordinal 
_pdbx_audit_revision_history.data_content_type 
_pdbx_audit_revision_history.major_revision 
_pdbx_audit_revision_history.minor_revision 
_pdbx_audit_revision_history.revision_date 
1 'Structure model' 1 0 2013-06-05 
2 'Structure model' 1 1 2014-03-26 
3 'Structure model' 1 2 2023-09-13 
# 
_pdbx_audit_revision_details.ordinal             1 
_pdbx_audit_revision_details.revision_ordinal    1 
_pdbx_audit_revision_details.data_content_type   'Structure model' 
_pdbx_audit_revision_details.provider            repository 
_pdbx_audit_revision_details.type                'Initial release' 
_pdbx_audit_revision_details.description         ? 
_pdbx_audit_revision_details.details             ? 
# 
loop_
_pdbx_audit_revision_group.ordinal 
_pdbx_audit_revision_group.revision_ordinal 
_pdbx_audit_revision_group.data_content_type 
_pdbx_audit_revision_group.group 
1 2 'Structure model' 'Database references'    
2 3 'Structure model' 'Data collection'        
3 3 'Structure model' 'Database references'    
4 3 'Structure model' 'Derived calculations'   
5 3 'Structure model' 'Refinement description' 
# 
loop_
_pdbx_audit_revision_category.ordinal 
_pdbx_audit_revision_category.revision_ordinal 
_pdbx_audit_revision_category.data_content_type 
_pdbx_audit_revision_category.category 
1 3 'Structure model' chem_comp_atom                
2 3 'Structure model' chem_comp_bond                
3 3 'Structure model' database_2                    
4 3 'Structure model' pdbx_initial_refinement_model 
5 3 'Structure model' struct_site                   
# 
loop_
_pdbx_audit_revision_item.ordinal 
_pdbx_audit_revision_item.revision_ordinal 
_pdbx_audit_revision_item.data_content_type 
_pdbx_audit_revision_item.item 
1 3 'Structure model' '_database_2.pdbx_DOI'                
2 3 'Structure model' '_database_2.pdbx_database_accession' 
3 3 'Structure model' '_struct_site.pdbx_auth_asym_id'      
4 3 'Structure model' '_struct_site.pdbx_auth_comp_id'      
5 3 'Structure model' '_struct_site.pdbx_auth_seq_id'       
# 
loop_
_software.name 
_software.classification 
_software.version 
_software.citation_id 
_software.pdbx_ordinal 
HKL-2000 'data collection' .        ? 1 
PHASER   phasing           .        ? 2 
REFMAC   refinement        5.6.0117 ? 3 
HKL-2000 'data reduction'  .        ? 4 
HKL-2000 'data scaling'    .        ? 5 
# 
_pdbx_validate_rmsd_bond.id                        1 
_pdbx_validate_rmsd_bond.PDB_model_num             1 
_pdbx_validate_rmsd_bond.auth_atom_id_1            CE2 
_pdbx_validate_rmsd_bond.auth_asym_id_1            B 
_pdbx_validate_rmsd_bond.auth_comp_id_1            TRP 
_pdbx_validate_rmsd_bond.auth_seq_id_1             41 
_pdbx_validate_rmsd_bond.PDB_ins_code_1            ? 
_pdbx_validate_rmsd_bond.label_alt_id_1            ? 
_pdbx_validate_rmsd_bond.auth_atom_id_2            CD2 
_pdbx_validate_rmsd_bond.auth_asym_id_2            B 
_pdbx_validate_rmsd_bond.auth_comp_id_2            TRP 
_pdbx_validate_rmsd_bond.auth_seq_id_2             41 
_pdbx_validate_rmsd_bond.PDB_ins_code_2            ? 
_pdbx_validate_rmsd_bond.label_alt_id_2            ? 
_pdbx_validate_rmsd_bond.bond_value                1.491 
_pdbx_validate_rmsd_bond.bond_target_value         1.409 
_pdbx_validate_rmsd_bond.bond_deviation            0.082 
_pdbx_validate_rmsd_bond.bond_standard_deviation   0.012 
_pdbx_validate_rmsd_bond.linker_flag               N 
# 
loop_
_pdbx_validate_rmsd_angle.id 
_pdbx_validate_rmsd_angle.PDB_model_num 
_pdbx_validate_rmsd_angle.auth_atom_id_1 
_pdbx_validate_rmsd_angle.auth_asym_id_1 
_pdbx_validate_rmsd_angle.auth_comp_id_1 
_pdbx_validate_rmsd_angle.auth_seq_id_1 
_pdbx_validate_rmsd_angle.PDB_ins_code_1 
_pdbx_validate_rmsd_angle.label_alt_id_1 
_pdbx_validate_rmsd_angle.auth_atom_id_2 
_pdbx_validate_rmsd_angle.auth_asym_id_2 
_pdbx_validate_rmsd_angle.auth_comp_id_2 
_pdbx_validate_rmsd_angle.auth_seq_id_2 
_pdbx_validate_rmsd_angle.PDB_ins_code_2 
_pdbx_validate_rmsd_angle.label_alt_id_2 
_pdbx_validate_rmsd_angle.auth_atom_id_3 
_pdbx_validate_rmsd_angle.auth_asym_id_3 
_pdbx_validate_rmsd_angle.auth_comp_id_3 
_pdbx_validate_rmsd_angle.auth_seq_id_3 
_pdbx_validate_rmsd_angle.PDB_ins_code_3 
_pdbx_validate_rmsd_angle.label_alt_id_3 
_pdbx_validate_rmsd_angle.angle_value 
_pdbx_validate_rmsd_angle.angle_target_value 
_pdbx_validate_rmsd_angle.angle_deviation 
_pdbx_validate_rmsd_angle.angle_standard_deviation 
_pdbx_validate_rmsd_angle.linker_flag 
1 1 NE B ARG 11 ? ? CZ B ARG 11 ? ? NH1 B ARG 11 ? ? 127.43 120.30 7.13  0.50 N 
2 1 NE B ARG 11 ? ? CZ B ARG 11 ? ? NH2 B ARG 11 ? ? 116.50 120.30 -3.80 0.50 N 
# 
loop_
_chem_comp_atom.comp_id 
_chem_comp_atom.atom_id 
_chem_comp_atom.type_symbol 
_chem_comp_atom.pdbx_aromatic_flag 
_chem_comp_atom.pdbx_stereo_config 
_chem_comp_atom.pdbx_ordinal 
ALA N    N N N 1   
ALA CA   C N S 2   
ALA C    C N N 3   
ALA O    O N N 4   
ALA CB   C N N 5   
ALA OXT  O N N 6   
ALA H    H N N 7   
ALA H2   H N N 8   
ALA HA   H N N 9   
ALA HB1  H N N 10  
ALA HB2  H N N 11  
ALA HB3  H N N 12  
ALA HXT  H N N 13  
ARG N    N N N 14  
ARG CA   C N S 15  
ARG C    C N N 16  
ARG O    O N N 17  
ARG CB   C N N 18  
ARG CG   C N N 19  
ARG CD   C N N 20  
ARG NE   N N N 21  
ARG CZ   C N N 22  
ARG NH1  N N N 23  
ARG NH2  N N N 24  
ARG OXT  O N N 25  
ARG H    H N N 26  
ARG H2   H N N 27  
ARG HA   H N N 28  
ARG HB2  H N N 29  
ARG HB3  H N N 30  
ARG HG2  H N N 31  
ARG HG3  H N N 32  
ARG HD2  H N N 33  
ARG HD3  H N N 34  
ARG HE   H N N 35  
ARG HH11 H N N 36  
ARG HH12 H N N 37  
ARG HH21 H N N 38  
ARG HH22 H N N 39  
ARG HXT  H N N 40  
ASN N    N N N 41  
ASN CA   C N S 42  
ASN C    C N N 43  
ASN O    O N N 44  
ASN CB   C N N 45  
ASN CG   C N N 46  
ASN OD1  O N N 47  
ASN ND2  N N N 48  
ASN OXT  O N N 49  
ASN H    H N N 50  
ASN H2   H N N 51  
ASN HA   H N N 52  
ASN HB2  H N N 53  
ASN HB3  H N N 54  
ASN HD21 H N N 55  
ASN HD22 H N N 56  
ASN HXT  H N N 57  
ASP N    N N N 58  
ASP CA   C N S 59  
ASP C    C N N 60  
ASP O    O N N 61  
ASP CB   C N N 62  
ASP CG   C N N 63  
ASP OD1  O N N 64  
ASP OD2  O N N 65  
ASP OXT  O N N 66  
ASP H    H N N 67  
ASP H2   H N N 68  
ASP HA   H N N 69  
ASP HB2  H N N 70  
ASP HB3  H N N 71  
ASP HD2  H N N 72  
ASP HXT  H N N 73  
GLN N    N N N 74  
GLN CA   C N S 75  
GLN C    C N N 76  
GLN O    O N N 77  
GLN CB   C N N 78  
GLN CG   C N N 79  
GLN CD   C N N 80  
GLN OE1  O N N 81  
GLN NE2  N N N 82  
GLN OXT  O N N 83  
GLN H    H N N 84  
GLN H2   H N N 85  
GLN HA   H N N 86  
GLN HB2  H N N 87  
GLN HB3  H N N 88  
GLN HG2  H N N 89  
GLN HG3  H N N 90  
GLN HE21 H N N 91  
GLN HE22 H N N 92  
GLN HXT  H N N 93  
GLU N    N N N 94  
GLU CA   C N S 95  
GLU C    C N N 96  
GLU O    O N N 97  
GLU CB   C N N 98  
GLU CG   C N N 99  
GLU CD   C N N 100 
GLU OE1  O N N 101 
GLU OE2  O N N 102 
GLU OXT  O N N 103 
GLU H    H N N 104 
GLU H2   H N N 105 
GLU HA   H N N 106 
GLU HB2  H N N 107 
GLU HB3  H N N 108 
GLU HG2  H N N 109 
GLU HG3  H N N 110 
GLU HE2  H N N 111 
GLU HXT  H N N 112 
GLY N    N N N 113 
GLY CA   C N N 114 
GLY C    C N N 115 
GLY O    O N N 116 
GLY OXT  O N N 117 
GLY H    H N N 118 
GLY H2   H N N 119 
GLY HA2  H N N 120 
GLY HA3  H N N 121 
GLY HXT  H N N 122 
HIS N    N N N 123 
HIS CA   C N S 124 
HIS C    C N N 125 
HIS O    O N N 126 
HIS CB   C N N 127 
HIS CG   C Y N 128 
HIS ND1  N Y N 129 
HIS CD2  C Y N 130 
HIS CE1  C Y N 131 
HIS NE2  N Y N 132 
HIS OXT  O N N 133 
HIS H    H N N 134 
HIS H2   H N N 135 
HIS HA   H N N 136 
HIS HB2  H N N 137 
HIS HB3  H N N 138 
HIS HD1  H N N 139 
HIS HD2  H N N 140 
HIS HE1  H N N 141 
HIS HE2  H N N 142 
HIS HXT  H N N 143 
HOH O    O N N 144 
HOH H1   H N N 145 
HOH H2   H N N 146 
ILE N    N N N 147 
ILE CA   C N S 148 
ILE C    C N N 149 
ILE O    O N N 150 
ILE CB   C N S 151 
ILE CG1  C N N 152 
ILE CG2  C N N 153 
ILE CD1  C N N 154 
ILE OXT  O N N 155 
ILE H    H N N 156 
ILE H2   H N N 157 
ILE HA   H N N 158 
ILE HB   H N N 159 
ILE HG12 H N N 160 
ILE HG13 H N N 161 
ILE HG21 H N N 162 
ILE HG22 H N N 163 
ILE HG23 H N N 164 
ILE HD11 H N N 165 
ILE HD12 H N N 166 
ILE HD13 H N N 167 
ILE HXT  H N N 168 
LEU N    N N N 169 
LEU CA   C N S 170 
LEU C    C N N 171 
LEU O    O N N 172 
LEU CB   C N N 173 
LEU CG   C N N 174 
LEU CD1  C N N 175 
LEU CD2  C N N 176 
LEU OXT  O N N 177 
LEU H    H N N 178 
LEU H2   H N N 179 
LEU HA   H N N 180 
LEU HB2  H N N 181 
LEU HB3  H N N 182 
LEU HG   H N N 183 
LEU HD11 H N N 184 
LEU HD12 H N N 185 
LEU HD13 H N N 186 
LEU HD21 H N N 187 
LEU HD22 H N N 188 
LEU HD23 H N N 189 
LEU HXT  H N N 190 
LYS N    N N N 191 
LYS CA   C N S 192 
LYS C    C N N 193 
LYS O    O N N 194 
LYS CB   C N N 195 
LYS CG   C N N 196 
LYS CD   C N N 197 
LYS CE   C N N 198 
LYS NZ   N N N 199 
LYS OXT  O N N 200 
LYS H    H N N 201 
LYS H2   H N N 202 
LYS HA   H N N 203 
LYS HB2  H N N 204 
LYS HB3  H N N 205 
LYS HG2  H N N 206 
LYS HG3  H N N 207 
LYS HD2  H N N 208 
LYS HD3  H N N 209 
LYS HE2  H N N 210 
LYS HE3  H N N 211 
LYS HZ1  H N N 212 
LYS HZ2  H N N 213 
LYS HZ3  H N N 214 
LYS HXT  H N N 215 
MET N    N N N 216 
MET CA   C N S 217 
MET C    C N N 218 
MET O    O N N 219 
MET CB   C N N 220 
MET CG   C N N 221 
MET SD   S N N 222 
MET CE   C N N 223 
MET OXT  O N N 224 
MET H    H N N 225 
MET H2   H N N 226 
MET HA   H N N 227 
MET HB2  H N N 228 
MET HB3  H N N 229 
MET HG2  H N N 230 
MET HG3  H N N 231 
MET HE1  H N N 232 
MET HE2  H N N 233 
MET HE3  H N N 234 
MET HXT  H N N 235 
PHE N    N N N 236 
PHE CA   C N S 237 
PHE C    C N N 238 
PHE O    O N N 239 
PHE CB   C N N 240 
PHE CG   C Y N 241 
PHE CD1  C Y N 242 
PHE CD2  C Y N 243 
PHE CE1  C Y N 244 
PHE CE2  C Y N 245 
PHE CZ   C Y N 246 
PHE OXT  O N N 247 
PHE H    H N N 248 
PHE H2   H N N 249 
PHE HA   H N N 250 
PHE HB2  H N N 251 
PHE HB3  H N N 252 
PHE HD1  H N N 253 
PHE HD2  H N N 254 
PHE HE1  H N N 255 
PHE HE2  H N N 256 
PHE HZ   H N N 257 
PHE HXT  H N N 258 
PRO N    N N N 259 
PRO CA   C N S 260 
PRO C    C N N 261 
PRO O    O N N 262 
PRO CB   C N N 263 
PRO CG   C N N 264 
PRO CD   C N N 265 
PRO OXT  O N N 266 
PRO H    H N N 267 
PRO HA   H N N 268 
PRO HB2  H N N 269 
PRO HB3  H N N 270 
PRO HG2  H N N 271 
PRO HG3  H N N 272 
PRO HD2  H N N 273 
PRO HD3  H N N 274 
PRO HXT  H N N 275 
SER N    N N N 276 
SER CA   C N S 277 
SER C    C N N 278 
SER O    O N N 279 
SER CB   C N N 280 
SER OG   O N N 281 
SER OXT  O N N 282 
SER H    H N N 283 
SER H2   H N N 284 
SER HA   H N N 285 
SER HB2  H N N 286 
SER HB3  H N N 287 
SER HG   H N N 288 
SER HXT  H N N 289 
SO4 S    S N N 290 
SO4 O1   O N N 291 
SO4 O2   O N N 292 
SO4 O3   O N N 293 
SO4 O4   O N N 294 
THR N    N N N 295 
THR CA   C N S 296 
THR C    C N N 297 
THR O    O N N 298 
THR CB   C N R 299 
THR OG1  O N N 300 
THR CG2  C N N 301 
THR OXT  O N N 302 
THR H    H N N 303 
THR H2   H N N 304 
THR HA   H N N 305 
THR HB   H N N 306 
THR HG1  H N N 307 
THR HG21 H N N 308 
THR HG22 H N N 309 
THR HG23 H N N 310 
THR HXT  H N N 311 
TRP N    N N N 312 
TRP CA   C N S 313 
TRP C    C N N 314 
TRP O    O N N 315 
TRP CB   C N N 316 
TRP CG   C Y N 317 
TRP CD1  C Y N 318 
TRP CD2  C Y N 319 
TRP NE1  N Y N 320 
TRP CE2  C Y N 321 
TRP CE3  C Y N 322 
TRP CZ2  C Y N 323 
TRP CZ3  C Y N 324 
TRP CH2  C Y N 325 
TRP OXT  O N N 326 
TRP H    H N N 327 
TRP H2   H N N 328 
TRP HA   H N N 329 
TRP HB2  H N N 330 
TRP HB3  H N N 331 
TRP HD1  H N N 332 
TRP HE1  H N N 333 
TRP HE3  H N N 334 
TRP HZ2  H N N 335 
TRP HZ3  H N N 336 
TRP HH2  H N N 337 
TRP HXT  H N N 338 
TYR N    N N N 339 
TYR CA   C N S 340 
TYR C    C N N 341 
TYR O    O N N 342 
TYR CB   C N N 343 
TYR CG   C Y N 344 
TYR CD1  C Y N 345 
TYR CD2  C Y N 346 
TYR CE1  C Y N 347 
TYR CE2  C Y N 348 
TYR CZ   C Y N 349 
TYR OH   O N N 350 
TYR OXT  O N N 351 
TYR H    H N N 352 
TYR H2   H N N 353 
TYR HA   H N N 354 
TYR HB2  H N N 355 
TYR HB3  H N N 356 
TYR HD1  H N N 357 
TYR HD2  H N N 358 
TYR HE1  H N N 359 
TYR HE2  H N N 360 
TYR HH   H N N 361 
TYR HXT  H N N 362 
VAL N    N N N 363 
VAL CA   C N S 364 
VAL C    C N N 365 
VAL O    O N N 366 
VAL CB   C N N 367 
VAL CG1  C N N 368 
VAL CG2  C N N 369 
VAL OXT  O N N 370 
VAL H    H N N 371 
VAL H2   H N N 372 
VAL HA   H N N 373 
VAL HB   H N N 374 
VAL HG11 H N N 375 
VAL HG12 H N N 376 
VAL HG13 H N N 377 
VAL HG21 H N N 378 
VAL HG22 H N N 379 
VAL HG23 H N N 380 
VAL HXT  H N N 381 
# 
loop_
_chem_comp_bond.comp_id 
_chem_comp_bond.atom_id_1 
_chem_comp_bond.atom_id_2 
_chem_comp_bond.value_order 
_chem_comp_bond.pdbx_aromatic_flag 
_chem_comp_bond.pdbx_stereo_config 
_chem_comp_bond.pdbx_ordinal 
ALA N   CA   sing N N 1   
ALA N   H    sing N N 2   
ALA N   H2   sing N N 3   
ALA CA  C    sing N N 4   
ALA CA  CB   sing N N 5   
ALA CA  HA   sing N N 6   
ALA C   O    doub N N 7   
ALA C   OXT  sing N N 8   
ALA CB  HB1  sing N N 9   
ALA CB  HB2  sing N N 10  
ALA CB  HB3  sing N N 11  
ALA OXT HXT  sing N N 12  
ARG N   CA   sing N N 13  
ARG N   H    sing N N 14  
ARG N   H2   sing N N 15  
ARG CA  C    sing N N 16  
ARG CA  CB   sing N N 17  
ARG CA  HA   sing N N 18  
ARG C   O    doub N N 19  
ARG C   OXT  sing N N 20  
ARG CB  CG   sing N N 21  
ARG CB  HB2  sing N N 22  
ARG CB  HB3  sing N N 23  
ARG CG  CD   sing N N 24  
ARG CG  HG2  sing N N 25  
ARG CG  HG3  sing N N 26  
ARG CD  NE   sing N N 27  
ARG CD  HD2  sing N N 28  
ARG CD  HD3  sing N N 29  
ARG NE  CZ   sing N N 30  
ARG NE  HE   sing N N 31  
ARG CZ  NH1  sing N N 32  
ARG CZ  NH2  doub N N 33  
ARG NH1 HH11 sing N N 34  
ARG NH1 HH12 sing N N 35  
ARG NH2 HH21 sing N N 36  
ARG NH2 HH22 sing N N 37  
ARG OXT HXT  sing N N 38  
ASN N   CA   sing N N 39  
ASN N   H    sing N N 40  
ASN N   H2   sing N N 41  
ASN CA  C    sing N N 42  
ASN CA  CB   sing N N 43  
ASN CA  HA   sing N N 44  
ASN C   O    doub N N 45  
ASN C   OXT  sing N N 46  
ASN CB  CG   sing N N 47  
ASN CB  HB2  sing N N 48  
ASN CB  HB3  sing N N 49  
ASN CG  OD1  doub N N 50  
ASN CG  ND2  sing N N 51  
ASN ND2 HD21 sing N N 52  
ASN ND2 HD22 sing N N 53  
ASN OXT HXT  sing N N 54  
ASP N   CA   sing N N 55  
ASP N   H    sing N N 56  
ASP N   H2   sing N N 57  
ASP CA  C    sing N N 58  
ASP CA  CB   sing N N 59  
ASP CA  HA   sing N N 60  
ASP C   O    doub N N 61  
ASP C   OXT  sing N N 62  
ASP CB  CG   sing N N 63  
ASP CB  HB2  sing N N 64  
ASP CB  HB3  sing N N 65  
ASP CG  OD1  doub N N 66  
ASP CG  OD2  sing N N 67  
ASP OD2 HD2  sing N N 68  
ASP OXT HXT  sing N N 69  
GLN N   CA   sing N N 70  
GLN N   H    sing N N 71  
GLN N   H2   sing N N 72  
GLN CA  C    sing N N 73  
GLN CA  CB   sing N N 74  
GLN CA  HA   sing N N 75  
GLN C   O    doub N N 76  
GLN C   OXT  sing N N 77  
GLN CB  CG   sing N N 78  
GLN CB  HB2  sing N N 79  
GLN CB  HB3  sing N N 80  
GLN CG  CD   sing N N 81  
GLN CG  HG2  sing N N 82  
GLN CG  HG3  sing N N 83  
GLN CD  OE1  doub N N 84  
GLN CD  NE2  sing N N 85  
GLN NE2 HE21 sing N N 86  
GLN NE2 HE22 sing N N 87  
GLN OXT HXT  sing N N 88  
GLU N   CA   sing N N 89  
GLU N   H    sing N N 90  
GLU N   H2   sing N N 91  
GLU CA  C    sing N N 92  
GLU CA  CB   sing N N 93  
GLU CA  HA   sing N N 94  
GLU C   O    doub N N 95  
GLU C   OXT  sing N N 96  
GLU CB  CG   sing N N 97  
GLU CB  HB2  sing N N 98  
GLU CB  HB3  sing N N 99  
GLU CG  CD   sing N N 100 
GLU CG  HG2  sing N N 101 
GLU CG  HG3  sing N N 102 
GLU CD  OE1  doub N N 103 
GLU CD  OE2  sing N N 104 
GLU OE2 HE2  sing N N 105 
GLU OXT HXT  sing N N 106 
GLY N   CA   sing N N 107 
GLY N   H    sing N N 108 
GLY N   H2   sing N N 109 
GLY CA  C    sing N N 110 
GLY CA  HA2  sing N N 111 
GLY CA  HA3  sing N N 112 
GLY C   O    doub N N 113 
GLY C   OXT  sing N N 114 
GLY OXT HXT  sing N N 115 
HIS N   CA   sing N N 116 
HIS N   H    sing N N 117 
HIS N   H2   sing N N 118 
HIS CA  C    sing N N 119 
HIS CA  CB   sing N N 120 
HIS CA  HA   sing N N 121 
HIS C   O    doub N N 122 
HIS C   OXT  sing N N 123 
HIS CB  CG   sing N N 124 
HIS CB  HB2  sing N N 125 
HIS CB  HB3  sing N N 126 
HIS CG  ND1  sing Y N 127 
HIS CG  CD2  doub Y N 128 
HIS ND1 CE1  doub Y N 129 
HIS ND1 HD1  sing N N 130 
HIS CD2 NE2  sing Y N 131 
HIS CD2 HD2  sing N N 132 
HIS CE1 NE2  sing Y N 133 
HIS CE1 HE1  sing N N 134 
HIS NE2 HE2  sing N N 135 
HIS OXT HXT  sing N N 136 
HOH O   H1   sing N N 137 
HOH O   H2   sing N N 138 
ILE N   CA   sing N N 139 
ILE N   H    sing N N 140 
ILE N   H2   sing N N 141 
ILE CA  C    sing N N 142 
ILE CA  CB   sing N N 143 
ILE CA  HA   sing N N 144 
ILE C   O    doub N N 145 
ILE C   OXT  sing N N 146 
ILE CB  CG1  sing N N 147 
ILE CB  CG2  sing N N 148 
ILE CB  HB   sing N N 149 
ILE CG1 CD1  sing N N 150 
ILE CG1 HG12 sing N N 151 
ILE CG1 HG13 sing N N 152 
ILE CG2 HG21 sing N N 153 
ILE CG2 HG22 sing N N 154 
ILE CG2 HG23 sing N N 155 
ILE CD1 HD11 sing N N 156 
ILE CD1 HD12 sing N N 157 
ILE CD1 HD13 sing N N 158 
ILE OXT HXT  sing N N 159 
LEU N   CA   sing N N 160 
LEU N   H    sing N N 161 
LEU N   H2   sing N N 162 
LEU CA  C    sing N N 163 
LEU CA  CB   sing N N 164 
LEU CA  HA   sing N N 165 
LEU C   O    doub N N 166 
LEU C   OXT  sing N N 167 
LEU CB  CG   sing N N 168 
LEU CB  HB2  sing N N 169 
LEU CB  HB3  sing N N 170 
LEU CG  CD1  sing N N 171 
LEU CG  CD2  sing N N 172 
LEU CG  HG   sing N N 173 
LEU CD1 HD11 sing N N 174 
LEU CD1 HD12 sing N N 175 
LEU CD1 HD13 sing N N 176 
LEU CD2 HD21 sing N N 177 
LEU CD2 HD22 sing N N 178 
LEU CD2 HD23 sing N N 179 
LEU OXT HXT  sing N N 180 
LYS N   CA   sing N N 181 
LYS N   H    sing N N 182 
LYS N   H2   sing N N 183 
LYS CA  C    sing N N 184 
LYS CA  CB   sing N N 185 
LYS CA  HA   sing N N 186 
LYS C   O    doub N N 187 
LYS C   OXT  sing N N 188 
LYS CB  CG   sing N N 189 
LYS CB  HB2  sing N N 190 
LYS CB  HB3  sing N N 191 
LYS CG  CD   sing N N 192 
LYS CG  HG2  sing N N 193 
LYS CG  HG3  sing N N 194 
LYS CD  CE   sing N N 195 
LYS CD  HD2  sing N N 196 
LYS CD  HD3  sing N N 197 
LYS CE  NZ   sing N N 198 
LYS CE  HE2  sing N N 199 
LYS CE  HE3  sing N N 200 
LYS NZ  HZ1  sing N N 201 
LYS NZ  HZ2  sing N N 202 
LYS NZ  HZ3  sing N N 203 
LYS OXT HXT  sing N N 204 
MET N   CA   sing N N 205 
MET N   H    sing N N 206 
MET N   H2   sing N N 207 
MET CA  C    sing N N 208 
MET CA  CB   sing N N 209 
MET CA  HA   sing N N 210 
MET C   O    doub N N 211 
MET C   OXT  sing N N 212 
MET CB  CG   sing N N 213 
MET CB  HB2  sing N N 214 
MET CB  HB3  sing N N 215 
MET CG  SD   sing N N 216 
MET CG  HG2  sing N N 217 
MET CG  HG3  sing N N 218 
MET SD  CE   sing N N 219 
MET CE  HE1  sing N N 220 
MET CE  HE2  sing N N 221 
MET CE  HE3  sing N N 222 
MET OXT HXT  sing N N 223 
PHE N   CA   sing N N 224 
PHE N   H    sing N N 225 
PHE N   H2   sing N N 226 
PHE CA  C    sing N N 227 
PHE CA  CB   sing N N 228 
PHE CA  HA   sing N N 229 
PHE C   O    doub N N 230 
PHE C   OXT  sing N N 231 
PHE CB  CG   sing N N 232 
PHE CB  HB2  sing N N 233 
PHE CB  HB3  sing N N 234 
PHE CG  CD1  doub Y N 235 
PHE CG  CD2  sing Y N 236 
PHE CD1 CE1  sing Y N 237 
PHE CD1 HD1  sing N N 238 
PHE CD2 CE2  doub Y N 239 
PHE CD2 HD2  sing N N 240 
PHE CE1 CZ   doub Y N 241 
PHE CE1 HE1  sing N N 242 
PHE CE2 CZ   sing Y N 243 
PHE CE2 HE2  sing N N 244 
PHE CZ  HZ   sing N N 245 
PHE OXT HXT  sing N N 246 
PRO N   CA   sing N N 247 
PRO N   CD   sing N N 248 
PRO N   H    sing N N 249 
PRO CA  C    sing N N 250 
PRO CA  CB   sing N N 251 
PRO CA  HA   sing N N 252 
PRO C   O    doub N N 253 
PRO C   OXT  sing N N 254 
PRO CB  CG   sing N N 255 
PRO CB  HB2  sing N N 256 
PRO CB  HB3  sing N N 257 
PRO CG  CD   sing N N 258 
PRO CG  HG2  sing N N 259 
PRO CG  HG3  sing N N 260 
PRO CD  HD2  sing N N 261 
PRO CD  HD3  sing N N 262 
PRO OXT HXT  sing N N 263 
SER N   CA   sing N N 264 
SER N   H    sing N N 265 
SER N   H2   sing N N 266 
SER CA  C    sing N N 267 
SER CA  CB   sing N N 268 
SER CA  HA   sing N N 269 
SER C   O    doub N N 270 
SER C   OXT  sing N N 271 
SER CB  OG   sing N N 272 
SER CB  HB2  sing N N 273 
SER CB  HB3  sing N N 274 
SER OG  HG   sing N N 275 
SER OXT HXT  sing N N 276 
SO4 S   O1   doub N N 277 
SO4 S   O2   doub N N 278 
SO4 S   O3   sing N N 279 
SO4 S   O4   sing N N 280 
THR N   CA   sing N N 281 
THR N   H    sing N N 282 
THR N   H2   sing N N 283 
THR CA  C    sing N N 284 
THR CA  CB   sing N N 285 
THR CA  HA   sing N N 286 
THR C   O    doub N N 287 
THR C   OXT  sing N N 288 
THR CB  OG1  sing N N 289 
THR CB  CG2  sing N N 290 
THR CB  HB   sing N N 291 
THR OG1 HG1  sing N N 292 
THR CG2 HG21 sing N N 293 
THR CG2 HG22 sing N N 294 
THR CG2 HG23 sing N N 295 
THR OXT HXT  sing N N 296 
TRP N   CA   sing N N 297 
TRP N   H    sing N N 298 
TRP N   H2   sing N N 299 
TRP CA  C    sing N N 300 
TRP CA  CB   sing N N 301 
TRP CA  HA   sing N N 302 
TRP C   O    doub N N 303 
TRP C   OXT  sing N N 304 
TRP CB  CG   sing N N 305 
TRP CB  HB2  sing N N 306 
TRP CB  HB3  sing N N 307 
TRP CG  CD1  doub Y N 308 
TRP CG  CD2  sing Y N 309 
TRP CD1 NE1  sing Y N 310 
TRP CD1 HD1  sing N N 311 
TRP CD2 CE2  doub Y N 312 
TRP CD2 CE3  sing Y N 313 
TRP NE1 CE2  sing Y N 314 
TRP NE1 HE1  sing N N 315 
TRP CE2 CZ2  sing Y N 316 
TRP CE3 CZ3  doub Y N 317 
TRP CE3 HE3  sing N N 318 
TRP CZ2 CH2  doub Y N 319 
TRP CZ2 HZ2  sing N N 320 
TRP CZ3 CH2  sing Y N 321 
TRP CZ3 HZ3  sing N N 322 
TRP CH2 HH2  sing N N 323 
TRP OXT HXT  sing N N 324 
TYR N   CA   sing N N 325 
TYR N   H    sing N N 326 
TYR N   H2   sing N N 327 
TYR CA  C    sing N N 328 
TYR CA  CB   sing N N 329 
TYR CA  HA   sing N N 330 
TYR C   O    doub N N 331 
TYR C   OXT  sing N N 332 
TYR CB  CG   sing N N 333 
TYR CB  HB2  sing N N 334 
TYR CB  HB3  sing N N 335 
TYR CG  CD1  doub Y N 336 
TYR CG  CD2  sing Y N 337 
TYR CD1 CE1  sing Y N 338 
TYR CD1 HD1  sing N N 339 
TYR CD2 CE2  doub Y N 340 
TYR CD2 HD2  sing N N 341 
TYR CE1 CZ   doub Y N 342 
TYR CE1 HE1  sing N N 343 
TYR CE2 CZ   sing Y N 344 
TYR CE2 HE2  sing N N 345 
TYR CZ  OH   sing N N 346 
TYR OH  HH   sing N N 347 
TYR OXT HXT  sing N N 348 
VAL N   CA   sing N N 349 
VAL N   H    sing N N 350 
VAL N   H2   sing N N 351 
VAL CA  C    sing N N 352 
VAL CA  CB   sing N N 353 
VAL CA  HA   sing N N 354 
VAL C   O    doub N N 355 
VAL C   OXT  sing N N 356 
VAL CB  CG1  sing N N 357 
VAL CB  CG2  sing N N 358 
VAL CB  HB   sing N N 359 
VAL CG1 HG11 sing N N 360 
VAL CG1 HG12 sing N N 361 
VAL CG1 HG13 sing N N 362 
VAL CG2 HG21 sing N N 363 
VAL CG2 HG22 sing N N 364 
VAL CG2 HG23 sing N N 365 
VAL OXT HXT  sing N N 366 
# 
loop_
_pdbx_entity_nonpoly.entity_id 
_pdbx_entity_nonpoly.name 
_pdbx_entity_nonpoly.comp_id 
2 'SULFATE ION' SO4 
3 water         HOH 
# 
_pdbx_initial_refinement_model.id               1 
_pdbx_initial_refinement_model.entity_id_list   ? 
_pdbx_initial_refinement_model.type             'experimental model' 
_pdbx_initial_refinement_model.source_name      PDB 
_pdbx_initial_refinement_model.accession_code   1BJP 
_pdbx_initial_refinement_model.details          'PDB entry 1BJP' 
# 
